data_8TNG
#
_entry.id   8TNG
#
_cell.length_a   1.00
_cell.length_b   1.00
_cell.length_c   1.00
_cell.angle_alpha   90.00
_cell.angle_beta   90.00
_cell.angle_gamma   90.00
#
_symmetry.space_group_name_H-M   'P 1'
#
loop_
_entity.id
_entity.type
_entity.pdbx_description
1 polymer 'HIV-1 BG505 DS-SOSIP gp120'
2 polymer 'Envelope glycoproteiHIV-1 BG505 DS-SOSIP gp41n gp41'
3 polymer 'CD4-binding site targeting nanobody R27'
4 branched 2-acetamido-2-deoxy-beta-D-glucopyranose-(1-4)-2-acetamido-2-deoxy-beta-D-glucopyranose
5 branched beta-D-mannopyranose-(1-4)-2-acetamido-2-deoxy-beta-D-glucopyranose-(1-4)-2-acetamido-2-deoxy-beta-D-glucopyranose
6 branched alpha-D-mannopyranose-(1-3)-beta-D-mannopyranose-(1-4)-2-acetamido-2-deoxy-beta-D-glucopyranose-(1-4)-2-acetamido-2-deoxy-beta-D-glucopyranose
7 non-polymer 2-acetamido-2-deoxy-beta-D-glucopyranose
#
loop_
_entity_poly.entity_id
_entity_poly.type
_entity_poly.pdbx_seq_one_letter_code
_entity_poly.pdbx_strand_id
1 'polypeptide(L)'
;AENLWVTVYYGVPVWKDAETTLFCASDAKAYETEKHNVWATHACVPTDPNPQEIHLENVTEEFNMWKNNMVEQMHTDIIS
LWDQSLKPCVKLTPLCVTLQCTNVTNNITDDMRGELKNCSFNMTTELRDKKQKVYSLFYRLDVVQINENQGNRSNNSNKE
YRLINCNTSACTQACPKVSFEPIPIHYCAPAGFAILKCKDKKFNGTGPCPSVSTVQCTHGIKPVVSTQLLLNGSLAEEEV
MIRSENITNNAKNILVQFNTPVQINCTRPNNNTRKSIRIGPGQAFYATGDIIGDIRQAHCNVSKATWNETLGKVVKQLRK
HFGNNTIIRFANSSGGDLEVTTHSFNCGGEFFYCNTSGLFNSTWISNTSVQGSNSTGSNDSITLPCRIKQIINMWQRIGQ
CMYAPPIQGVIRCVSNITGLILTRDGGSTNSTTETFRPGGGDMRDNWRSELYKYKVVKIEPLGVAPTRCKRRVVGRRRRR
R
;
A,C,E
2 'polypeptide(L)'
;AVGIGAVFLGFLGAAGSTMGAASMTLTVQARNLLSGIVQQQSNLLRAPEAQQHLLKLTVWGIKQLQARVLAVERYLRDQQ
LLGIWGCSGKLICCTNVPWNSSWSNRNLSEIWDNMTWLQWDKEISNYTQIIYGLLEESQNQQEKNEQDLLALD
;
B,D,F
3 'polypeptide(L)'
;QVQLQESGGGLVQPGGSLRLSCVASGFDLENYSIGWFRQAPGKAREGVACLSKNSGIGHSVKGRFTISRDGDSNTWFLQM
GALEAEDTAVYTCATYNRACANYVTIWPEFRGQGTQVTVSS
;
H,I,J
#
loop_
_chem_comp.id
_chem_comp.type
_chem_comp.name
_chem_comp.formula
BMA D-saccharide, beta linking beta-D-mannopyranose 'C6 H12 O6'
MAN D-saccharide, alpha linking alpha-D-mannopyranose 'C6 H12 O6'
NAG D-saccharide, beta linking 2-acetamido-2-deoxy-beta-D-glucopyranose 'C8 H15 N O6'
#
# COMPACT_ATOMS: atom_id res chain seq x y z
N ALA A 1 -45.44 -12.24 39.33
CA ALA A 1 -46.62 -12.16 38.49
C ALA A 1 -47.07 -10.72 38.33
N GLU A 2 -47.56 -10.12 39.41
CA GLU A 2 -47.99 -8.73 39.38
C GLU A 2 -46.82 -7.78 39.17
N ASN A 3 -45.59 -8.24 39.39
CA ASN A 3 -44.40 -7.42 39.17
C ASN A 3 -43.73 -7.84 37.87
N LEU A 4 -43.57 -6.88 36.96
CA LEU A 4 -42.90 -7.11 35.68
C LEU A 4 -41.62 -6.30 35.67
N TRP A 5 -40.49 -6.98 35.43
CA TRP A 5 -39.19 -6.35 35.51
C TRP A 5 -38.38 -6.68 34.26
N VAL A 6 -37.63 -5.69 33.77
CA VAL A 6 -36.86 -5.90 32.55
C VAL A 6 -35.77 -6.93 32.81
N THR A 7 -35.26 -7.50 31.72
CA THR A 7 -34.19 -8.48 31.78
C THR A 7 -33.40 -8.40 30.49
N VAL A 8 -32.08 -8.43 30.63
CA VAL A 8 -31.17 -8.31 29.49
C VAL A 8 -30.76 -9.73 29.09
N TYR A 9 -31.00 -10.07 27.83
CA TYR A 9 -30.62 -11.36 27.27
C TYR A 9 -29.53 -11.14 26.24
N TYR A 10 -28.50 -11.97 26.30
CA TYR A 10 -27.37 -11.88 25.37
C TYR A 10 -27.40 -13.05 24.40
N GLY A 11 -27.16 -12.75 23.13
CA GLY A 11 -27.11 -13.77 22.10
C GLY A 11 -28.45 -14.38 21.76
N VAL A 12 -29.43 -13.54 21.41
CA VAL A 12 -30.72 -14.03 20.93
C VAL A 12 -30.71 -13.98 19.41
N PRO A 13 -31.47 -14.85 18.73
CA PRO A 13 -31.47 -14.89 17.25
C PRO A 13 -32.26 -13.74 16.62
N VAL A 14 -31.60 -12.60 16.48
CA VAL A 14 -32.20 -11.41 15.87
C VAL A 14 -31.20 -10.82 14.89
N TRP A 15 -31.67 -10.51 13.68
CA TRP A 15 -30.80 -10.00 12.63
C TRP A 15 -31.43 -8.78 11.97
N LYS A 16 -30.57 -8.02 11.28
CA LYS A 16 -30.97 -6.89 10.46
C LYS A 16 -30.26 -6.98 9.12
N ASP A 17 -30.68 -6.14 8.19
CA ASP A 17 -30.08 -6.11 6.86
C ASP A 17 -29.01 -5.04 6.79
N ALA A 18 -27.82 -5.41 6.34
CA ALA A 18 -26.70 -4.49 6.25
C ALA A 18 -25.74 -4.98 5.17
N GLU A 19 -24.62 -4.28 5.03
CA GLU A 19 -23.63 -4.58 4.02
C GLU A 19 -22.24 -4.63 4.65
N THR A 20 -21.37 -5.44 4.06
CA THR A 20 -20.01 -5.62 4.55
C THR A 20 -19.14 -6.12 3.41
N THR A 21 -17.93 -6.55 3.73
CA THR A 21 -16.96 -7.04 2.75
C THR A 21 -16.74 -8.53 2.97
N LEU A 22 -16.95 -9.31 1.91
CA LEU A 22 -16.74 -10.74 1.93
C LEU A 22 -15.40 -11.09 1.29
N PHE A 23 -14.92 -12.31 1.52
CA PHE A 23 -13.60 -12.69 1.06
C PHE A 23 -13.63 -14.05 0.36
N CYS A 24 -12.44 -14.45 -0.11
CA CYS A 24 -12.27 -15.63 -0.96
C CYS A 24 -12.48 -16.93 -0.18
N ALA A 25 -12.89 -17.96 -0.94
CA ALA A 25 -12.75 -19.34 -0.52
C ALA A 25 -12.77 -20.18 -1.79
N SER A 26 -11.60 -20.63 -2.23
CA SER A 26 -11.46 -21.39 -3.46
C SER A 26 -10.91 -22.77 -3.15
N ASP A 27 -11.35 -23.76 -3.93
CA ASP A 27 -10.86 -25.12 -3.76
C ASP A 27 -9.37 -25.16 -4.04
N ALA A 28 -8.63 -25.86 -3.17
CA ALA A 28 -7.17 -25.90 -3.30
C ALA A 28 -6.76 -26.58 -4.60
N LYS A 29 -7.27 -27.78 -4.85
CA LYS A 29 -6.89 -28.60 -6.00
C LYS A 29 -5.37 -28.69 -6.12
N ALA A 30 -4.72 -28.97 -4.98
CA ALA A 30 -3.27 -28.97 -4.85
C ALA A 30 -2.69 -27.59 -5.15
N TYR A 31 -2.90 -27.09 -6.37
CA TYR A 31 -2.54 -25.76 -6.85
C TYR A 31 -1.04 -25.56 -6.98
N GLU A 32 -0.21 -26.53 -6.59
CA GLU A 32 1.22 -26.39 -6.82
C GLU A 32 1.55 -26.45 -8.30
N THR A 33 0.95 -27.40 -9.03
CA THR A 33 1.15 -27.53 -10.47
C THR A 33 0.13 -26.67 -11.21
N GLU A 34 0.31 -25.36 -11.07
CA GLU A 34 -0.58 -24.38 -11.67
C GLU A 34 0.21 -23.47 -12.61
N LYS A 35 -0.46 -23.04 -13.68
CA LYS A 35 0.11 -22.11 -14.64
C LYS A 35 -0.33 -20.68 -14.41
N HIS A 36 -0.60 -20.32 -13.14
CA HIS A 36 -1.10 -19.01 -12.73
C HIS A 36 -2.48 -18.73 -13.33
N ASN A 37 -3.17 -17.74 -12.75
CA ASN A 37 -4.48 -17.35 -13.25
C ASN A 37 -4.67 -15.86 -13.00
N VAL A 38 -5.33 -15.18 -13.94
CA VAL A 38 -5.59 -13.76 -13.77
C VAL A 38 -6.49 -13.52 -12.57
N TRP A 39 -7.44 -14.42 -12.34
CA TRP A 39 -8.23 -14.42 -11.11
C TRP A 39 -7.46 -15.21 -10.05
N ALA A 40 -6.37 -14.58 -9.58
CA ALA A 40 -5.42 -15.23 -8.69
C ALA A 40 -6.06 -15.70 -7.40
N THR A 41 -6.10 -17.02 -7.19
CA THR A 41 -6.64 -17.60 -5.98
C THR A 41 -5.55 -17.98 -4.98
N HIS A 42 -4.28 -17.69 -5.27
CA HIS A 42 -3.23 -17.95 -4.30
C HIS A 42 -3.36 -17.05 -3.08
N ALA A 43 -3.83 -15.81 -3.28
CA ALA A 43 -4.09 -14.94 -2.15
C ALA A 43 -5.32 -15.40 -1.36
N CYS A 44 -6.26 -16.06 -2.02
CA CYS A 44 -7.45 -16.55 -1.34
C CYS A 44 -7.10 -17.70 -0.40
N VAL A 45 -7.87 -17.80 0.68
CA VAL A 45 -7.63 -18.78 1.74
C VAL A 45 -8.22 -20.14 1.34
N PRO A 46 -7.72 -21.24 1.89
CA PRO A 46 -8.36 -22.54 1.63
C PRO A 46 -9.78 -22.57 2.16
N THR A 47 -10.62 -23.33 1.48
CA THR A 47 -12.04 -23.39 1.79
C THR A 47 -12.36 -24.53 2.76
N ASP A 48 -13.59 -24.53 3.24
CA ASP A 48 -14.06 -25.61 4.10
C ASP A 48 -14.15 -26.91 3.30
N PRO A 49 -13.57 -28.00 3.79
CA PRO A 49 -13.69 -29.28 3.05
C PRO A 49 -15.13 -29.72 2.83
N ASN A 50 -16.03 -29.39 3.75
CA ASN A 50 -17.44 -29.74 3.60
C ASN A 50 -18.28 -28.61 4.19
N PRO A 51 -18.84 -27.73 3.36
CA PRO A 51 -19.73 -26.69 3.88
C PRO A 51 -20.94 -27.30 4.55
N GLN A 52 -21.39 -26.65 5.63
CA GLN A 52 -22.54 -27.10 6.41
C GLN A 52 -23.63 -26.05 6.36
N GLU A 53 -24.84 -26.48 6.03
CA GLU A 53 -26.00 -25.60 5.98
C GLU A 53 -27.02 -26.03 7.01
N ILE A 54 -27.58 -25.05 7.72
CA ILE A 54 -28.54 -25.29 8.80
C ILE A 54 -29.91 -24.87 8.30
N HIS A 55 -30.85 -25.82 8.28
CA HIS A 55 -32.18 -25.58 7.75
C HIS A 55 -33.02 -24.85 8.80
N LEU A 56 -33.45 -23.63 8.49
CA LEU A 56 -34.35 -22.90 9.35
C LEU A 56 -35.79 -23.32 9.08
N GLU A 57 -36.70 -22.79 9.90
CA GLU A 57 -38.12 -23.03 9.72
C GLU A 57 -38.88 -21.94 10.46
N ASN A 58 -40.19 -21.87 10.20
CA ASN A 58 -41.10 -20.89 10.78
C ASN A 58 -40.78 -19.46 10.37
N VAL A 59 -39.78 -19.25 9.51
CA VAL A 59 -39.26 -17.92 9.20
C VAL A 59 -39.50 -17.61 7.74
N THR A 60 -40.08 -16.44 7.47
CA THR A 60 -40.27 -15.94 6.12
C THR A 60 -39.56 -14.59 6.01
N GLU A 61 -38.53 -14.54 5.18
CA GLU A 61 -37.72 -13.35 5.00
C GLU A 61 -37.83 -12.87 3.56
N GLU A 62 -38.10 -11.58 3.39
CA GLU A 62 -38.23 -11.01 2.05
C GLU A 62 -36.87 -10.85 1.40
N PHE A 63 -36.81 -11.07 0.09
CA PHE A 63 -35.60 -10.96 -0.69
C PHE A 63 -35.72 -9.84 -1.71
N ASN A 64 -34.64 -9.61 -2.44
CA ASN A 64 -34.62 -8.65 -3.54
C ASN A 64 -33.42 -8.95 -4.41
N MET A 65 -33.63 -9.01 -5.73
CA MET A 65 -32.58 -9.33 -6.66
C MET A 65 -31.91 -8.10 -7.29
N TRP A 66 -32.66 -7.02 -7.50
CA TRP A 66 -32.16 -5.86 -8.22
C TRP A 66 -31.60 -4.79 -7.30
N LYS A 67 -31.68 -4.96 -5.99
CA LYS A 67 -31.13 -4.01 -5.03
C LYS A 67 -30.15 -4.72 -4.10
N ASN A 68 -29.36 -5.64 -4.65
CA ASN A 68 -28.42 -6.43 -3.87
C ASN A 68 -27.03 -5.81 -3.96
N ASN A 69 -26.37 -5.71 -2.81
CA ASN A 69 -25.02 -5.16 -2.76
C ASN A 69 -23.94 -6.17 -3.10
N MET A 70 -24.27 -7.47 -3.11
CA MET A 70 -23.27 -8.48 -3.45
C MET A 70 -22.80 -8.32 -4.90
N VAL A 71 -23.72 -7.99 -5.81
CA VAL A 71 -23.36 -7.82 -7.21
C VAL A 71 -22.39 -6.67 -7.36
N GLU A 72 -22.70 -5.51 -6.78
CA GLU A 72 -21.81 -4.36 -6.87
C GLU A 72 -20.51 -4.58 -6.11
N GLN A 73 -20.49 -5.50 -5.15
CA GLN A 73 -19.24 -5.83 -4.48
C GLN A 73 -18.37 -6.75 -5.33
N MET A 74 -18.99 -7.62 -6.13
CA MET A 74 -18.22 -8.50 -7.01
C MET A 74 -17.61 -7.75 -8.19
N HIS A 75 -18.33 -6.79 -8.76
CA HIS A 75 -17.88 -6.15 -9.99
C HIS A 75 -16.64 -5.28 -9.78
N THR A 76 -16.32 -4.92 -8.54
CA THR A 76 -15.10 -4.17 -8.25
C THR A 76 -13.98 -5.06 -7.75
N ASP A 77 -14.15 -6.38 -7.81
CA ASP A 77 -13.09 -7.33 -7.52
C ASP A 77 -12.55 -8.02 -8.77
N ILE A 78 -13.41 -8.33 -9.73
CA ILE A 78 -12.92 -8.85 -11.01
C ILE A 78 -12.10 -7.79 -11.73
N ILE A 79 -12.56 -6.54 -11.73
CA ILE A 79 -11.81 -5.46 -12.33
C ILE A 79 -10.48 -5.26 -11.62
N SER A 80 -10.51 -5.27 -10.29
CA SER A 80 -9.28 -5.06 -9.53
C SER A 80 -8.31 -6.23 -9.68
N LEU A 81 -8.82 -7.45 -9.82
CA LEU A 81 -7.97 -8.60 -10.10
C LEU A 81 -7.48 -8.60 -11.54
N TRP A 82 -8.15 -7.87 -12.43
CA TRP A 82 -7.71 -7.80 -13.82
C TRP A 82 -6.62 -6.75 -13.99
N ASP A 83 -6.77 -5.59 -13.36
CA ASP A 83 -5.76 -4.55 -13.47
C ASP A 83 -4.47 -4.95 -12.76
N GLN A 84 -4.57 -5.78 -11.73
CA GLN A 84 -3.37 -6.18 -10.98
C GLN A 84 -2.55 -7.21 -11.75
N SER A 85 -3.19 -8.04 -12.57
CA SER A 85 -2.51 -9.12 -13.28
C SER A 85 -2.00 -8.72 -14.65
N LEU A 86 -2.19 -7.46 -15.05
CA LEU A 86 -1.66 -6.96 -16.32
C LEU A 86 -0.54 -5.95 -16.13
N LYS A 87 -0.15 -5.67 -14.90
CA LYS A 87 0.87 -4.68 -14.62
C LYS A 87 2.28 -5.20 -14.90
N PRO A 88 2.70 -6.37 -14.34
CA PRO A 88 4.11 -6.77 -14.49
C PRO A 88 4.37 -7.63 -15.73
N CYS A 89 4.15 -7.05 -16.91
CA CYS A 89 4.67 -7.61 -18.15
C CYS A 89 4.72 -6.50 -19.20
N VAL A 90 5.09 -6.87 -20.43
CA VAL A 90 5.49 -5.91 -21.44
C VAL A 90 4.42 -4.84 -21.67
N LYS A 91 4.88 -3.63 -21.96
CA LYS A 91 4.08 -2.41 -22.07
C LYS A 91 4.36 -1.77 -23.43
N LEU A 92 4.21 -2.55 -24.49
CA LEU A 92 4.67 -2.13 -25.81
C LEU A 92 3.95 -0.88 -26.30
N THR A 93 4.63 0.25 -26.23
CA THR A 93 4.25 1.46 -26.97
C THR A 93 4.79 1.48 -28.40
N PRO A 94 6.05 1.03 -28.67
CA PRO A 94 6.54 1.27 -30.05
C PRO A 94 6.07 0.20 -31.03
N LEU A 95 4.76 0.20 -31.29
CA LEU A 95 4.17 -0.69 -32.28
C LEU A 95 3.32 0.03 -33.30
N CYS A 96 3.23 1.36 -33.23
CA CYS A 96 2.36 2.13 -34.10
C CYS A 96 3.15 3.02 -35.05
N VAL A 97 4.22 2.48 -35.62
CA VAL A 97 4.86 3.11 -36.78
C VAL A 97 3.88 2.98 -37.93
N THR A 98 4.10 3.72 -39.00
CA THR A 98 3.19 3.67 -40.14
C THR A 98 3.32 2.31 -40.80
N LEU A 99 2.40 1.40 -40.47
CA LEU A 99 2.40 0.08 -41.07
C LEU A 99 2.19 0.19 -42.57
N GLN A 100 2.95 -0.61 -43.32
CA GLN A 100 2.83 -0.67 -44.78
C GLN A 100 2.27 -2.05 -45.11
N CYS A 101 0.95 -2.15 -45.10
CA CYS A 101 0.26 -3.43 -45.21
C CYS A 101 -0.24 -3.66 -46.63
N THR A 102 -0.44 -4.94 -46.96
CA THR A 102 -1.00 -5.34 -48.24
C THR A 102 -1.97 -6.51 -47.98
N ASN A 103 -2.38 -7.17 -49.06
CA ASN A 103 -3.41 -8.19 -48.97
C ASN A 103 -2.77 -9.57 -48.85
N VAL A 104 -3.60 -10.57 -48.61
CA VAL A 104 -3.15 -11.97 -48.53
C VAL A 104 -3.98 -12.79 -49.51
N THR A 105 -3.31 -13.61 -50.32
CA THR A 105 -3.97 -14.43 -51.33
C THR A 105 -3.36 -15.83 -51.35
N ASN A 106 -3.14 -16.41 -50.18
CA ASN A 106 -2.53 -17.74 -50.08
C ASN A 106 -3.63 -18.77 -49.83
N ASN A 107 -4.25 -19.21 -50.92
CA ASN A 107 -5.28 -20.25 -50.90
C ASN A 107 -6.41 -19.91 -49.93
N ILE A 108 -7.09 -18.81 -50.23
CA ILE A 108 -8.17 -18.32 -49.39
C ILE A 108 -9.51 -18.77 -49.98
N THR A 109 -10.54 -18.65 -49.15
CA THR A 109 -11.92 -18.93 -49.55
C THR A 109 -12.67 -17.60 -49.62
N ASP A 110 -13.62 -17.52 -50.57
CA ASP A 110 -14.30 -16.25 -50.83
C ASP A 110 -15.02 -15.70 -49.62
N ASP A 111 -15.33 -16.55 -48.63
CA ASP A 111 -15.94 -16.07 -47.41
C ASP A 111 -14.98 -15.21 -46.61
N MET A 112 -13.68 -15.52 -46.65
CA MET A 112 -12.65 -14.76 -45.94
C MET A 112 -11.83 -13.90 -46.91
N ARG A 113 -12.47 -13.34 -47.92
CA ARG A 113 -11.81 -12.37 -48.76
C ARG A 113 -11.49 -11.10 -47.97
N GLY A 114 -10.32 -10.55 -48.19
CA GLY A 114 -9.84 -9.45 -47.38
C GLY A 114 -9.42 -9.94 -46.01
N GLU A 115 -10.03 -9.37 -44.96
CA GLU A 115 -9.78 -9.80 -43.59
C GLU A 115 -8.31 -9.73 -43.21
N LEU A 116 -7.61 -10.85 -43.34
CA LEU A 116 -6.20 -10.90 -42.98
C LEU A 116 -5.38 -9.98 -43.88
N LYS A 117 -4.35 -9.37 -43.30
CA LYS A 117 -3.50 -8.44 -44.01
C LYS A 117 -2.04 -8.74 -43.70
N ASN A 118 -1.20 -8.61 -44.73
CA ASN A 118 0.26 -8.64 -44.62
C ASN A 118 0.79 -7.26 -44.28
N CYS A 119 1.04 -7.02 -42.98
CA CYS A 119 1.65 -5.77 -42.55
C CYS A 119 3.15 -5.93 -42.39
N SER A 120 3.88 -4.86 -42.67
CA SER A 120 5.34 -4.88 -42.57
C SER A 120 5.81 -3.51 -42.11
N PHE A 121 6.73 -3.48 -41.15
CA PHE A 121 7.10 -2.23 -40.50
C PHE A 121 8.50 -2.33 -39.91
N ASN A 122 8.90 -1.26 -39.22
CA ASN A 122 10.23 -1.11 -38.66
C ASN A 122 10.16 -1.12 -37.14
N MET A 123 11.08 -1.83 -36.50
CA MET A 123 11.17 -1.90 -35.06
C MET A 123 12.57 -1.53 -34.59
N THR A 124 12.65 -1.05 -33.35
CA THR A 124 13.93 -0.80 -32.70
C THR A 124 14.40 -2.08 -32.01
N THR A 125 15.62 -2.51 -32.35
CA THR A 125 16.17 -3.74 -31.78
C THR A 125 16.58 -3.49 -30.33
N GLU A 126 17.23 -4.48 -29.71
CA GLU A 126 17.60 -4.34 -28.31
C GLU A 126 18.58 -3.19 -28.11
N LEU A 127 19.54 -3.03 -29.02
CA LEU A 127 20.38 -1.86 -29.00
C LEU A 127 19.58 -0.63 -29.38
N ARG A 128 19.92 0.50 -28.77
CA ARG A 128 19.20 1.75 -29.01
C ARG A 128 19.64 2.45 -30.28
N ASP A 129 20.32 1.76 -31.18
CA ASP A 129 20.93 2.37 -32.35
C ASP A 129 20.36 1.87 -33.67
N LYS A 130 20.17 0.57 -33.83
CA LYS A 130 19.80 -0.02 -35.10
C LYS A 130 18.29 -0.24 -35.20
N LYS A 131 17.83 -0.52 -36.42
CA LYS A 131 16.43 -0.81 -36.70
C LYS A 131 16.34 -2.07 -37.55
N GLN A 132 15.24 -2.80 -37.39
CA GLN A 132 15.02 -4.03 -38.12
C GLN A 132 13.67 -3.95 -38.84
N LYS A 133 13.56 -4.72 -39.93
CA LYS A 133 12.35 -4.76 -40.75
C LYS A 133 11.63 -6.07 -40.47
N VAL A 134 10.45 -5.98 -39.86
CA VAL A 134 9.68 -7.17 -39.50
C VAL A 134 8.34 -7.13 -40.22
N TYR A 135 7.66 -8.27 -40.21
CA TYR A 135 6.35 -8.40 -40.85
C TYR A 135 5.45 -9.28 -39.99
N SER A 136 4.15 -9.12 -40.18
CA SER A 136 3.15 -9.82 -39.37
C SER A 136 1.85 -9.89 -40.16
N LEU A 137 0.91 -10.66 -39.60
CA LEU A 137 -0.42 -10.81 -40.16
C LEU A 137 -1.41 -10.16 -39.20
N PHE A 138 -2.15 -9.18 -39.69
CA PHE A 138 -3.08 -8.42 -38.85
C PHE A 138 -4.49 -8.51 -39.42
N TYR A 139 -5.45 -8.78 -38.54
CA TYR A 139 -6.84 -8.87 -38.96
C TYR A 139 -7.36 -7.49 -39.34
N ARG A 140 -8.42 -7.48 -40.16
CA ARG A 140 -8.98 -6.22 -40.64
C ARG A 140 -9.65 -5.41 -39.53
N LEU A 141 -9.89 -6.01 -38.38
CA LEU A 141 -10.53 -5.31 -37.26
C LEU A 141 -9.53 -4.59 -36.36
N ASP A 142 -8.23 -4.72 -36.63
CA ASP A 142 -7.21 -4.11 -35.80
C ASP A 142 -6.37 -3.07 -36.52
N VAL A 143 -6.66 -2.77 -37.79
CA VAL A 143 -5.94 -1.76 -38.54
C VAL A 143 -6.94 -0.84 -39.22
N VAL A 144 -6.62 0.45 -39.28
CA VAL A 144 -7.45 1.42 -39.97
C VAL A 144 -6.61 2.16 -41.00
N GLN A 145 -7.26 2.57 -42.08
CA GLN A 145 -6.58 3.30 -43.14
C GLN A 145 -6.27 4.72 -42.69
N ILE A 146 -5.12 5.23 -43.12
CA ILE A 146 -4.71 6.60 -42.85
C ILE A 146 -4.22 7.23 -44.14
N ASN A 147 -4.28 8.56 -44.18
CA ASN A 147 -3.85 9.34 -45.35
C ASN A 147 -4.59 8.88 -46.61
N GLU A 148 -5.92 9.01 -46.57
CA GLU A 148 -6.76 8.60 -47.69
C GLU A 148 -6.69 9.62 -48.82
N ASN A 158 -0.16 -0.40 -51.75
CA ASN A 158 0.41 -0.56 -50.42
C ASN A 158 0.20 0.70 -49.59
N LYS A 159 -1.05 1.09 -49.41
CA LYS A 159 -1.37 2.28 -48.63
C LYS A 159 -1.03 2.06 -47.15
N GLU A 160 -0.55 3.13 -46.52
CA GLU A 160 -0.13 3.04 -45.13
C GLU A 160 -1.35 2.91 -44.21
N TYR A 161 -1.25 2.00 -43.24
CA TYR A 161 -2.29 1.77 -42.25
C TYR A 161 -1.80 2.24 -40.88
N ARG A 162 -2.64 2.00 -39.87
CA ARG A 162 -2.25 2.33 -38.51
C ARG A 162 -3.08 1.50 -37.54
N LEU A 163 -2.44 1.04 -36.46
CA LEU A 163 -3.16 0.34 -35.41
C LEU A 163 -4.25 1.25 -34.86
N ILE A 164 -5.46 0.69 -34.70
CA ILE A 164 -6.61 1.49 -34.31
C ILE A 164 -6.45 2.17 -32.96
N ASN A 165 -5.35 1.92 -32.26
CA ASN A 165 -5.27 2.31 -30.86
C ASN A 165 -4.23 3.38 -30.56
N CYS A 166 -3.17 3.51 -31.35
CA CYS A 166 -2.26 4.63 -31.11
C CYS A 166 -2.89 5.91 -31.63
N ASN A 167 -4.11 6.16 -31.18
CA ASN A 167 -4.85 7.40 -31.37
C ASN A 167 -5.54 7.90 -30.11
N THR A 168 -5.86 7.01 -29.16
CA THR A 168 -6.47 7.39 -27.88
C THR A 168 -5.76 6.81 -26.67
N SER A 169 -5.08 5.68 -26.77
CA SER A 169 -4.47 5.02 -25.62
C SER A 169 -3.35 4.11 -26.09
N ALA A 170 -2.61 3.56 -25.14
CA ALA A 170 -1.61 2.53 -25.41
C ALA A 170 -1.90 1.32 -24.54
N CYS A 171 -1.64 0.11 -25.05
CA CYS A 171 -1.95 -1.11 -24.31
C CYS A 171 -0.77 -2.06 -24.11
N THR A 172 -0.84 -2.81 -22.99
CA THR A 172 0.21 -3.69 -22.52
C THR A 172 -0.14 -5.10 -22.95
N GLN A 173 0.74 -5.73 -23.74
CA GLN A 173 0.53 -7.10 -24.17
C GLN A 173 0.33 -8.00 -22.96
N ALA A 174 -0.67 -8.87 -23.05
CA ALA A 174 -1.03 -9.71 -21.92
C ALA A 174 0.15 -10.59 -21.53
N CYS A 175 0.28 -10.81 -20.23
CA CYS A 175 1.36 -11.66 -19.73
C CYS A 175 1.21 -13.04 -20.35
N PRO A 176 2.23 -13.55 -21.05
CA PRO A 176 2.04 -14.77 -21.85
C PRO A 176 2.01 -16.05 -21.02
N LYS A 177 2.48 -16.02 -19.78
CA LYS A 177 2.44 -17.23 -18.96
C LYS A 177 1.04 -17.53 -18.46
N VAL A 178 0.30 -16.49 -18.06
CA VAL A 178 -1.00 -16.66 -17.42
C VAL A 178 -2.03 -17.15 -18.42
N SER A 179 -3.17 -17.63 -17.92
CA SER A 179 -4.25 -18.13 -18.75
C SER A 179 -5.57 -17.56 -18.25
N PHE A 180 -6.55 -17.49 -19.16
CA PHE A 180 -7.86 -16.91 -18.87
C PHE A 180 -8.88 -17.97 -18.46
N GLU A 181 -8.43 -19.07 -17.90
CA GLU A 181 -9.35 -20.15 -17.52
C GLU A 181 -10.11 -19.78 -16.26
N PRO A 182 -11.44 -19.72 -16.30
CA PRO A 182 -12.21 -19.47 -15.08
C PRO A 182 -12.10 -20.64 -14.11
N ILE A 183 -12.12 -20.32 -12.82
CA ILE A 183 -12.12 -21.34 -11.77
C ILE A 183 -13.21 -21.00 -10.77
N PRO A 184 -13.86 -21.98 -10.16
CA PRO A 184 -14.91 -21.67 -9.18
C PRO A 184 -14.35 -20.87 -8.01
N ILE A 185 -15.16 -19.93 -7.52
CA ILE A 185 -14.80 -19.08 -6.40
C ILE A 185 -15.98 -19.02 -5.44
N HIS A 186 -15.69 -19.00 -4.15
CA HIS A 186 -16.71 -18.90 -3.11
C HIS A 186 -16.53 -17.59 -2.35
N TYR A 187 -17.64 -16.94 -2.02
CA TYR A 187 -17.62 -15.68 -1.29
C TYR A 187 -18.14 -15.91 0.12
N CYS A 188 -17.26 -15.78 1.10
CA CYS A 188 -17.62 -16.05 2.49
C CYS A 188 -17.59 -14.77 3.32
N ALA A 189 -18.61 -14.61 4.17
CA ALA A 189 -18.81 -13.46 5.03
C ALA A 189 -17.95 -13.57 6.29
N PRO A 190 -17.56 -12.44 6.87
CA PRO A 190 -16.72 -12.47 8.08
C PRO A 190 -17.54 -12.84 9.30
N ALA A 191 -16.87 -12.94 10.43
CA ALA A 191 -17.54 -13.25 11.69
C ALA A 191 -18.45 -12.11 12.09
N GLY A 192 -19.64 -12.45 12.59
CA GLY A 192 -20.64 -11.48 12.95
C GLY A 192 -21.71 -11.27 11.90
N PHE A 193 -21.62 -11.95 10.75
CA PHE A 193 -22.61 -11.87 9.69
C PHE A 193 -23.01 -13.27 9.27
N ALA A 194 -24.16 -13.36 8.60
CA ALA A 194 -24.68 -14.64 8.14
C ALA A 194 -25.16 -14.51 6.71
N ILE A 195 -25.13 -15.63 5.99
CA ILE A 195 -25.52 -15.68 4.58
C ILE A 195 -26.82 -16.47 4.49
N LEU A 196 -27.93 -15.75 4.31
CA LEU A 196 -29.22 -16.37 4.13
C LEU A 196 -29.42 -16.76 2.66
N LYS A 197 -29.94 -17.97 2.45
CA LYS A 197 -30.12 -18.53 1.11
C LYS A 197 -31.55 -19.05 0.98
N CYS A 198 -32.23 -18.65 -0.08
CA CYS A 198 -33.59 -19.07 -0.35
C CYS A 198 -33.59 -20.34 -1.18
N LYS A 199 -34.31 -21.37 -0.72
CA LYS A 199 -34.30 -22.68 -1.35
C LYS A 199 -35.60 -23.01 -2.06
N ASP A 200 -36.53 -22.06 -2.18
CA ASP A 200 -37.76 -22.32 -2.92
C ASP A 200 -37.47 -22.46 -4.41
N LYS A 201 -38.17 -23.36 -5.06
CA LYS A 201 -37.98 -23.62 -6.48
C LYS A 201 -38.78 -22.69 -7.38
N LYS A 202 -39.72 -21.92 -6.82
CA LYS A 202 -40.56 -21.02 -7.60
C LYS A 202 -40.29 -19.56 -7.25
N PHE A 203 -39.01 -19.23 -7.04
CA PHE A 203 -38.63 -17.86 -6.74
C PHE A 203 -38.73 -17.00 -7.98
N ASN A 204 -39.18 -15.74 -7.81
CA ASN A 204 -39.46 -14.88 -8.94
C ASN A 204 -38.85 -13.49 -8.80
N GLY A 205 -37.91 -13.28 -7.89
CA GLY A 205 -37.29 -11.97 -7.75
C GLY A 205 -37.61 -11.27 -6.45
N THR A 206 -38.43 -10.22 -6.51
CA THR A 206 -38.78 -9.45 -5.31
C THR A 206 -39.98 -10.10 -4.62
N GLY A 207 -39.71 -11.25 -3.99
CA GLY A 207 -40.72 -11.99 -3.28
C GLY A 207 -40.15 -12.77 -2.11
N PRO A 208 -40.89 -12.84 -1.01
CA PRO A 208 -40.39 -13.54 0.18
C PRO A 208 -40.24 -15.03 -0.04
N CYS A 209 -39.21 -15.59 0.59
CA CYS A 209 -38.97 -17.03 0.60
C CYS A 209 -39.34 -17.62 1.94
N PRO A 210 -40.45 -18.34 2.08
CA PRO A 210 -40.74 -19.00 3.35
C PRO A 210 -40.06 -20.35 3.47
N SER A 211 -38.79 -20.43 3.07
CA SER A 211 -37.99 -21.62 3.27
C SER A 211 -36.52 -21.29 3.52
N VAL A 212 -36.23 -20.04 3.88
CA VAL A 212 -34.84 -19.56 3.88
C VAL A 212 -34.02 -20.33 4.90
N SER A 213 -32.83 -20.75 4.47
CA SER A 213 -31.85 -21.38 5.34
C SER A 213 -30.63 -20.47 5.47
N THR A 214 -29.66 -20.90 6.28
CA THR A 214 -28.40 -20.19 6.42
C THR A 214 -27.28 -21.10 5.93
N VAL A 215 -26.28 -20.53 5.28
CA VAL A 215 -25.20 -21.30 4.71
C VAL A 215 -23.88 -20.66 5.11
N GLN A 216 -22.84 -21.49 5.26
CA GLN A 216 -21.51 -20.97 5.58
C GLN A 216 -21.09 -19.91 4.56
N CYS A 217 -21.16 -20.25 3.28
CA CYS A 217 -20.99 -19.28 2.20
C CYS A 217 -21.35 -19.91 0.87
N THR A 218 -21.23 -19.10 -0.19
CA THR A 218 -21.78 -19.41 -1.50
C THR A 218 -21.17 -20.68 -2.08
N HIS A 219 -21.87 -21.23 -3.06
CA HIS A 219 -21.33 -22.31 -3.88
C HIS A 219 -20.38 -21.73 -4.93
N GLY A 220 -19.58 -22.61 -5.53
CA GLY A 220 -18.64 -22.19 -6.54
C GLY A 220 -19.31 -21.54 -7.74
N ILE A 221 -18.92 -20.31 -8.05
CA ILE A 221 -19.52 -19.55 -9.15
C ILE A 221 -18.40 -19.09 -10.08
N LYS A 222 -18.50 -19.46 -11.34
CA LYS A 222 -17.45 -19.15 -12.31
C LYS A 222 -17.58 -17.71 -12.81
N PRO A 223 -16.52 -16.91 -12.76
CA PRO A 223 -16.58 -15.54 -13.29
C PRO A 223 -16.42 -15.50 -14.81
N VAL A 224 -17.36 -16.16 -15.50
CA VAL A 224 -17.33 -16.16 -16.96
C VAL A 224 -17.77 -14.80 -17.50
N VAL A 225 -17.37 -14.51 -18.73
CA VAL A 225 -17.72 -13.27 -19.41
C VAL A 225 -18.31 -13.61 -20.77
N SER A 226 -19.51 -13.10 -21.04
CA SER A 226 -20.17 -13.32 -22.32
C SER A 226 -21.15 -12.17 -22.55
N THR A 227 -21.96 -12.28 -23.60
CA THR A 227 -22.94 -11.26 -23.91
C THR A 227 -24.08 -11.90 -24.69
N GLN A 228 -25.32 -11.56 -24.31
CA GLN A 228 -26.56 -11.93 -24.98
C GLN A 228 -26.75 -13.44 -25.07
N LEU A 229 -25.83 -14.21 -24.50
CA LEU A 229 -25.99 -15.66 -24.38
C LEU A 229 -25.09 -16.12 -23.23
N LEU A 230 -25.70 -16.38 -22.08
CA LEU A 230 -24.93 -16.82 -20.93
C LEU A 230 -24.36 -18.21 -21.16
N LEU A 231 -23.15 -18.44 -20.66
CA LEU A 231 -22.43 -19.68 -20.90
C LEU A 231 -21.97 -20.28 -19.58
N ASN A 232 -22.03 -21.61 -19.50
CA ASN A 232 -21.56 -22.36 -18.33
C ASN A 232 -22.19 -21.85 -17.04
N GLY A 233 -23.48 -21.53 -17.10
CA GLY A 233 -24.20 -21.00 -15.96
C GLY A 233 -24.81 -22.10 -15.10
N SER A 234 -25.64 -21.67 -14.15
CA SER A 234 -26.35 -22.57 -13.27
C SER A 234 -27.80 -22.66 -13.69
N LEU A 235 -28.28 -23.88 -13.89
CA LEU A 235 -29.63 -24.11 -14.40
C LEU A 235 -30.64 -23.96 -13.26
N ALA A 236 -31.90 -24.27 -13.55
CA ALA A 236 -32.98 -24.20 -12.58
C ALA A 236 -33.86 -25.44 -12.69
N GLU A 237 -34.55 -25.76 -11.60
CA GLU A 237 -35.42 -26.92 -11.55
C GLU A 237 -36.73 -26.63 -12.26
N GLU A 238 -37.51 -27.69 -12.46
CA GLU A 238 -38.84 -27.61 -13.07
C GLU A 238 -38.77 -27.07 -14.49
N GLU A 239 -39.28 -25.85 -14.70
CA GLU A 239 -39.36 -25.24 -16.02
C GLU A 239 -38.48 -23.99 -16.07
N VAL A 240 -38.38 -23.43 -17.28
CA VAL A 240 -37.60 -22.21 -17.46
C VAL A 240 -38.25 -21.08 -16.68
N MET A 241 -37.42 -20.13 -16.23
CA MET A 241 -37.89 -19.06 -15.35
C MET A 241 -37.66 -17.71 -16.00
N ILE A 242 -38.59 -16.79 -15.76
CA ILE A 242 -38.53 -15.44 -16.32
C ILE A 242 -38.45 -14.45 -15.16
N ARG A 243 -37.37 -13.68 -15.12
CA ARG A 243 -37.16 -12.68 -14.09
C ARG A 243 -36.93 -11.32 -14.73
N SER A 244 -37.46 -10.27 -14.09
CA SER A 244 -37.26 -8.92 -14.59
C SER A 244 -37.42 -7.96 -13.43
N GLU A 245 -36.89 -6.74 -13.61
CA GLU A 245 -37.02 -5.72 -12.60
C GLU A 245 -38.48 -5.30 -12.45
N ASN A 246 -39.14 -4.96 -13.56
CA ASN A 246 -40.55 -4.61 -13.56
C ASN A 246 -41.05 -4.81 -14.99
N ILE A 247 -41.74 -5.92 -15.22
CA ILE A 247 -42.05 -6.33 -16.60
C ILE A 247 -43.37 -5.63 -16.96
N THR A 248 -43.25 -4.34 -17.24
CA THR A 248 -44.22 -3.60 -18.02
C THR A 248 -43.52 -2.57 -18.90
N ASN A 249 -42.20 -2.45 -18.79
CA ASN A 249 -41.42 -1.41 -19.41
C ASN A 249 -40.57 -1.99 -20.54
N ASN A 250 -40.19 -1.12 -21.48
CA ASN A 250 -39.37 -1.52 -22.62
C ASN A 250 -37.89 -1.28 -22.40
N ALA A 251 -37.49 -0.82 -21.22
CA ALA A 251 -36.09 -0.53 -20.92
C ALA A 251 -35.56 -1.37 -19.77
N LYS A 252 -36.12 -2.57 -19.58
CA LYS A 252 -35.70 -3.47 -18.51
C LYS A 252 -35.49 -4.86 -19.09
N ASN A 253 -34.38 -5.48 -18.74
CA ASN A 253 -34.02 -6.78 -19.30
C ASN A 253 -34.95 -7.88 -18.76
N ILE A 254 -34.93 -9.01 -19.44
CA ILE A 254 -35.72 -10.19 -19.07
C ILE A 254 -34.73 -11.35 -18.97
N LEU A 255 -34.22 -11.61 -17.77
CA LEU A 255 -33.16 -12.60 -17.58
C LEU A 255 -33.78 -14.00 -17.58
N VAL A 256 -33.96 -14.56 -18.77
CA VAL A 256 -34.49 -15.91 -18.88
C VAL A 256 -33.46 -16.91 -18.33
N GLN A 257 -33.97 -17.95 -17.67
CA GLN A 257 -33.11 -19.02 -17.15
C GLN A 257 -33.64 -20.35 -17.65
N PHE A 258 -32.75 -21.15 -18.23
CA PHE A 258 -33.13 -22.37 -18.93
C PHE A 258 -33.31 -23.53 -17.95
N ASN A 259 -33.85 -24.63 -18.48
CA ASN A 259 -33.99 -25.87 -17.74
C ASN A 259 -33.14 -26.99 -18.30
N THR A 260 -33.26 -27.29 -19.60
CA THR A 260 -32.44 -28.28 -20.25
C THR A 260 -31.32 -27.60 -21.00
N PRO A 261 -30.05 -27.91 -20.73
CA PRO A 261 -28.95 -27.18 -21.37
C PRO A 261 -28.92 -27.41 -22.87
N VAL A 262 -28.39 -26.42 -23.58
CA VAL A 262 -28.20 -26.49 -25.03
C VAL A 262 -26.70 -26.44 -25.30
N GLN A 263 -26.18 -27.43 -26.02
CA GLN A 263 -24.75 -27.52 -26.27
C GLN A 263 -24.37 -26.76 -27.53
N ILE A 264 -23.35 -25.91 -27.42
CA ILE A 264 -22.80 -25.17 -28.55
C ILE A 264 -21.32 -25.45 -28.61
N ASN A 265 -20.81 -25.80 -29.77
CA ASN A 265 -19.37 -25.98 -29.85
C ASN A 265 -18.77 -25.71 -31.22
N CYS A 266 -17.49 -25.31 -31.16
CA CYS A 266 -16.85 -24.66 -32.30
C CYS A 266 -15.34 -24.60 -32.12
N THR A 267 -14.67 -24.26 -33.22
CA THR A 267 -13.22 -24.26 -33.32
C THR A 267 -12.76 -23.11 -34.21
N ARG A 268 -11.45 -23.01 -34.38
CA ARG A 268 -10.84 -22.07 -35.34
C ARG A 268 -9.99 -22.89 -36.30
N PRO A 269 -10.53 -23.29 -37.45
CA PRO A 269 -9.79 -24.22 -38.33
C PRO A 269 -8.70 -23.53 -39.14
N ASN A 270 -7.65 -23.08 -38.44
CA ASN A 270 -6.50 -22.47 -39.08
C ASN A 270 -5.26 -22.69 -38.23
N ASN A 271 -4.24 -23.29 -38.82
CA ASN A 271 -2.95 -23.40 -38.14
C ASN A 271 -2.33 -22.01 -38.01
N ASN A 272 -1.76 -21.75 -36.84
CA ASN A 272 -1.09 -20.48 -36.58
C ASN A 272 0.21 -20.76 -35.82
N THR A 273 1.29 -20.15 -36.28
CA THR A 273 2.60 -20.31 -35.65
C THR A 273 3.06 -18.95 -35.14
N ARG A 274 3.04 -18.77 -33.82
CA ARG A 274 3.52 -17.53 -33.24
C ARG A 274 5.03 -17.43 -33.40
N LYS A 275 5.51 -16.21 -33.68
CA LYS A 275 6.94 -15.96 -33.81
C LYS A 275 7.30 -14.76 -32.94
N SER A 276 8.42 -14.87 -32.24
CA SER A 276 8.81 -13.89 -31.24
C SER A 276 9.90 -12.99 -31.80
N ILE A 277 9.74 -11.68 -31.59
CA ILE A 277 10.74 -10.71 -31.96
C ILE A 277 11.05 -9.85 -30.75
N ARG A 278 12.17 -9.14 -30.82
CA ARG A 278 12.68 -8.35 -29.70
C ARG A 278 12.55 -6.87 -30.01
N ILE A 279 12.04 -6.10 -29.05
CA ILE A 279 11.85 -4.67 -29.19
C ILE A 279 12.65 -3.87 -28.18
N GLY A 280 13.38 -4.53 -27.28
CA GLY A 280 14.16 -3.84 -26.28
C GLY A 280 14.86 -4.79 -25.34
N PRO A 281 15.43 -4.25 -24.26
CA PRO A 281 16.12 -5.11 -23.29
C PRO A 281 15.16 -5.95 -22.47
N GLY A 282 15.09 -7.24 -22.74
CA GLY A 282 14.24 -8.17 -22.02
C GLY A 282 12.84 -8.35 -22.58
N GLN A 283 12.20 -7.25 -22.98
CA GLN A 283 10.84 -7.32 -23.49
C GLN A 283 10.81 -8.05 -24.82
N ALA A 284 9.69 -8.73 -25.08
CA ALA A 284 9.48 -9.48 -26.30
C ALA A 284 8.11 -9.16 -26.88
N PHE A 285 7.93 -9.48 -28.16
CA PHE A 285 6.68 -9.24 -28.86
C PHE A 285 6.35 -10.46 -29.70
N TYR A 286 5.22 -11.09 -29.39
CA TYR A 286 4.86 -12.35 -30.06
C TYR A 286 3.89 -12.09 -31.17
N ALA A 287 4.36 -12.02 -32.40
CA ALA A 287 3.46 -11.66 -33.51
C ALA A 287 3.20 -12.88 -34.35
N THR A 288 2.13 -12.86 -35.10
CA THR A 288 1.75 -14.09 -35.83
C THR A 288 2.43 -14.09 -37.19
N GLY A 289 2.71 -15.25 -37.75
CA GLY A 289 3.29 -15.29 -39.09
C GLY A 289 3.16 -16.65 -39.72
N ASP A 290 2.83 -16.70 -41.01
CA ASP A 290 2.77 -17.98 -41.74
C ASP A 290 1.60 -18.84 -41.26
N ILE A 291 0.47 -18.82 -41.98
CA ILE A 291 -0.68 -19.70 -41.65
C ILE A 291 -0.45 -20.97 -42.45
N ILE A 292 -0.15 -22.10 -41.79
CA ILE A 292 0.20 -23.35 -42.52
C ILE A 292 -1.06 -24.10 -42.93
N GLY A 293 -1.56 -23.89 -44.15
CA GLY A 293 -2.72 -24.69 -44.61
C GLY A 293 -3.78 -23.86 -45.30
N ASP A 294 -4.99 -24.39 -45.46
CA ASP A 294 -6.06 -23.59 -46.05
C ASP A 294 -6.48 -22.48 -45.07
N ILE A 295 -7.32 -21.57 -45.57
CA ILE A 295 -7.83 -20.45 -44.79
C ILE A 295 -9.35 -20.56 -44.76
N ARG A 296 -9.90 -20.77 -43.56
CA ARG A 296 -11.34 -20.84 -43.36
C ARG A 296 -11.71 -19.98 -42.16
N GLN A 297 -13.01 -19.72 -42.01
CA GLN A 297 -13.49 -18.87 -40.93
C GLN A 297 -14.00 -19.71 -39.77
N ALA A 298 -13.77 -19.24 -38.55
CA ALA A 298 -14.28 -19.91 -37.37
C ALA A 298 -15.80 -19.76 -37.30
N HIS A 299 -16.47 -20.86 -36.95
CA HIS A 299 -17.93 -20.88 -36.91
C HIS A 299 -18.37 -21.79 -35.78
N CYS A 300 -19.49 -21.43 -35.14
CA CYS A 300 -20.00 -22.19 -34.00
C CYS A 300 -21.26 -22.96 -34.38
N ASN A 301 -21.32 -24.23 -33.97
CA ASN A 301 -22.44 -25.10 -34.31
C ASN A 301 -23.33 -25.29 -33.10
N VAL A 302 -24.64 -25.23 -33.32
CA VAL A 302 -25.64 -25.62 -32.34
C VAL A 302 -26.57 -26.63 -33.01
N SER A 303 -27.22 -27.44 -32.18
CA SER A 303 -28.13 -28.47 -32.67
C SER A 303 -29.52 -27.89 -32.83
N LYS A 304 -30.09 -28.05 -34.03
CA LYS A 304 -31.40 -27.46 -34.31
C LYS A 304 -32.51 -28.14 -33.52
N ALA A 305 -32.40 -29.45 -33.31
CA ALA A 305 -33.45 -30.19 -32.63
C ALA A 305 -33.62 -29.78 -31.17
N THR A 306 -32.63 -29.12 -30.59
CA THR A 306 -32.74 -28.66 -29.21
C THR A 306 -33.27 -27.23 -29.13
N TRP A 307 -32.76 -26.33 -29.97
CA TRP A 307 -33.25 -24.95 -29.99
C TRP A 307 -34.71 -24.90 -30.42
N ASN A 308 -35.07 -25.74 -31.39
CA ASN A 308 -36.44 -25.77 -31.93
C ASN A 308 -37.47 -26.07 -30.87
N GLU A 309 -37.08 -26.70 -29.76
CA GLU A 309 -37.98 -26.96 -28.64
C GLU A 309 -37.73 -26.06 -27.45
N THR A 310 -36.50 -25.61 -27.25
CA THR A 310 -36.23 -24.70 -26.13
C THR A 310 -36.89 -23.36 -26.34
N LEU A 311 -36.89 -22.85 -27.58
CA LEU A 311 -37.62 -21.62 -27.85
C LEU A 311 -39.11 -21.80 -27.63
N GLY A 312 -39.64 -22.98 -27.97
CA GLY A 312 -41.04 -23.25 -27.73
C GLY A 312 -41.39 -23.25 -26.25
N LYS A 313 -40.55 -23.91 -25.44
CA LYS A 313 -40.78 -23.90 -24.00
C LYS A 313 -40.70 -22.49 -23.42
N VAL A 314 -39.72 -21.71 -23.89
CA VAL A 314 -39.56 -20.35 -23.40
C VAL A 314 -40.78 -19.51 -23.74
N VAL A 315 -41.29 -19.64 -24.97
CA VAL A 315 -42.45 -18.84 -25.35
C VAL A 315 -43.69 -19.30 -24.61
N LYS A 316 -43.81 -20.61 -24.34
CA LYS A 316 -44.94 -21.12 -23.58
C LYS A 316 -44.94 -20.54 -22.17
N GLN A 317 -43.76 -20.46 -21.54
CA GLN A 317 -43.70 -19.86 -20.22
C GLN A 317 -43.89 -18.35 -20.28
N LEU A 318 -43.43 -17.72 -21.35
CA LEU A 318 -43.44 -16.26 -21.43
C LEU A 318 -44.83 -15.72 -21.73
N ARG A 319 -45.69 -16.52 -22.38
CA ARG A 319 -47.02 -16.03 -22.70
C ARG A 319 -47.90 -15.79 -21.47
N LYS A 320 -47.37 -15.95 -20.26
CA LYS A 320 -48.17 -15.73 -19.06
C LYS A 320 -48.47 -14.25 -18.84
N HIS A 321 -47.45 -13.40 -18.95
CA HIS A 321 -47.59 -12.00 -18.58
C HIS A 321 -48.12 -11.11 -19.71
N PHE A 322 -48.20 -11.63 -20.95
CA PHE A 322 -48.57 -10.81 -22.09
C PHE A 322 -49.85 -11.31 -22.75
N GLY A 323 -50.74 -11.92 -21.97
CA GLY A 323 -51.98 -12.43 -22.50
C GLY A 323 -51.78 -13.74 -23.24
N ASN A 324 -52.91 -14.38 -23.55
CA ASN A 324 -52.86 -15.68 -24.21
C ASN A 324 -52.94 -15.57 -25.73
N ASN A 325 -53.73 -14.65 -26.25
CA ASN A 325 -53.89 -14.48 -27.70
C ASN A 325 -52.97 -13.37 -28.19
N THR A 326 -51.68 -13.68 -28.22
CA THR A 326 -50.66 -12.76 -28.71
C THR A 326 -49.68 -13.51 -29.59
N ILE A 327 -49.14 -12.82 -30.60
CA ILE A 327 -48.19 -13.39 -31.54
C ILE A 327 -46.80 -12.97 -31.08
N ILE A 328 -46.09 -13.89 -30.43
CA ILE A 328 -44.72 -13.63 -29.99
C ILE A 328 -43.79 -13.83 -31.18
N ARG A 329 -42.95 -12.82 -31.43
CA ARG A 329 -42.04 -12.84 -32.56
C ARG A 329 -40.64 -12.46 -32.08
N PHE A 330 -39.63 -13.17 -32.55
CA PHE A 330 -38.25 -12.88 -32.21
C PHE A 330 -37.57 -12.19 -33.39
N ALA A 331 -36.46 -11.50 -33.09
CA ALA A 331 -35.69 -10.86 -34.14
C ALA A 331 -34.25 -10.71 -33.69
N ASN A 332 -33.36 -10.46 -34.66
CA ASN A 332 -31.96 -10.25 -34.34
C ASN A 332 -31.74 -8.81 -33.87
N SER A 333 -30.55 -8.57 -33.31
CA SER A 333 -30.23 -7.24 -32.81
C SER A 333 -30.23 -6.23 -33.95
N SER A 334 -30.74 -5.04 -33.67
CA SER A 334 -31.01 -4.04 -34.70
C SER A 334 -29.97 -2.93 -34.77
N GLY A 335 -28.87 -3.05 -34.04
CA GLY A 335 -27.80 -2.08 -34.10
C GLY A 335 -27.32 -1.68 -32.72
N GLY A 336 -26.12 -1.13 -32.68
CA GLY A 336 -25.52 -0.70 -31.43
C GLY A 336 -24.01 -0.83 -31.51
N ASP A 337 -23.40 -1.01 -30.34
CA ASP A 337 -21.96 -1.22 -30.26
C ASP A 337 -21.62 -2.60 -30.83
N LEU A 338 -20.32 -2.91 -30.90
CA LEU A 338 -19.87 -4.19 -31.41
C LEU A 338 -19.80 -5.26 -30.32
N GLU A 339 -19.96 -4.90 -29.06
CA GLU A 339 -19.97 -5.86 -27.98
C GLU A 339 -21.36 -6.30 -27.57
N VAL A 340 -22.40 -5.55 -27.96
CA VAL A 340 -23.77 -5.85 -27.58
C VAL A 340 -24.50 -6.60 -28.68
N THR A 341 -24.24 -6.26 -29.95
CA THR A 341 -25.00 -6.81 -31.05
C THR A 341 -24.51 -8.19 -31.50
N THR A 342 -23.40 -8.68 -30.95
CA THR A 342 -22.85 -9.97 -31.34
C THR A 342 -22.41 -10.75 -30.11
N HIS A 343 -22.53 -12.07 -30.20
CA HIS A 343 -21.97 -12.96 -29.19
C HIS A 343 -20.49 -12.69 -29.01
N SER A 344 -20.05 -12.59 -27.77
CA SER A 344 -18.69 -12.13 -27.48
C SER A 344 -18.02 -13.00 -26.42
N PHE A 345 -18.10 -14.32 -26.57
CA PHE A 345 -17.54 -15.20 -25.56
C PHE A 345 -16.03 -15.28 -25.70
N ASN A 346 -15.41 -16.09 -24.84
CA ASN A 346 -13.98 -16.32 -24.83
C ASN A 346 -13.72 -17.81 -24.90
N CYS A 347 -12.69 -18.20 -25.65
CA CYS A 347 -12.39 -19.62 -25.86
C CYS A 347 -10.88 -19.80 -25.94
N GLY A 348 -10.26 -20.17 -24.83
CA GLY A 348 -8.86 -20.55 -24.82
C GLY A 348 -7.89 -19.46 -25.24
N GLY A 349 -8.15 -18.22 -24.82
CA GLY A 349 -7.25 -17.12 -25.11
C GLY A 349 -7.49 -16.40 -26.41
N GLU A 350 -8.49 -16.79 -27.18
CA GLU A 350 -8.85 -16.11 -28.42
C GLU A 350 -10.29 -15.64 -28.35
N PHE A 351 -10.54 -14.39 -28.71
CA PHE A 351 -11.81 -13.73 -28.47
C PHE A 351 -12.64 -13.74 -29.75
N PHE A 352 -13.70 -14.53 -29.78
CA PHE A 352 -14.58 -14.61 -30.93
C PHE A 352 -15.65 -13.53 -30.84
N TYR A 353 -16.28 -13.24 -31.99
CA TYR A 353 -17.33 -12.23 -32.08
C TYR A 353 -18.45 -12.73 -32.98
N CYS A 354 -18.89 -13.97 -32.74
CA CYS A 354 -19.84 -14.64 -33.63
C CYS A 354 -21.11 -13.82 -33.83
N ASN A 355 -21.79 -14.10 -34.93
CA ASN A 355 -22.90 -13.28 -35.45
C ASN A 355 -24.18 -14.10 -35.35
N THR A 356 -24.86 -13.98 -34.21
CA THR A 356 -26.07 -14.78 -33.94
C THR A 356 -27.27 -14.09 -34.58
N SER A 357 -27.56 -14.48 -35.82
CA SER A 357 -28.77 -14.04 -36.49
C SER A 357 -29.56 -15.20 -37.07
N GLY A 358 -29.01 -16.41 -37.06
CA GLY A 358 -29.74 -17.59 -37.45
C GLY A 358 -30.57 -18.25 -36.37
N LEU A 359 -30.48 -17.75 -35.13
CA LEU A 359 -31.26 -18.30 -34.03
C LEU A 359 -32.54 -17.50 -33.83
N PHE A 360 -32.43 -16.19 -33.61
CA PHE A 360 -33.57 -15.32 -33.37
C PHE A 360 -34.24 -14.98 -34.71
N ASN A 361 -35.00 -15.96 -35.18
CA ASN A 361 -35.58 -15.99 -36.52
C ASN A 361 -36.77 -16.93 -36.44
N SER A 362 -37.95 -16.37 -36.21
CA SER A 362 -39.17 -17.17 -36.10
C SER A 362 -40.35 -16.24 -35.86
N THR A 363 -41.54 -16.82 -35.98
CA THR A 363 -42.77 -16.19 -35.51
C THR A 363 -43.64 -17.29 -34.92
N TRP A 364 -44.21 -17.03 -33.75
CA TRP A 364 -44.98 -18.04 -33.02
C TRP A 364 -46.44 -17.60 -32.90
N ILE A 365 -47.35 -18.47 -33.33
CA ILE A 365 -48.77 -18.19 -33.28
C ILE A 365 -49.37 -18.88 -32.06
N SER A 366 -50.49 -18.34 -31.58
CA SER A 366 -51.13 -18.89 -30.38
C SER A 366 -51.67 -20.29 -30.63
N ASN A 367 -52.26 -20.54 -31.78
CA ASN A 367 -52.85 -21.84 -32.08
C ASN A 367 -52.16 -22.51 -33.27
N ASN A 379 -28.69 -35.53 -39.73
CA ASN A 379 -29.15 -34.52 -38.79
C ASN A 379 -28.72 -33.13 -39.25
N ASP A 380 -29.48 -32.11 -38.85
CA ASP A 380 -29.23 -30.74 -39.25
C ASP A 380 -28.78 -29.92 -38.05
N SER A 381 -27.88 -28.97 -38.31
CA SER A 381 -27.35 -28.09 -37.27
C SER A 381 -27.28 -26.67 -37.81
N ILE A 382 -27.33 -25.71 -36.89
CA ILE A 382 -27.23 -24.29 -37.24
C ILE A 382 -25.78 -23.84 -37.04
N THR A 383 -25.25 -23.16 -38.04
CA THR A 383 -23.87 -22.65 -38.02
C THR A 383 -23.89 -21.14 -37.94
N LEU A 384 -23.08 -20.59 -37.06
CA LEU A 384 -22.97 -19.14 -36.88
C LEU A 384 -21.58 -18.71 -37.28
N PRO A 385 -21.42 -17.83 -38.27
CA PRO A 385 -20.09 -17.32 -38.61
C PRO A 385 -19.55 -16.44 -37.49
N CYS A 386 -18.22 -16.34 -37.44
CA CYS A 386 -17.55 -15.58 -36.39
C CYS A 386 -16.39 -14.80 -36.97
N ARG A 387 -15.94 -13.81 -36.21
CA ARG A 387 -14.74 -13.06 -36.53
C ARG A 387 -13.87 -12.98 -35.27
N ILE A 388 -12.58 -12.79 -35.48
CA ILE A 388 -11.61 -12.78 -34.39
C ILE A 388 -11.01 -11.37 -34.29
N LYS A 389 -10.91 -10.87 -33.06
CA LYS A 389 -10.28 -9.60 -32.79
C LYS A 389 -9.20 -9.80 -31.72
N GLN A 390 -8.14 -9.02 -31.84
CA GLN A 390 -7.02 -9.10 -30.89
C GLN A 390 -6.92 -7.91 -29.96
N ILE A 391 -7.30 -6.72 -30.42
CA ILE A 391 -7.21 -5.51 -29.59
C ILE A 391 -8.53 -5.43 -28.83
N ILE A 392 -8.59 -6.13 -27.70
CA ILE A 392 -9.81 -6.20 -26.92
C ILE A 392 -9.88 -5.02 -25.96
N ASN A 393 -11.10 -4.69 -25.54
CA ASN A 393 -11.33 -3.58 -24.61
C ASN A 393 -12.39 -3.96 -23.59
N MET A 394 -12.30 -5.17 -23.04
CA MET A 394 -13.28 -5.62 -22.06
C MET A 394 -13.21 -4.77 -20.79
N TRP A 395 -14.24 -4.89 -19.96
CA TRP A 395 -14.47 -3.96 -18.86
C TRP A 395 -14.49 -2.53 -19.38
N GLN A 396 -15.53 -2.25 -20.18
CA GLN A 396 -15.58 -1.09 -21.05
C GLN A 396 -15.15 0.17 -20.34
N ARG A 397 -14.03 0.74 -20.78
CA ARG A 397 -13.46 1.95 -20.22
C ARG A 397 -12.85 2.76 -21.37
N ILE A 398 -12.23 3.88 -21.02
CA ILE A 398 -11.58 4.76 -22.00
C ILE A 398 -10.15 4.95 -21.53
N GLY A 399 -9.20 4.33 -22.24
CA GLY A 399 -7.80 4.51 -21.91
C GLY A 399 -7.03 3.23 -21.63
N GLN A 400 -7.55 2.08 -22.05
CA GLN A 400 -6.84 0.82 -21.89
C GLN A 400 -7.19 -0.08 -23.06
N CYS A 401 -6.33 -1.08 -23.27
CA CYS A 401 -6.62 -2.24 -24.11
C CYS A 401 -5.63 -3.34 -23.77
N MET A 402 -5.64 -4.45 -24.50
CA MET A 402 -4.74 -5.57 -24.23
C MET A 402 -4.47 -6.41 -25.48
N TYR A 403 -3.27 -6.32 -26.05
CA TYR A 403 -2.95 -7.15 -27.20
C TYR A 403 -2.93 -8.61 -26.78
N ALA A 404 -3.92 -9.39 -27.21
CA ALA A 404 -3.97 -10.80 -26.86
C ALA A 404 -3.01 -11.57 -27.76
N PRO A 405 -1.97 -12.20 -27.20
CA PRO A 405 -0.98 -12.83 -28.05
C PRO A 405 -1.55 -14.00 -28.83
N PRO A 406 -1.07 -14.25 -30.04
CA PRO A 406 -1.55 -15.40 -30.80
C PRO A 406 -1.15 -16.71 -30.13
N ILE A 407 -1.97 -17.74 -30.37
CA ILE A 407 -1.73 -19.07 -29.83
C ILE A 407 -1.63 -20.06 -30.97
N GLN A 408 -0.90 -21.14 -30.73
CA GLN A 408 -0.60 -22.11 -31.77
C GLN A 408 -1.66 -23.20 -31.84
N GLY A 409 -1.72 -23.87 -32.99
CA GLY A 409 -2.64 -24.96 -33.18
C GLY A 409 -4.07 -24.49 -33.39
N VAL A 410 -4.97 -25.47 -33.38
CA VAL A 410 -6.41 -25.23 -33.54
C VAL A 410 -7.08 -25.52 -32.21
N ILE A 411 -7.90 -24.58 -31.74
CA ILE A 411 -8.58 -24.69 -30.46
C ILE A 411 -10.03 -25.08 -30.69
N ARG A 412 -10.56 -25.89 -29.79
CA ARG A 412 -11.97 -26.28 -29.81
C ARG A 412 -12.58 -26.03 -28.44
N CYS A 413 -13.83 -25.56 -28.43
CA CYS A 413 -14.54 -25.26 -27.20
C CYS A 413 -15.94 -25.83 -27.28
N VAL A 414 -16.37 -26.43 -26.18
CA VAL A 414 -17.73 -26.94 -26.00
C VAL A 414 -18.32 -26.22 -24.80
N SER A 415 -19.51 -25.64 -24.98
CA SER A 415 -20.04 -24.70 -24.02
C SER A 415 -21.54 -24.90 -23.90
N ASN A 416 -22.09 -24.36 -22.79
CA ASN A 416 -23.38 -24.74 -22.24
C ASN A 416 -24.28 -23.51 -22.20
N ILE A 417 -25.28 -23.44 -23.08
CA ILE A 417 -26.09 -22.21 -23.22
C ILE A 417 -27.22 -22.29 -22.22
N THR A 418 -26.95 -21.86 -20.98
CA THR A 418 -27.98 -21.75 -19.94
C THR A 418 -28.34 -20.30 -19.67
N GLY A 419 -29.02 -19.67 -20.62
CA GLY A 419 -29.53 -18.33 -20.38
C GLY A 419 -29.89 -17.60 -21.65
N LEU A 420 -30.38 -16.38 -21.45
CA LEU A 420 -30.79 -15.46 -22.52
C LEU A 420 -31.09 -14.11 -21.89
N ILE A 421 -30.81 -13.03 -22.60
CA ILE A 421 -30.96 -11.68 -22.06
C ILE A 421 -31.87 -10.85 -22.96
N LEU A 422 -32.90 -11.48 -23.52
CA LEU A 422 -33.84 -10.79 -24.41
C LEU A 422 -34.35 -9.49 -23.80
N THR A 423 -34.73 -8.55 -24.66
CA THR A 423 -35.41 -7.34 -24.26
C THR A 423 -36.52 -7.04 -25.26
N ARG A 424 -37.52 -6.28 -24.80
CA ARG A 424 -38.71 -6.02 -25.58
C ARG A 424 -38.53 -4.81 -26.48
N ASP A 425 -39.50 -4.61 -27.38
CA ASP A 425 -39.60 -3.39 -28.17
C ASP A 425 -40.84 -2.60 -27.83
N GLY A 426 -42.02 -3.21 -27.92
CA GLY A 426 -43.29 -2.62 -27.55
C GLY A 426 -43.52 -1.19 -27.98
N GLY A 427 -44.23 -0.43 -27.16
CA GLY A 427 -44.39 0.99 -27.39
C GLY A 427 -45.50 1.37 -28.36
N SER A 428 -45.82 0.47 -29.29
CA SER A 428 -46.80 0.77 -30.34
C SER A 428 -48.23 0.58 -29.82
N THR A 429 -48.58 1.38 -28.82
CA THR A 429 -49.91 1.39 -28.20
C THR A 429 -50.23 -0.03 -27.73
N ASN A 430 -51.50 -0.43 -27.81
CA ASN A 430 -51.91 -1.79 -27.51
C ASN A 430 -52.19 -2.54 -28.79
N SER A 431 -51.62 -3.73 -28.91
CA SER A 431 -51.78 -4.59 -30.08
C SER A 431 -51.22 -5.95 -29.71
N THR A 432 -51.15 -6.87 -30.68
CA THR A 432 -50.52 -8.17 -30.47
C THR A 432 -49.47 -8.35 -31.58
N THR A 433 -48.31 -7.72 -31.40
CA THR A 433 -47.15 -7.94 -32.24
C THR A 433 -45.88 -7.89 -31.39
N GLU A 434 -45.90 -8.51 -30.22
CA GLU A 434 -44.77 -8.39 -29.30
C GLU A 434 -43.51 -9.01 -29.91
N THR A 435 -42.48 -8.21 -30.05
CA THR A 435 -41.21 -8.65 -30.62
C THR A 435 -40.12 -8.58 -29.56
N PHE A 436 -39.25 -9.58 -29.56
CA PHE A 436 -38.15 -9.68 -28.61
C PHE A 436 -36.84 -9.71 -29.37
N ARG A 437 -35.88 -8.90 -28.92
CA ARG A 437 -34.56 -8.85 -29.53
C ARG A 437 -33.51 -9.00 -28.44
N PRO A 438 -32.44 -9.72 -28.70
CA PRO A 438 -31.38 -9.84 -27.70
C PRO A 438 -30.67 -8.51 -27.49
N GLY A 439 -30.16 -8.32 -26.27
CA GLY A 439 -29.50 -7.08 -25.94
C GLY A 439 -28.74 -7.14 -24.64
N GLY A 440 -27.56 -6.53 -24.62
CA GLY A 440 -26.74 -6.51 -23.42
C GLY A 440 -26.72 -5.15 -22.75
N GLY A 441 -25.52 -4.58 -22.63
CA GLY A 441 -25.37 -3.30 -21.95
C GLY A 441 -24.32 -3.39 -20.86
N ASP A 442 -24.73 -3.10 -19.62
CA ASP A 442 -23.82 -3.27 -18.50
C ASP A 442 -23.55 -4.75 -18.26
N MET A 443 -22.29 -5.08 -17.98
CA MET A 443 -21.90 -6.46 -17.71
C MET A 443 -22.13 -6.78 -16.23
N ARG A 444 -23.38 -6.56 -15.81
CA ARG A 444 -23.80 -6.86 -14.46
C ARG A 444 -24.97 -7.84 -14.41
N ASP A 445 -25.48 -8.26 -15.57
CA ASP A 445 -26.52 -9.28 -15.63
C ASP A 445 -25.94 -10.68 -15.78
N ASN A 446 -24.63 -10.81 -15.93
CA ASN A 446 -23.96 -12.10 -15.90
C ASN A 446 -23.63 -12.56 -14.49
N TRP A 447 -23.79 -11.68 -13.50
CA TRP A 447 -23.60 -12.04 -12.10
C TRP A 447 -24.87 -11.90 -11.28
N ARG A 448 -25.87 -11.18 -11.78
CA ARG A 448 -27.19 -11.17 -11.16
C ARG A 448 -27.98 -12.42 -11.50
N SER A 449 -27.40 -13.35 -12.26
CA SER A 449 -28.01 -14.64 -12.56
C SER A 449 -27.39 -15.78 -11.77
N GLU A 450 -26.41 -15.50 -10.92
CA GLU A 450 -25.84 -16.50 -10.03
C GLU A 450 -25.88 -16.12 -8.56
N LEU A 451 -26.06 -14.85 -8.23
CA LEU A 451 -26.14 -14.36 -6.86
C LEU A 451 -27.52 -13.81 -6.55
N TYR A 452 -28.55 -14.52 -6.99
CA TYR A 452 -29.91 -14.06 -6.78
C TYR A 452 -30.59 -14.69 -5.56
N LYS A 453 -30.23 -15.92 -5.20
CA LYS A 453 -30.76 -16.52 -3.97
C LYS A 453 -29.77 -16.38 -2.82
N TYR A 454 -29.36 -15.15 -2.51
CA TYR A 454 -28.47 -14.91 -1.39
C TYR A 454 -28.73 -13.53 -0.82
N LYS A 455 -28.51 -13.41 0.49
CA LYS A 455 -28.50 -12.11 1.16
C LYS A 455 -27.61 -12.20 2.38
N VAL A 456 -27.14 -11.06 2.84
CA VAL A 456 -26.21 -10.99 3.97
C VAL A 456 -26.89 -10.23 5.10
N VAL A 457 -26.85 -10.81 6.31
CA VAL A 457 -27.56 -10.26 7.46
C VAL A 457 -26.58 -10.08 8.60
N LYS A 458 -26.75 -8.99 9.34
CA LYS A 458 -25.93 -8.69 10.52
C LYS A 458 -26.71 -9.06 11.77
N ILE A 459 -26.14 -9.92 12.60
CA ILE A 459 -26.81 -10.38 13.81
C ILE A 459 -26.67 -9.30 14.88
N GLU A 460 -27.79 -8.98 15.53
CA GLU A 460 -27.78 -8.07 16.67
C GLU A 460 -28.22 -8.84 17.90
N PRO A 461 -27.29 -9.25 18.77
CA PRO A 461 -27.62 -10.27 19.78
C PRO A 461 -28.33 -9.74 21.02
N LEU A 462 -28.02 -8.53 21.45
CA LEU A 462 -28.53 -8.04 22.72
C LEU A 462 -30.04 -7.80 22.63
N GLY A 463 -30.75 -8.17 23.69
CA GLY A 463 -32.20 -8.03 23.71
C GLY A 463 -32.73 -7.77 25.10
N VAL A 464 -33.97 -7.29 25.16
CA VAL A 464 -34.64 -6.93 26.39
C VAL A 464 -35.98 -7.63 26.45
N ALA A 465 -36.35 -8.14 27.63
CA ALA A 465 -37.63 -8.83 27.76
C ALA A 465 -38.11 -8.73 29.20
N PRO A 466 -39.42 -8.68 29.43
CA PRO A 466 -39.94 -8.63 30.81
C PRO A 466 -40.13 -10.02 31.40
N THR A 467 -39.90 -10.11 32.72
CA THR A 467 -40.07 -11.36 33.44
C THR A 467 -40.29 -11.07 34.92
N ARG A 468 -40.46 -12.14 35.68
CA ARG A 468 -40.77 -12.09 37.12
C ARG A 468 -39.51 -12.18 37.98
N CYS A 469 -38.53 -11.30 37.76
CA CYS A 469 -37.32 -11.29 38.57
C CYS A 469 -37.22 -9.97 39.34
N LYS A 470 -36.30 -9.93 40.30
CA LYS A 470 -36.14 -8.73 41.11
C LYS A 470 -34.67 -8.34 41.28
N ARG A 471 -33.76 -9.31 41.12
CA ARG A 471 -32.36 -9.13 41.48
C ARG A 471 -32.23 -8.70 42.94
N ARG A 472 -32.59 -9.60 43.86
CA ARG A 472 -32.50 -9.29 45.28
C ARG A 472 -31.08 -8.88 45.65
N VAL A 473 -30.97 -7.84 46.47
CA VAL A 473 -29.67 -7.31 46.87
C VAL A 473 -29.15 -8.06 48.10
N VAL B 7 -27.90 -31.94 18.95
CA VAL B 7 -29.33 -31.62 18.94
C VAL B 7 -29.62 -30.56 17.89
N PHE B 8 -30.55 -29.66 18.19
CA PHE B 8 -30.91 -28.57 17.29
C PHE B 8 -29.85 -27.45 17.38
N LEU B 9 -28.62 -27.83 17.06
CA LEU B 9 -27.48 -26.94 17.17
C LEU B 9 -27.32 -26.15 15.87
N GLY B 10 -26.19 -25.48 15.73
CA GLY B 10 -25.93 -24.69 14.54
C GLY B 10 -26.24 -23.22 14.75
N PHE B 11 -25.56 -22.37 13.98
CA PHE B 11 -25.78 -20.94 14.07
C PHE B 11 -27.21 -20.59 13.70
N LEU B 12 -27.84 -19.74 14.52
CA LEU B 12 -29.20 -19.28 14.31
C LEU B 12 -30.18 -20.45 14.19
N GLY B 13 -29.88 -21.54 14.88
CA GLY B 13 -30.67 -22.76 14.71
C GLY B 13 -32.11 -22.60 15.15
N ALA B 14 -32.34 -21.92 16.26
CA ALA B 14 -33.69 -21.75 16.81
C ALA B 14 -34.28 -20.38 16.48
N ALA B 15 -33.87 -19.78 15.35
CA ALA B 15 -34.37 -18.47 14.98
C ALA B 15 -35.87 -18.49 14.70
N GLY B 16 -36.44 -19.66 14.43
CA GLY B 16 -37.87 -19.76 14.21
C GLY B 16 -38.60 -20.32 15.41
N SER B 17 -37.85 -20.84 16.39
CA SER B 17 -38.46 -21.40 17.58
C SER B 17 -39.01 -20.28 18.47
N THR B 18 -39.94 -20.67 19.34
CA THR B 18 -40.56 -19.71 20.25
C THR B 18 -39.58 -19.25 21.31
N MET B 19 -39.91 -18.11 21.95
CA MET B 19 -39.02 -17.53 22.95
C MET B 19 -38.81 -18.47 24.13
N GLY B 20 -39.77 -19.35 24.40
CA GLY B 20 -39.64 -20.24 25.54
C GLY B 20 -38.46 -21.19 25.40
N ALA B 21 -38.32 -21.81 24.22
CA ALA B 21 -37.21 -22.70 23.96
C ALA B 21 -36.01 -22.00 23.34
N ALA B 22 -36.14 -20.72 22.96
CA ALA B 22 -35.01 -20.00 22.41
C ALA B 22 -33.98 -19.64 23.48
N SER B 23 -34.42 -19.50 24.72
CA SER B 23 -33.51 -19.17 25.81
C SER B 23 -32.82 -20.42 26.34
N MET B 24 -32.27 -21.21 25.43
CA MET B 24 -31.43 -22.35 25.79
C MET B 24 -30.15 -22.46 24.97
N THR B 25 -30.10 -21.85 23.79
CA THR B 25 -28.93 -21.89 22.93
C THR B 25 -28.25 -20.53 22.82
N LEU B 26 -28.32 -19.72 23.88
CA LEU B 26 -27.64 -18.43 23.88
C LEU B 26 -26.14 -18.60 23.72
N THR B 27 -25.60 -19.73 24.17
CA THR B 27 -24.17 -19.98 23.99
C THR B 27 -23.82 -20.13 22.52
N VAL B 28 -24.65 -20.84 21.76
CA VAL B 28 -24.32 -21.13 20.36
C VAL B 28 -24.28 -19.84 19.54
N GLN B 29 -25.25 -18.95 19.75
CA GLN B 29 -25.33 -17.70 19.01
C GLN B 29 -24.34 -16.66 19.49
N ALA B 30 -23.62 -16.90 20.59
CA ALA B 30 -22.66 -15.94 21.11
C ALA B 30 -21.24 -16.47 21.19
N ARG B 31 -21.01 -17.76 20.91
CA ARG B 31 -19.65 -18.31 20.99
C ARG B 31 -18.78 -17.87 19.82
N ASN B 32 -19.38 -17.62 18.66
CA ASN B 32 -18.63 -17.33 17.44
C ASN B 32 -18.72 -15.87 17.01
N LEU B 33 -19.06 -14.96 17.94
CA LEU B 33 -19.06 -13.54 17.62
C LEU B 33 -17.68 -13.01 17.31
N LEU B 34 -16.62 -13.74 17.65
CA LEU B 34 -15.25 -13.31 17.44
C LEU B 34 -14.43 -14.45 16.83
N SER B 35 -14.97 -15.07 15.78
CA SER B 35 -14.26 -16.14 15.11
C SER B 35 -13.04 -15.59 14.38
N GLY B 36 -11.95 -16.36 14.39
CA GLY B 36 -10.72 -15.95 13.72
C GLY B 36 -9.54 -16.83 14.06
N LEU B 57 -0.66 -5.89 -0.42
CA LEU B 57 -1.55 -4.76 -0.61
C LEU B 57 -2.53 -5.02 -1.75
N THR B 58 -2.62 -6.29 -2.16
CA THR B 58 -3.52 -6.69 -3.24
C THR B 58 -4.92 -6.91 -2.71
N VAL B 59 -5.83 -7.30 -3.61
CA VAL B 59 -7.16 -7.73 -3.18
C VAL B 59 -7.01 -9.01 -2.36
N TRP B 60 -7.98 -9.25 -1.48
CA TRP B 60 -7.87 -10.24 -0.40
C TRP B 60 -6.72 -9.91 0.54
N GLY B 61 -6.29 -8.64 0.53
CA GLY B 61 -5.29 -8.13 1.43
C GLY B 61 -5.90 -7.27 2.51
N ILE B 62 -5.89 -5.95 2.30
CA ILE B 62 -6.50 -5.03 3.25
C ILE B 62 -8.01 -5.27 3.39
N LYS B 63 -8.62 -6.01 2.46
CA LYS B 63 -10.04 -6.30 2.56
C LYS B 63 -10.36 -7.13 3.82
N GLN B 64 -9.56 -8.15 4.09
CA GLN B 64 -9.73 -8.94 5.30
C GLN B 64 -9.50 -8.09 6.55
N LEU B 65 -8.46 -7.25 6.52
CA LEU B 65 -8.08 -6.47 7.68
C LEU B 65 -9.05 -5.33 7.96
N GLN B 66 -9.85 -4.93 6.98
CA GLN B 66 -10.86 -3.91 7.22
C GLN B 66 -12.05 -4.46 7.99
N ALA B 67 -12.24 -5.78 7.99
CA ALA B 67 -13.33 -6.41 8.73
C ALA B 67 -12.87 -7.05 10.03
N ARG B 68 -11.64 -7.56 10.08
CA ARG B 68 -11.15 -8.20 11.29
C ARG B 68 -10.95 -7.22 12.44
N VAL B 69 -10.97 -5.92 12.17
CA VAL B 69 -10.94 -4.91 13.22
C VAL B 69 -12.34 -4.43 13.57
N LEU B 70 -13.21 -4.30 12.57
CA LEU B 70 -14.58 -3.90 12.84
C LEU B 70 -15.31 -4.92 13.70
N ALA B 71 -15.09 -6.21 13.45
CA ALA B 71 -15.74 -7.23 14.27
C ALA B 71 -15.30 -7.14 15.72
N VAL B 72 -13.99 -6.95 15.95
CA VAL B 72 -13.47 -6.80 17.30
C VAL B 72 -14.07 -5.58 17.98
N GLU B 73 -14.14 -4.46 17.25
CA GLU B 73 -14.71 -3.25 17.84
C GLU B 73 -16.17 -3.44 18.21
N ARG B 74 -16.95 -4.10 17.34
CA ARG B 74 -18.36 -4.33 17.65
C ARG B 74 -18.53 -5.22 18.88
N TYR B 75 -17.75 -6.29 18.95
CA TYR B 75 -17.85 -7.18 20.11
C TYR B 75 -17.47 -6.47 21.40
N LEU B 76 -16.39 -5.68 21.35
CA LEU B 76 -15.95 -4.94 22.53
C LEU B 76 -16.99 -3.94 22.97
N ARG B 77 -17.62 -3.24 22.02
CA ARG B 77 -18.66 -2.28 22.36
C ARG B 77 -19.85 -2.97 23.02
N ASP B 78 -20.26 -4.12 22.47
CA ASP B 78 -21.36 -4.85 23.08
C ASP B 78 -21.03 -5.29 24.50
N GLN B 79 -19.81 -5.79 24.71
CA GLN B 79 -19.41 -6.23 26.04
C GLN B 79 -19.37 -5.06 27.02
N GLN B 80 -18.85 -3.91 26.59
CA GLN B 80 -18.81 -2.75 27.47
C GLN B 80 -20.22 -2.27 27.82
N LEU B 81 -21.12 -2.26 26.83
CA LEU B 81 -22.51 -1.88 27.11
C LEU B 81 -23.15 -2.83 28.11
N LEU B 82 -22.88 -4.13 27.98
CA LEU B 82 -23.40 -5.09 28.95
C LEU B 82 -22.79 -4.86 30.33
N GLY B 83 -21.51 -4.47 30.38
CA GLY B 83 -20.85 -4.27 31.65
C GLY B 83 -21.20 -2.99 32.38
N ILE B 84 -21.65 -1.96 31.66
CA ILE B 84 -21.98 -0.69 32.30
C ILE B 84 -23.13 -0.88 33.28
N TRP B 85 -24.17 -1.60 32.86
CA TRP B 85 -25.30 -1.87 33.74
C TRP B 85 -24.89 -2.86 34.83
N GLY B 86 -25.84 -3.25 35.66
CA GLY B 86 -25.52 -4.27 36.65
C GLY B 86 -25.69 -5.62 36.01
N CYS B 87 -24.59 -6.14 35.47
CA CYS B 87 -24.60 -7.26 34.55
C CYS B 87 -23.20 -7.82 34.40
N SER B 88 -22.98 -8.57 33.32
CA SER B 88 -21.71 -9.18 32.90
C SER B 88 -21.45 -10.51 33.62
N GLY B 89 -22.44 -11.06 34.32
CA GLY B 89 -22.42 -12.48 34.60
C GLY B 89 -22.24 -13.18 33.27
N LYS B 90 -23.27 -13.06 32.42
CA LYS B 90 -23.18 -13.21 30.97
C LYS B 90 -24.56 -13.25 30.33
N LEU B 91 -25.06 -14.47 30.08
CA LEU B 91 -26.21 -14.67 29.20
C LEU B 91 -27.47 -14.00 29.74
N ILE B 92 -27.95 -14.48 30.88
CA ILE B 92 -29.18 -13.97 31.48
C ILE B 92 -28.81 -13.09 32.67
N CYS B 93 -29.41 -11.90 32.73
CA CYS B 93 -29.01 -10.89 33.71
C CYS B 93 -30.24 -10.17 34.21
N CYS B 94 -30.51 -10.28 35.51
CA CYS B 94 -31.62 -9.61 36.16
C CYS B 94 -31.33 -8.12 36.33
N THR B 95 -32.40 -7.33 36.49
CA THR B 95 -32.25 -5.89 36.62
C THR B 95 -33.54 -5.31 37.20
N ASN B 96 -33.39 -4.14 37.84
CA ASN B 96 -34.47 -3.30 38.34
C ASN B 96 -35.12 -2.51 37.21
N VAL B 97 -35.79 -1.40 37.53
CA VAL B 97 -36.52 -0.52 36.61
C VAL B 97 -37.66 -1.28 35.95
N PRO B 98 -38.77 -1.46 36.66
CA PRO B 98 -39.85 -2.34 36.19
C PRO B 98 -40.46 -1.86 34.89
N TRP B 99 -41.30 -2.72 34.32
CA TRP B 99 -41.98 -2.42 33.07
C TRP B 99 -42.91 -1.23 33.25
N ASN B 100 -42.86 -0.29 32.29
CA ASN B 100 -43.71 0.89 32.36
C ASN B 100 -45.17 0.58 32.07
N SER B 101 -45.49 -0.63 31.61
CA SER B 101 -46.83 -1.12 31.31
C SER B 101 -47.48 -0.42 30.14
N SER B 102 -46.80 0.55 29.51
CA SER B 102 -47.29 1.19 28.29
C SER B 102 -46.53 0.74 27.06
N TRP B 103 -45.37 0.10 27.22
CA TRP B 103 -44.60 -0.37 26.08
C TRP B 103 -45.28 -1.53 25.39
N SER B 104 -45.96 -2.39 26.14
CA SER B 104 -46.64 -3.55 25.56
C SER B 104 -47.75 -3.99 26.51
N ASN B 105 -49.00 -3.85 26.06
CA ASN B 105 -50.17 -4.27 26.86
C ASN B 105 -50.50 -5.72 26.50
N ARG B 106 -49.60 -6.62 26.87
CA ARG B 106 -49.71 -8.03 26.51
C ARG B 106 -49.57 -8.89 27.76
N ASN B 107 -50.17 -10.07 27.71
CA ASN B 107 -50.04 -11.03 28.79
C ASN B 107 -48.65 -11.66 28.77
N LEU B 108 -48.20 -12.12 29.94
CA LEU B 108 -46.86 -12.68 30.04
C LEU B 108 -46.74 -13.97 29.24
N SER B 109 -47.72 -14.88 29.39
CA SER B 109 -47.73 -16.09 28.58
C SER B 109 -47.93 -15.77 27.10
N GLU B 110 -48.56 -14.63 26.80
CA GLU B 110 -48.65 -14.17 25.42
C GLU B 110 -47.28 -13.88 24.85
N ILE B 111 -46.45 -13.17 25.62
CA ILE B 111 -45.11 -12.81 25.14
C ILE B 111 -44.21 -14.04 25.05
N TRP B 112 -44.23 -14.87 26.08
CA TRP B 112 -43.19 -15.87 26.24
C TRP B 112 -43.51 -17.23 25.62
N ASP B 113 -44.67 -17.40 24.96
CA ASP B 113 -44.97 -18.72 24.41
C ASP B 113 -45.66 -18.69 23.05
N ASN B 114 -45.84 -17.52 22.42
CA ASN B 114 -46.47 -17.47 21.10
C ASN B 114 -45.71 -16.69 20.05
N MET B 115 -44.80 -15.79 20.42
CA MET B 115 -44.07 -15.01 19.43
C MET B 115 -42.61 -15.45 19.37
N THR B 116 -41.94 -15.02 18.30
CA THR B 116 -40.53 -15.25 18.08
C THR B 116 -39.74 -13.97 18.33
N TRP B 117 -38.41 -14.12 18.41
CA TRP B 117 -37.57 -13.00 18.77
C TRP B 117 -37.63 -11.89 17.74
N LEU B 118 -37.74 -12.24 16.45
CA LEU B 118 -37.83 -11.22 15.42
C LEU B 118 -39.09 -10.37 15.59
N GLN B 119 -40.22 -11.00 15.88
CA GLN B 119 -41.45 -10.25 16.12
C GLN B 119 -41.31 -9.34 17.33
N TRP B 120 -40.66 -9.82 18.39
CA TRP B 120 -40.45 -8.99 19.56
C TRP B 120 -39.57 -7.78 19.23
N ASP B 121 -38.53 -7.99 18.42
CA ASP B 121 -37.71 -6.86 18.00
C ASP B 121 -38.54 -5.86 17.19
N LYS B 122 -39.37 -6.36 16.27
CA LYS B 122 -40.22 -5.45 15.50
C LYS B 122 -41.17 -4.68 16.41
N GLU B 123 -41.63 -5.30 17.49
CA GLU B 123 -42.56 -4.61 18.39
C GLU B 123 -41.86 -3.55 19.24
N ILE B 124 -40.63 -3.82 19.68
CA ILE B 124 -39.94 -2.95 20.63
C ILE B 124 -38.67 -2.42 19.98
N SER B 125 -38.69 -2.21 18.67
CA SER B 125 -37.50 -1.67 18.00
C SER B 125 -37.20 -0.24 18.41
N ASN B 126 -38.19 0.46 18.93
CA ASN B 126 -38.24 1.91 19.04
C ASN B 126 -38.89 2.37 20.35
N TYR B 127 -38.67 1.60 21.42
CA TYR B 127 -38.81 2.04 22.81
C TYR B 127 -37.54 1.87 23.62
N THR B 128 -36.43 1.42 23.01
CA THR B 128 -35.26 0.98 23.77
C THR B 128 -34.35 2.12 24.23
N GLN B 129 -34.40 3.27 23.57
CA GLN B 129 -33.40 4.30 23.81
C GLN B 129 -33.44 4.81 25.24
N ILE B 130 -34.65 4.99 25.79
CA ILE B 130 -34.76 5.44 27.18
C ILE B 130 -34.41 4.31 28.15
N ILE B 131 -34.67 3.06 27.75
CA ILE B 131 -34.34 1.92 28.60
C ILE B 131 -32.83 1.82 28.80
N TYR B 132 -32.08 2.07 27.73
CA TYR B 132 -30.63 1.98 27.79
C TYR B 132 -30.01 3.02 28.73
N GLY B 133 -30.77 4.04 29.13
CA GLY B 133 -30.28 4.98 30.12
C GLY B 133 -30.83 4.69 31.51
N LEU B 134 -32.08 4.21 31.54
CA LEU B 134 -32.67 3.80 32.81
C LEU B 134 -31.83 2.72 33.48
N LEU B 135 -31.38 1.74 32.70
CA LEU B 135 -30.59 0.66 33.27
C LEU B 135 -29.33 1.18 33.93
N GLU B 136 -28.61 2.08 33.24
CA GLU B 136 -27.34 2.56 33.75
C GLU B 136 -27.53 3.46 34.96
N GLU B 137 -28.59 4.28 34.97
CA GLU B 137 -28.81 5.11 36.16
C GLU B 137 -29.18 4.25 37.37
N SER B 138 -29.95 3.18 37.14
CA SER B 138 -30.25 2.26 38.24
C SER B 138 -28.98 1.59 38.75
N GLN B 139 -28.09 1.17 37.84
CA GLN B 139 -26.84 0.55 38.28
C GLN B 139 -25.99 1.53 39.09
N ASN B 140 -25.93 2.79 38.66
CA ASN B 140 -25.18 3.78 39.43
C ASN B 140 -25.77 3.99 40.81
N GLN B 141 -27.10 4.04 40.89
CA GLN B 141 -27.75 4.18 42.20
C GLN B 141 -27.41 2.99 43.10
N GLN B 142 -27.45 1.78 42.57
CA GLN B 142 -27.11 0.60 43.36
C GLN B 142 -25.66 0.64 43.83
N GLU B 143 -24.75 1.07 42.94
CA GLU B 143 -23.34 1.18 43.33
C GLU B 143 -23.16 2.18 44.47
N LYS B 144 -23.82 3.33 44.37
CA LYS B 144 -23.71 4.34 45.44
C LYS B 144 -24.28 3.80 46.75
N ASN B 145 -25.41 3.10 46.67
CA ASN B 145 -26.00 2.53 47.88
C ASN B 145 -25.06 1.53 48.54
N GLU B 146 -24.45 0.66 47.74
CA GLU B 146 -23.50 -0.31 48.31
C GLU B 146 -22.30 0.41 48.93
N GLN B 147 -21.76 1.41 48.22
CA GLN B 147 -20.56 2.09 48.70
C GLN B 147 -20.82 2.81 50.02
N ASP B 148 -21.94 3.53 50.12
CA ASP B 148 -22.19 4.28 51.35
C ASP B 148 -22.79 3.41 52.44
N LEU B 149 -23.28 2.20 52.11
CA LEU B 149 -23.65 1.25 53.15
C LEU B 149 -22.43 0.57 53.74
N LEU B 150 -21.38 0.36 52.94
CA LEU B 150 -20.16 -0.28 53.42
C LEU B 150 -19.30 0.63 54.29
N ALA B 151 -19.78 1.82 54.65
CA ALA B 151 -18.99 2.79 55.37
C ALA B 151 -19.26 2.80 56.87
N LEU B 152 -20.54 2.86 57.27
CA LEU B 152 -20.88 2.99 58.69
C LEU B 152 -20.52 1.75 59.49
N ASP B 153 -20.33 0.60 58.84
CA ASP B 153 -19.98 -0.63 59.54
C ASP B 153 -18.50 -0.96 59.35
N ALA C 1 -11.03 -35.51 49.10
CA ALA C 1 -9.93 -36.22 48.47
C ALA C 1 -10.43 -37.24 47.46
N GLU C 2 -11.43 -38.03 47.86
CA GLU C 2 -12.03 -38.97 46.93
C GLU C 2 -12.90 -38.27 45.90
N ASN C 3 -13.35 -37.05 46.19
CA ASN C 3 -14.13 -36.25 45.26
C ASN C 3 -13.17 -35.34 44.50
N LEU C 4 -12.91 -35.69 43.25
CA LEU C 4 -12.02 -34.93 42.39
C LEU C 4 -12.85 -34.12 41.39
N TRP C 5 -12.58 -32.82 41.31
CA TRP C 5 -13.31 -31.92 40.44
C TRP C 5 -12.34 -31.12 39.60
N VAL C 6 -12.72 -30.83 38.35
CA VAL C 6 -11.87 -30.05 37.48
C VAL C 6 -11.73 -28.63 38.00
N THR C 7 -10.71 -27.94 37.53
CA THR C 7 -10.47 -26.55 37.89
C THR C 7 -9.62 -25.92 36.80
N VAL C 8 -10.06 -24.78 36.30
CA VAL C 8 -9.38 -24.11 35.19
C VAL C 8 -8.44 -23.06 35.74
N TYR C 9 -7.18 -23.13 35.34
CA TYR C 9 -6.15 -22.17 35.70
C TYR C 9 -5.82 -21.32 34.49
N TYR C 10 -5.68 -20.02 34.69
CA TYR C 10 -5.34 -19.09 33.63
C TYR C 10 -3.93 -18.56 33.85
N GLY C 11 -3.07 -18.71 32.84
CA GLY C 11 -1.72 -18.23 32.92
C GLY C 11 -0.73 -19.22 33.54
N VAL C 12 -0.63 -20.41 32.94
CA VAL C 12 0.33 -21.40 33.41
C VAL C 12 1.45 -21.53 32.37
N PRO C 13 2.67 -21.93 32.76
CA PRO C 13 3.79 -22.02 31.81
C PRO C 13 3.73 -23.24 30.90
N VAL C 14 2.97 -23.13 29.82
CA VAL C 14 2.86 -24.18 28.81
C VAL C 14 2.97 -23.52 27.44
N TRP C 15 3.81 -24.10 26.58
CA TRP C 15 4.08 -23.52 25.27
C TRP C 15 3.99 -24.59 24.19
N LYS C 16 3.84 -24.13 22.94
CA LYS C 16 3.84 -24.97 21.77
C LYS C 16 4.76 -24.36 20.72
N ASP C 17 4.98 -25.09 19.64
CA ASP C 17 5.82 -24.63 18.54
C ASP C 17 4.94 -24.04 17.44
N ALA C 18 5.28 -22.83 17.00
CA ALA C 18 4.49 -22.14 15.99
C ALA C 18 5.39 -21.12 15.29
N GLU C 19 4.82 -20.45 14.30
CA GLU C 19 5.53 -19.46 13.51
C GLU C 19 4.79 -18.12 13.53
N THR C 20 5.54 -17.03 13.45
CA THR C 20 4.97 -15.69 13.51
C THR C 20 5.90 -14.75 12.76
N THR C 21 5.67 -13.45 12.93
CA THR C 21 6.42 -12.41 12.23
C THR C 21 7.16 -11.55 13.25
N LEU C 22 8.49 -11.66 13.26
CA LEU C 22 9.33 -10.85 14.12
C LEU C 22 9.56 -9.48 13.50
N PHE C 23 10.11 -8.55 14.28
CA PHE C 23 10.35 -7.20 13.76
C PHE C 23 11.70 -6.67 14.25
N CYS C 24 12.02 -5.46 13.80
CA CYS C 24 13.31 -4.84 14.03
C CYS C 24 13.55 -4.48 15.49
N ALA C 25 14.84 -4.45 15.85
CA ALA C 25 15.31 -3.73 17.03
C ALA C 25 16.79 -3.44 16.77
N SER C 26 17.09 -2.19 16.44
CA SER C 26 18.45 -1.78 16.09
C SER C 26 18.92 -0.70 17.05
N ASP C 27 20.22 -0.72 17.36
CA ASP C 27 20.79 0.29 18.23
C ASP C 27 20.67 1.67 17.58
N ALA C 28 20.25 2.66 18.37
CA ALA C 28 20.03 3.99 17.83
C ALA C 28 21.33 4.60 17.31
N LYS C 29 22.37 4.62 18.15
CA LYS C 29 23.64 5.26 17.83
C LYS C 29 23.42 6.68 17.31
N ALA C 30 22.57 7.43 18.02
CA ALA C 30 22.12 8.76 17.61
C ALA C 30 21.37 8.70 16.30
N TYR C 31 22.04 8.27 15.23
CA TYR C 31 21.49 8.02 13.90
C TYR C 31 21.10 9.31 13.17
N GLU C 32 21.20 10.47 13.81
CA GLU C 32 20.94 11.73 13.11
C GLU C 32 22.02 11.99 12.06
N THR C 33 23.28 11.79 12.43
CA THR C 33 24.40 11.98 11.50
C THR C 33 24.67 10.66 10.76
N GLU C 34 23.69 10.27 9.96
CA GLU C 34 23.75 9.04 9.18
C GLU C 34 23.71 9.38 7.69
N LYS C 35 24.39 8.55 6.91
CA LYS C 35 24.40 8.68 5.45
C LYS C 35 23.50 7.65 4.78
N HIS C 36 22.38 7.31 5.42
CA HIS C 36 21.43 6.30 4.95
C HIS C 36 22.07 4.92 4.83
N ASN C 37 21.23 3.89 4.75
CA ASN C 37 21.70 2.52 4.58
C ASN C 37 20.66 1.75 3.78
N VAL C 38 21.14 0.84 2.93
CA VAL C 38 20.21 0.01 2.16
C VAL C 38 19.41 -0.89 3.08
N TRP C 39 19.98 -1.29 4.22
CA TRP C 39 19.24 -1.97 5.28
C TRP C 39 18.73 -0.93 6.27
N ALA C 40 17.69 -0.22 5.82
CA ALA C 40 17.19 0.95 6.54
C ALA C 40 16.74 0.57 7.94
N THR C 41 17.15 1.36 8.93
CA THR C 41 16.77 1.18 10.32
C THR C 41 15.93 2.33 10.86
N HIS C 42 15.68 3.36 10.06
CA HIS C 42 14.79 4.43 10.50
C HIS C 42 13.37 3.94 10.68
N ALA C 43 12.95 2.95 9.88
CA ALA C 43 11.63 2.34 10.09
C ALA C 43 11.63 1.46 11.33
N CYS C 44 12.75 0.81 11.63
CA CYS C 44 12.83 -0.05 12.81
C CYS C 44 12.78 0.77 14.09
N VAL C 45 12.22 0.15 15.13
CA VAL C 45 11.99 0.81 16.42
C VAL C 45 13.27 0.81 17.25
N PRO C 46 13.42 1.72 18.21
CA PRO C 46 14.57 1.65 19.12
C PRO C 46 14.53 0.39 19.97
N THR C 47 15.72 -0.07 20.34
CA THR C 47 15.86 -1.33 21.06
C THR C 47 15.89 -1.11 22.57
N ASP C 48 15.82 -2.21 23.31
CA ASP C 48 15.93 -2.16 24.75
C ASP C 48 17.35 -1.77 25.13
N PRO C 49 17.54 -0.78 26.01
CA PRO C 49 18.91 -0.41 26.41
C PRO C 49 19.67 -1.55 27.07
N ASN C 50 18.99 -2.45 27.78
CA ASN C 50 19.62 -3.59 28.42
C ASN C 50 18.68 -4.79 28.35
N PRO C 51 18.92 -5.72 27.42
CA PRO C 51 18.09 -6.93 27.38
C PRO C 51 18.23 -7.75 28.66
N GLN C 52 17.13 -8.38 29.06
CA GLN C 52 17.09 -9.21 30.25
C GLN C 52 16.93 -10.67 29.85
N GLU C 53 17.76 -11.53 30.41
CA GLU C 53 17.74 -12.96 30.15
C GLU C 53 17.32 -13.70 31.41
N ILE C 54 16.30 -14.54 31.29
CA ILE C 54 15.77 -15.31 32.41
C ILE C 54 16.21 -16.76 32.25
N HIS C 55 17.01 -17.24 33.19
CA HIS C 55 17.59 -18.57 33.10
C HIS C 55 16.57 -19.61 33.58
N LEU C 56 16.17 -20.50 32.68
CA LEU C 56 15.29 -21.60 33.05
C LEU C 56 16.10 -22.77 33.58
N GLU C 57 15.43 -23.64 34.33
CA GLU C 57 16.05 -24.85 34.85
C GLU C 57 15.07 -26.01 34.68
N ASN C 58 15.62 -27.22 34.65
CA ASN C 58 14.88 -28.48 34.55
C ASN C 58 14.13 -28.62 33.24
N VAL C 59 14.48 -27.85 32.21
CA VAL C 59 13.81 -27.90 30.91
C VAL C 59 14.74 -28.58 29.91
N THR C 60 14.21 -29.55 29.18
CA THR C 60 14.94 -30.23 28.11
C THR C 60 14.12 -30.08 26.83
N GLU C 61 14.44 -29.05 26.05
CA GLU C 61 13.71 -28.75 24.82
C GLU C 61 14.57 -29.11 23.61
N GLU C 62 13.93 -29.72 22.60
CA GLU C 62 14.63 -30.14 21.40
C GLU C 62 14.63 -29.02 20.37
N PHE C 63 15.79 -28.78 19.77
CA PHE C 63 15.95 -27.77 18.73
C PHE C 63 16.08 -28.44 17.37
N ASN C 64 16.17 -27.61 16.33
CA ASN C 64 16.40 -28.09 14.98
C ASN C 64 16.93 -26.93 14.15
N MET C 65 18.15 -27.09 13.64
CA MET C 65 18.79 -26.04 12.86
C MET C 65 18.35 -26.01 11.40
N TRP C 66 18.01 -27.16 10.83
CA TRP C 66 17.73 -27.28 9.40
C TRP C 66 16.26 -27.15 9.05
N LYS C 67 15.39 -26.89 10.03
CA LYS C 67 13.96 -26.69 9.76
C LYS C 67 13.45 -25.50 10.56
N ASN C 68 14.23 -24.42 10.58
CA ASN C 68 13.89 -23.22 11.32
C ASN C 68 13.22 -22.21 10.39
N ASN C 69 12.14 -21.61 10.85
CA ASN C 69 11.40 -20.65 10.04
C ASN C 69 12.04 -19.27 10.02
N MET C 70 12.85 -18.94 11.03
CA MET C 70 13.46 -17.61 11.08
C MET C 70 14.45 -17.41 9.94
N VAL C 71 15.16 -18.47 9.55
CA VAL C 71 16.11 -18.35 8.46
C VAL C 71 15.40 -18.13 7.13
N GLU C 72 14.17 -18.63 6.99
CA GLU C 72 13.37 -18.36 5.80
C GLU C 72 12.56 -17.08 5.92
N GLN C 73 12.50 -16.49 7.11
CA GLN C 73 11.82 -15.21 7.29
C GLN C 73 12.75 -14.02 7.13
N MET C 74 14.05 -14.19 7.43
CA MET C 74 15.00 -13.12 7.20
C MET C 74 15.35 -12.97 5.72
N HIS C 75 15.29 -14.07 4.97
CA HIS C 75 15.71 -14.04 3.57
C HIS C 75 14.71 -13.30 2.70
N THR C 76 13.45 -13.24 3.11
CA THR C 76 12.44 -12.46 2.39
C THR C 76 12.29 -11.06 2.96
N ASP C 77 13.09 -10.70 3.97
CA ASP C 77 13.16 -9.32 4.45
C ASP C 77 14.39 -8.60 3.93
N ILE C 78 15.52 -9.29 3.86
CA ILE C 78 16.72 -8.66 3.28
C ILE C 78 16.49 -8.33 1.82
N ILE C 79 15.89 -9.27 1.07
CA ILE C 79 15.59 -9.02 -0.33
C ILE C 79 14.63 -7.85 -0.49
N SER C 80 13.57 -7.82 0.34
CA SER C 80 12.59 -6.75 0.23
C SER C 80 13.18 -5.40 0.59
N LEU C 81 14.09 -5.35 1.56
CA LEU C 81 14.79 -4.11 1.86
C LEU C 81 15.73 -3.71 0.73
N TRP C 82 16.33 -4.69 0.05
CA TRP C 82 17.17 -4.38 -1.09
C TRP C 82 16.39 -3.77 -2.24
N ASP C 83 15.22 -4.35 -2.55
CA ASP C 83 14.43 -3.85 -3.68
C ASP C 83 13.86 -2.47 -3.39
N GLN C 84 13.56 -2.18 -2.12
CA GLN C 84 12.93 -0.91 -1.79
C GLN C 84 13.92 0.25 -1.86
N SER C 85 15.20 0.00 -1.60
CA SER C 85 16.21 1.04 -1.57
C SER C 85 16.83 1.31 -2.94
N LEU C 86 16.44 0.56 -3.97
CA LEU C 86 16.95 0.76 -5.33
C LEU C 86 15.93 1.36 -6.27
N LYS C 87 14.74 1.69 -5.79
CA LYS C 87 13.69 2.21 -6.64
C LYS C 87 13.91 3.68 -6.99
N PRO C 88 14.14 4.59 -6.03
CA PRO C 88 14.23 6.02 -6.41
C PRO C 88 15.64 6.51 -6.74
N CYS C 89 16.19 6.01 -7.84
CA CYS C 89 17.37 6.63 -8.45
C CYS C 89 17.42 6.23 -9.92
N VAL C 90 18.51 6.61 -10.60
CA VAL C 90 18.57 6.58 -12.05
C VAL C 90 18.34 5.15 -12.57
N LYS C 91 17.81 5.07 -13.80
CA LYS C 91 17.23 3.85 -14.37
C LYS C 91 17.80 3.63 -15.79
N LEU C 92 19.12 3.58 -15.89
CA LEU C 92 19.80 3.70 -17.18
C LEU C 92 19.23 2.77 -18.24
N THR C 93 18.46 3.32 -19.16
CA THR C 93 18.16 2.71 -20.44
C THR C 93 19.21 3.09 -21.50
N PRO C 94 19.54 4.39 -21.66
CA PRO C 94 20.46 4.74 -22.77
C PRO C 94 21.91 4.38 -22.48
N LEU C 95 22.19 3.09 -22.38
CA LEU C 95 23.54 2.59 -22.24
C LEU C 95 23.83 1.39 -23.13
N CYS C 96 22.82 0.79 -23.75
CA CYS C 96 23.00 -0.34 -24.64
C CYS C 96 23.53 0.07 -26.01
N VAL C 97 23.99 1.31 -26.18
CA VAL C 97 24.56 1.72 -27.45
C VAL C 97 25.79 0.87 -27.76
N THR C 98 26.11 0.73 -29.04
CA THR C 98 27.23 -0.10 -29.46
C THR C 98 28.52 0.58 -29.07
N LEU C 99 29.17 0.07 -28.02
CA LEU C 99 30.44 0.63 -27.59
C LEU C 99 31.51 0.41 -28.65
N GLN C 100 32.43 1.36 -28.78
CA GLN C 100 33.57 1.23 -29.67
C GLN C 100 34.82 1.24 -28.78
N CYS C 101 35.22 0.05 -28.33
CA CYS C 101 36.24 -0.08 -27.30
C CYS C 101 37.61 -0.33 -27.92
N THR C 102 38.59 0.45 -27.49
CA THR C 102 39.98 0.24 -27.84
C THR C 102 40.69 -0.45 -26.68
N ASN C 103 42.01 -0.56 -26.78
CA ASN C 103 42.79 -1.44 -25.93
C ASN C 103 43.70 -0.55 -25.08
N VAL C 104 43.84 -0.88 -23.79
CA VAL C 104 44.54 0.00 -22.86
C VAL C 104 46.01 -0.40 -22.81
N THR C 105 46.89 0.59 -22.93
CA THR C 105 48.34 0.37 -22.83
C THR C 105 48.97 1.66 -22.33
N ASN C 106 49.05 1.79 -20.99
CA ASN C 106 49.65 2.99 -20.39
C ASN C 106 50.18 2.58 -19.01
N ASN C 107 51.50 2.40 -18.92
CA ASN C 107 52.16 1.99 -17.69
C ASN C 107 51.53 0.72 -17.13
N ILE C 108 51.31 -0.24 -18.02
CA ILE C 108 50.65 -1.48 -17.66
C ILE C 108 51.66 -2.45 -17.07
N THR C 109 51.16 -3.44 -16.34
CA THR C 109 51.96 -4.52 -15.79
C THR C 109 51.54 -5.82 -16.46
N ASP C 110 52.52 -6.64 -16.83
CA ASP C 110 52.24 -7.86 -17.58
C ASP C 110 51.30 -8.80 -16.83
N ASP C 111 51.21 -8.67 -15.51
CA ASP C 111 50.26 -9.46 -14.75
C ASP C 111 48.82 -9.13 -15.15
N MET C 112 48.50 -7.85 -15.32
CA MET C 112 47.18 -7.41 -15.73
C MET C 112 47.27 -6.94 -17.19
N ARG C 113 46.79 -7.78 -18.09
CA ARG C 113 46.76 -7.46 -19.51
C ARG C 113 45.33 -7.59 -20.02
N GLY C 114 44.99 -6.77 -21.01
CA GLY C 114 43.60 -6.67 -21.42
C GLY C 114 42.79 -6.00 -20.33
N GLU C 115 41.85 -6.76 -19.74
CA GLU C 115 41.08 -6.28 -18.61
C GLU C 115 40.39 -4.95 -18.90
N LEU C 116 41.03 -3.85 -18.49
CA LEU C 116 40.47 -2.53 -18.73
C LEU C 116 40.40 -2.23 -20.21
N LYS C 117 39.39 -1.45 -20.61
CA LYS C 117 39.24 -1.00 -21.99
C LYS C 117 38.60 0.38 -21.97
N ASN C 118 39.13 1.29 -22.79
CA ASN C 118 38.49 2.59 -22.96
C ASN C 118 37.52 2.55 -24.12
N CYS C 119 36.24 2.81 -23.84
CA CYS C 119 35.17 2.71 -24.81
C CYS C 119 34.55 4.08 -25.01
N SER C 120 34.39 4.47 -26.28
CA SER C 120 33.77 5.74 -26.64
C SER C 120 32.42 5.46 -27.29
N PHE C 121 31.38 6.10 -26.78
CA PHE C 121 30.03 5.92 -27.30
C PHE C 121 29.32 7.26 -27.38
N ASN C 122 28.11 7.22 -27.93
CA ASN C 122 27.27 8.39 -28.14
C ASN C 122 26.15 8.40 -27.10
N MET C 123 25.90 9.56 -26.51
CA MET C 123 24.93 9.67 -25.43
C MET C 123 24.04 10.88 -25.67
N THR C 124 22.80 10.78 -25.19
CA THR C 124 21.83 11.85 -25.34
C THR C 124 22.00 12.86 -24.21
N THR C 125 22.12 14.14 -24.55
CA THR C 125 22.23 15.19 -23.55
C THR C 125 20.84 15.52 -23.00
N GLU C 126 20.79 16.55 -22.15
CA GLU C 126 19.51 16.92 -21.53
C GLU C 126 18.50 17.36 -22.58
N LEU C 127 18.94 18.17 -23.55
CA LEU C 127 18.06 18.54 -24.65
C LEU C 127 17.87 17.35 -25.58
N ARG C 128 16.63 17.05 -25.92
CA ARG C 128 16.34 15.89 -26.75
C ARG C 128 16.57 16.22 -28.22
N ASP C 129 17.74 16.78 -28.54
CA ASP C 129 18.08 17.07 -29.93
C ASP C 129 19.54 16.85 -30.26
N LYS C 130 20.43 16.73 -29.29
CA LYS C 130 21.86 16.67 -29.54
C LYS C 130 22.45 15.41 -28.91
N LYS C 131 23.58 14.98 -29.45
CA LYS C 131 24.28 13.79 -28.98
C LYS C 131 25.74 14.13 -28.72
N GLN C 132 26.23 13.76 -27.54
CA GLN C 132 27.62 13.97 -27.17
C GLN C 132 28.40 12.66 -27.32
N LYS C 133 29.71 12.80 -27.50
CA LYS C 133 30.61 11.66 -27.65
C LYS C 133 31.43 11.54 -26.38
N VAL C 134 31.10 10.56 -25.54
CA VAL C 134 31.75 10.39 -24.26
C VAL C 134 32.58 9.11 -24.29
N TYR C 135 33.47 8.98 -23.32
CA TYR C 135 34.31 7.80 -23.19
C TYR C 135 34.41 7.40 -21.73
N SER C 136 34.62 6.11 -21.50
CA SER C 136 34.66 5.58 -20.13
C SER C 136 35.49 4.31 -20.11
N LEU C 137 35.96 3.95 -18.92
CA LEU C 137 36.78 2.77 -18.70
C LEU C 137 35.90 1.63 -18.20
N PHE C 138 35.91 0.51 -18.92
CA PHE C 138 35.10 -0.65 -18.58
C PHE C 138 36.00 -1.87 -18.43
N TYR C 139 35.72 -2.68 -17.41
CA TYR C 139 36.47 -3.89 -17.20
C TYR C 139 36.09 -4.96 -18.24
N ARG C 140 36.93 -5.99 -18.34
CA ARG C 140 36.68 -7.03 -19.33
C ARG C 140 35.42 -7.82 -19.02
N LEU C 141 35.08 -7.97 -17.74
CA LEU C 141 33.94 -8.80 -17.35
C LEU C 141 32.60 -8.17 -17.71
N ASP C 142 32.55 -6.90 -18.09
CA ASP C 142 31.30 -6.21 -18.35
C ASP C 142 31.14 -5.83 -19.83
N VAL C 143 31.92 -6.42 -20.72
CA VAL C 143 31.80 -6.19 -22.14
C VAL C 143 31.86 -7.52 -22.87
N VAL C 144 31.00 -7.69 -23.87
CA VAL C 144 30.93 -8.91 -24.66
C VAL C 144 31.09 -8.54 -26.12
N GLN C 145 32.00 -9.24 -26.80
CA GLN C 145 32.24 -8.97 -28.22
C GLN C 145 31.00 -9.25 -29.04
N ILE C 146 30.74 -8.39 -30.03
CA ILE C 146 29.61 -8.54 -30.93
C ILE C 146 30.12 -8.41 -32.37
N ASN C 147 29.34 -8.96 -33.29
CA ASN C 147 29.67 -8.95 -34.72
C ASN C 147 31.05 -9.53 -34.98
N GLU C 148 31.23 -10.79 -34.57
CA GLU C 148 32.50 -11.48 -34.73
C GLU C 148 32.70 -11.88 -36.18
N ASN C 158 39.69 -1.54 -33.69
CA ASN C 158 38.50 -1.35 -32.86
C ASN C 158 37.34 -2.22 -33.35
N LYS C 159 36.72 -2.93 -32.42
CA LYS C 159 35.57 -3.78 -32.72
C LYS C 159 34.40 -3.37 -31.82
N GLU C 160 33.19 -3.57 -32.33
CA GLU C 160 32.00 -3.19 -31.59
C GLU C 160 31.78 -4.10 -30.40
N TYR C 161 31.57 -3.49 -29.23
CA TYR C 161 31.28 -4.21 -27.99
C TYR C 161 29.90 -3.80 -27.49
N ARG C 162 29.42 -4.52 -26.49
CA ARG C 162 28.09 -4.31 -25.94
C ARG C 162 28.08 -4.76 -24.50
N LEU C 163 27.31 -4.05 -23.67
CA LEU C 163 27.21 -4.40 -22.26
C LEU C 163 26.67 -5.81 -22.10
N ILE C 164 27.15 -6.51 -21.06
CA ILE C 164 26.88 -7.93 -20.92
C ILE C 164 25.41 -8.20 -20.64
N ASN C 165 24.70 -7.23 -20.06
CA ASN C 165 23.31 -7.42 -19.64
C ASN C 165 22.32 -6.89 -20.67
N CYS C 166 22.77 -6.59 -21.89
CA CYS C 166 21.95 -5.79 -22.79
C CYS C 166 20.71 -6.54 -23.26
N ASN C 167 20.83 -7.83 -23.58
CA ASN C 167 19.64 -8.47 -24.15
C ASN C 167 18.70 -9.00 -23.08
N THR C 168 19.12 -9.00 -21.81
CA THR C 168 18.39 -9.70 -20.76
C THR C 168 17.55 -8.74 -19.91
N SER C 169 18.15 -7.67 -19.42
CA SER C 169 17.43 -6.74 -18.54
C SER C 169 18.06 -5.36 -18.68
N ALA C 170 17.60 -4.43 -17.85
CA ALA C 170 18.10 -3.06 -17.84
C ALA C 170 18.65 -2.75 -16.46
N CYS C 171 19.84 -2.14 -16.42
CA CYS C 171 20.54 -1.91 -15.17
C CYS C 171 20.04 -0.63 -14.51
N THR C 172 19.78 -0.72 -13.21
CA THR C 172 19.35 0.40 -12.39
C THR C 172 20.54 0.80 -11.53
N GLN C 173 21.24 1.86 -11.94
CA GLN C 173 22.42 2.32 -11.21
C GLN C 173 22.06 2.62 -9.77
N ALA C 174 22.88 2.11 -8.85
CA ALA C 174 22.62 2.28 -7.44
C ALA C 174 22.63 3.75 -7.04
N CYS C 175 21.74 4.10 -6.13
CA CYS C 175 21.69 5.48 -5.66
C CYS C 175 23.02 5.82 -4.98
N PRO C 176 23.70 6.89 -5.40
CA PRO C 176 25.09 7.09 -4.96
C PRO C 176 25.22 7.61 -3.53
N LYS C 177 24.14 8.10 -2.91
CA LYS C 177 24.24 8.60 -1.55
C LYS C 177 24.36 7.47 -0.54
N VAL C 178 23.61 6.39 -0.74
CA VAL C 178 23.53 5.30 0.23
C VAL C 178 24.83 4.51 0.25
N SER C 179 25.00 3.69 1.29
CA SER C 179 26.18 2.84 1.45
C SER C 179 25.75 1.45 1.87
N PHE C 180 26.60 0.47 1.58
CA PHE C 180 26.34 -0.94 1.86
C PHE C 180 26.98 -1.39 3.17
N GLU C 181 27.08 -0.52 4.16
CA GLU C 181 27.70 -0.88 5.43
C GLU C 181 26.76 -1.74 6.25
N PRO C 182 27.14 -2.97 6.60
CA PRO C 182 26.29 -3.78 7.49
C PRO C 182 26.23 -3.17 8.88
N ILE C 183 25.05 -3.28 9.50
CA ILE C 183 24.86 -2.83 10.86
C ILE C 183 24.13 -3.91 11.64
N PRO C 184 24.37 -4.04 12.95
CA PRO C 184 23.67 -5.07 13.72
C PRO C 184 22.16 -4.86 13.69
N ILE C 185 21.42 -5.97 13.59
CA ILE C 185 19.97 -5.97 13.55
C ILE C 185 19.47 -7.05 14.48
N HIS C 186 18.58 -6.68 15.41
CA HIS C 186 17.97 -7.63 16.33
C HIS C 186 16.56 -7.95 15.85
N TYR C 187 16.14 -9.19 16.01
CA TYR C 187 14.79 -9.63 15.66
C TYR C 187 14.03 -9.94 16.94
N CYS C 188 12.96 -9.19 17.19
CA CYS C 188 12.16 -9.35 18.39
C CYS C 188 10.76 -9.85 18.05
N ALA C 189 10.27 -10.78 18.87
CA ALA C 189 8.98 -11.43 18.72
C ALA C 189 7.87 -10.54 19.30
N PRO C 190 6.65 -10.64 18.78
CA PRO C 190 5.54 -9.84 19.28
C PRO C 190 5.05 -10.38 20.62
N ALA C 191 4.02 -9.71 21.15
CA ALA C 191 3.43 -10.13 22.41
C ALA C 191 2.71 -11.47 22.25
N GLY C 192 2.87 -12.33 23.24
CA GLY C 192 2.28 -13.65 23.21
C GLY C 192 3.23 -14.76 22.83
N PHE C 193 4.40 -14.43 22.27
CA PHE C 193 5.41 -15.41 21.90
C PHE C 193 6.67 -15.18 22.72
N ALA C 194 7.54 -16.19 22.71
CA ALA C 194 8.79 -16.13 23.46
C ALA C 194 9.91 -16.68 22.60
N ILE C 195 11.14 -16.23 22.88
CA ILE C 195 12.33 -16.65 22.17
C ILE C 195 13.15 -17.54 23.10
N LEU C 196 13.30 -18.80 22.73
CA LEU C 196 14.07 -19.77 23.49
C LEU C 196 15.46 -19.88 22.89
N LYS C 197 16.48 -19.86 23.75
CA LYS C 197 17.87 -19.85 23.34
C LYS C 197 18.62 -20.96 24.07
N CYS C 198 19.35 -21.77 23.31
CA CYS C 198 20.15 -22.87 23.85
C CYS C 198 21.54 -22.36 24.18
N LYS C 199 21.95 -22.52 25.44
CA LYS C 199 23.22 -21.99 25.92
C LYS C 199 24.31 -23.05 26.06
N ASP C 200 24.03 -24.30 25.68
CA ASP C 200 25.07 -25.32 25.72
C ASP C 200 26.11 -25.08 24.64
N LYS C 201 27.34 -25.52 24.92
CA LYS C 201 28.44 -25.31 23.99
C LYS C 201 28.69 -26.50 23.07
N LYS C 202 28.22 -27.69 23.44
CA LYS C 202 28.42 -28.90 22.65
C LYS C 202 27.18 -29.25 21.83
N PHE C 203 26.46 -28.21 21.37
CA PHE C 203 25.25 -28.38 20.58
C PHE C 203 25.64 -28.50 19.11
N ASN C 204 25.19 -29.57 18.46
CA ASN C 204 25.58 -29.86 17.08
C ASN C 204 24.49 -29.57 16.07
N GLY C 205 23.27 -29.26 16.50
CA GLY C 205 22.15 -29.16 15.58
C GLY C 205 20.94 -29.91 16.09
N THR C 206 20.51 -30.95 15.37
CA THR C 206 19.37 -31.75 15.81
C THR C 206 19.72 -32.45 17.12
N GLY C 207 19.16 -31.97 18.22
CA GLY C 207 19.45 -32.51 19.53
C GLY C 207 19.00 -31.59 20.64
N PRO C 208 18.45 -32.16 21.71
CA PRO C 208 17.91 -31.33 22.80
C PRO C 208 18.99 -30.56 23.54
N CYS C 209 18.62 -29.37 24.00
CA CYS C 209 19.45 -28.56 24.88
C CYS C 209 18.90 -28.57 26.30
N PRO C 210 19.53 -29.29 27.24
CA PRO C 210 19.07 -29.22 28.63
C PRO C 210 19.64 -28.03 29.39
N SER C 211 19.66 -26.86 28.75
CA SER C 211 20.04 -25.62 29.41
C SER C 211 19.27 -24.43 28.86
N VAL C 212 18.16 -24.67 28.16
CA VAL C 212 17.51 -23.61 27.40
C VAL C 212 17.02 -22.50 28.32
N SER C 213 17.26 -21.27 27.90
CA SER C 213 16.77 -20.08 28.59
C SER C 213 15.83 -19.32 27.67
N THR C 214 15.24 -18.24 28.19
CA THR C 214 14.40 -17.36 27.41
C THR C 214 15.08 -16.00 27.30
N VAL C 215 14.94 -15.37 26.14
CA VAL C 215 15.65 -14.13 25.84
C VAL C 215 14.66 -13.13 25.26
N GLN C 216 14.82 -11.85 25.61
CA GLN C 216 13.95 -10.81 25.09
C GLN C 216 13.90 -10.85 23.57
N CYS C 217 15.07 -10.81 22.93
CA CYS C 217 15.19 -11.07 21.50
C CYS C 217 16.66 -11.15 21.10
N THR C 218 16.88 -11.37 19.81
CA THR C 218 18.16 -11.79 19.27
C THR C 218 19.28 -10.81 19.62
N HIS C 219 20.51 -11.30 19.53
CA HIS C 219 21.67 -10.43 19.56
C HIS C 219 21.93 -9.89 18.15
N GLY C 220 22.73 -8.82 18.08
CA GLY C 220 23.01 -8.20 16.81
C GLY C 220 23.66 -9.13 15.81
N ILE C 221 23.04 -9.31 14.65
CA ILE C 221 23.57 -10.16 13.59
C ILE C 221 23.75 -9.29 12.35
N LYS C 222 24.97 -9.28 11.82
CA LYS C 222 25.28 -8.45 10.66
C LYS C 222 24.84 -9.16 9.39
N PRO C 223 24.02 -8.53 8.55
CA PRO C 223 23.61 -9.15 7.27
C PRO C 223 24.70 -9.08 6.22
N VAL C 224 25.79 -9.83 6.47
CA VAL C 224 26.92 -9.85 5.55
C VAL C 224 26.61 -10.81 4.39
N VAL C 225 27.35 -10.64 3.29
CA VAL C 225 27.20 -11.49 2.11
C VAL C 225 28.59 -11.93 1.67
N SER C 226 28.76 -13.24 1.49
CA SER C 226 30.01 -13.81 1.02
C SER C 226 29.73 -15.20 0.48
N THR C 227 30.78 -15.93 0.12
CA THR C 227 30.62 -17.26 -0.43
C THR C 227 31.88 -18.07 -0.14
N GLN C 228 31.68 -19.32 0.29
CA GLN C 228 32.73 -20.31 0.49
C GLN C 228 33.75 -19.89 1.54
N LEU C 229 33.54 -18.72 2.15
CA LEU C 229 34.35 -18.27 3.28
C LEU C 229 33.52 -17.24 4.03
N LEU C 230 33.04 -17.61 5.22
CA LEU C 230 32.18 -16.72 5.98
C LEU C 230 33.01 -15.59 6.59
N LEU C 231 32.68 -14.36 6.23
CA LEU C 231 33.33 -13.18 6.77
C LEU C 231 32.75 -12.85 8.14
N ASN C 232 32.94 -11.61 8.61
CA ASN C 232 32.67 -11.20 9.99
C ASN C 232 31.46 -11.90 10.59
N GLY C 233 31.64 -12.49 11.76
CA GLY C 233 30.56 -13.24 12.37
C GLY C 233 30.92 -13.68 13.77
N SER C 234 30.04 -14.49 14.35
CA SER C 234 30.21 -14.98 15.71
C SER C 234 30.95 -16.30 15.71
N LEU C 235 31.97 -16.41 16.56
CA LEU C 235 32.76 -17.63 16.66
C LEU C 235 32.08 -18.60 17.63
N ALA C 236 32.80 -19.67 17.99
CA ALA C 236 32.29 -20.67 18.91
C ALA C 236 33.33 -20.93 20.00
N GLU C 237 32.86 -21.48 21.11
CA GLU C 237 33.73 -21.74 22.25
C GLU C 237 34.40 -23.11 22.10
N GLU C 238 35.45 -23.31 22.91
CA GLU C 238 36.20 -24.56 22.96
C GLU C 238 36.90 -24.84 21.63
N GLU C 239 36.41 -25.82 20.88
CA GLU C 239 37.01 -26.24 19.62
C GLU C 239 36.09 -25.90 18.45
N VAL C 240 36.64 -26.07 17.25
CA VAL C 240 35.87 -25.83 16.04
C VAL C 240 34.73 -26.84 15.96
N MET C 241 33.56 -26.38 15.51
CA MET C 241 32.37 -27.20 15.50
C MET C 241 32.00 -27.57 14.08
N ILE C 242 31.48 -28.79 13.91
CA ILE C 242 31.10 -29.32 12.61
C ILE C 242 29.61 -29.62 12.66
N ARG C 243 28.83 -28.90 11.86
CA ARG C 243 27.39 -29.08 11.79
C ARG C 243 26.99 -29.47 10.38
N SER C 244 26.07 -30.43 10.28
CA SER C 244 25.61 -30.92 8.99
C SER C 244 24.16 -31.37 9.13
N GLU C 245 23.44 -31.35 8.01
CA GLU C 245 22.07 -31.86 8.01
C GLU C 245 22.06 -33.36 8.24
N ASN C 246 22.86 -34.09 7.47
CA ASN C 246 23.01 -35.53 7.65
C ASN C 246 24.37 -35.88 7.04
N ILE C 247 25.38 -36.04 7.88
CA ILE C 247 26.77 -36.17 7.39
C ILE C 247 26.97 -37.65 7.11
N THR C 248 26.39 -38.10 6.02
CA THR C 248 26.79 -39.33 5.34
C THR C 248 26.66 -39.16 3.83
N ASN C 249 26.10 -38.04 3.37
CA ASN C 249 25.73 -37.82 1.99
C ASN C 249 26.69 -36.84 1.34
N ASN C 250 26.77 -36.91 0.02
CA ASN C 250 27.64 -36.04 -0.77
C ASN C 250 26.96 -34.76 -1.21
N ALA C 251 25.68 -34.58 -0.90
CA ALA C 251 24.93 -33.41 -1.37
C ALA C 251 24.46 -32.55 -0.20
N LYS C 252 25.17 -32.58 0.92
CA LYS C 252 24.83 -31.79 2.09
C LYS C 252 26.06 -31.06 2.59
N ASN C 253 25.90 -29.76 2.86
CA ASN C 253 27.02 -28.94 3.25
C ASN C 253 27.51 -29.31 4.65
N ILE C 254 28.71 -28.85 4.98
CA ILE C 254 29.34 -29.08 6.28
C ILE C 254 29.73 -27.70 6.80
N LEU C 255 28.85 -27.08 7.59
CA LEU C 255 29.06 -25.71 8.04
C LEU C 255 30.06 -25.71 9.19
N VAL C 256 31.34 -25.65 8.86
CA VAL C 256 32.37 -25.58 9.89
C VAL C 256 32.31 -24.23 10.58
N GLN C 257 32.60 -24.21 11.87
CA GLN C 257 32.64 -22.98 12.65
C GLN C 257 33.95 -22.94 13.42
N PHE C 258 34.69 -21.84 13.27
CA PHE C 258 36.05 -21.72 13.77
C PHE C 258 36.05 -21.40 15.26
N ASN C 259 37.26 -21.31 15.83
CA ASN C 259 37.48 -20.93 17.21
C ASN C 259 38.19 -19.60 17.34
N THR C 260 39.31 -19.42 16.62
CA THR C 260 40.07 -18.17 16.59
C THR C 260 39.99 -17.56 15.20
N PRO C 261 39.82 -16.24 15.11
CA PRO C 261 39.71 -15.60 13.79
C PRO C 261 41.02 -15.71 13.02
N VAL C 262 40.89 -15.72 11.70
CA VAL C 262 42.02 -15.71 10.79
C VAL C 262 41.95 -14.39 10.02
N GLN C 263 42.78 -13.43 10.41
CA GLN C 263 42.70 -12.10 9.84
C GLN C 263 43.08 -12.12 8.36
N ILE C 264 42.30 -11.40 7.55
CA ILE C 264 42.55 -11.28 6.12
C ILE C 264 42.57 -9.82 5.75
N ASN C 265 43.63 -9.39 5.06
CA ASN C 265 43.78 -8.03 4.56
C ASN C 265 43.50 -8.02 3.06
N CYS C 266 43.05 -6.88 2.56
CA CYS C 266 43.33 -6.53 1.15
C CYS C 266 42.79 -5.17 0.79
N THR C 267 43.44 -4.58 -0.21
CA THR C 267 43.17 -3.25 -0.72
C THR C 267 43.12 -3.30 -2.24
N ARG C 268 42.56 -2.24 -2.82
CA ARG C 268 42.58 -2.10 -4.27
C ARG C 268 43.56 -0.99 -4.65
N PRO C 269 44.69 -1.29 -5.25
CA PRO C 269 45.61 -0.23 -5.67
C PRO C 269 45.06 0.56 -6.85
N ASN C 270 45.89 1.48 -7.38
CA ASN C 270 45.54 2.38 -8.48
C ASN C 270 44.55 3.45 -8.02
N ASN C 271 44.75 4.67 -8.50
CA ASN C 271 43.80 5.74 -8.24
C ASN C 271 42.50 5.48 -8.99
N ASN C 272 41.55 6.41 -8.82
CA ASN C 272 40.31 6.38 -9.58
C ASN C 272 39.74 7.79 -9.62
N THR C 273 39.16 8.15 -10.76
CA THR C 273 38.55 9.46 -10.96
C THR C 273 37.10 9.23 -11.38
N ARG C 274 36.17 9.61 -10.52
CA ARG C 274 34.74 9.43 -10.77
C ARG C 274 34.23 10.67 -11.49
N LYS C 275 34.17 10.61 -12.82
CA LYS C 275 33.62 11.71 -13.61
C LYS C 275 32.13 11.51 -13.77
N SER C 276 31.42 12.62 -13.97
CA SER C 276 29.97 12.61 -14.05
C SER C 276 29.52 13.21 -15.37
N ILE C 277 28.53 12.57 -16.00
CA ILE C 277 27.95 13.06 -17.24
C ILE C 277 26.44 13.07 -17.10
N ARG C 278 25.78 13.80 -17.99
CA ARG C 278 24.34 14.01 -17.92
C ARG C 278 23.63 13.18 -18.98
N ILE C 279 22.44 12.69 -18.62
CA ILE C 279 21.61 11.91 -19.52
C ILE C 279 20.39 12.70 -19.97
N GLY C 280 19.71 13.35 -19.03
CA GLY C 280 18.53 14.12 -19.35
C GLY C 280 18.15 15.04 -18.21
N PRO C 281 16.86 15.20 -17.98
CA PRO C 281 16.41 16.05 -16.87
C PRO C 281 16.68 15.41 -15.52
N GLY C 282 17.67 15.91 -14.81
CA GLY C 282 17.97 15.43 -13.46
C GLY C 282 18.95 14.28 -13.31
N GLN C 283 18.68 13.17 -13.98
CA GLN C 283 19.49 11.96 -13.81
C GLN C 283 20.91 12.18 -14.33
N ALA C 284 21.85 11.51 -13.67
CA ALA C 284 23.26 11.60 -14.01
C ALA C 284 23.87 10.20 -14.07
N PHE C 285 25.00 10.10 -14.76
CA PHE C 285 25.71 8.83 -14.94
C PHE C 285 27.14 9.02 -14.49
N TYR C 286 27.60 8.21 -13.53
CA TYR C 286 28.95 8.42 -12.93
C TYR C 286 29.93 7.43 -13.49
N ALA C 287 30.57 7.77 -14.58
CA ALA C 287 31.42 6.78 -15.25
C ALA C 287 32.80 6.87 -14.68
N THR C 288 33.73 6.10 -15.21
CA THR C 288 35.07 6.08 -14.58
C THR C 288 36.13 6.49 -15.59
N GLY C 289 36.94 7.47 -15.27
CA GLY C 289 37.88 8.01 -16.26
C GLY C 289 39.24 8.23 -15.64
N ASP C 290 40.28 7.78 -16.31
CA ASP C 290 41.65 8.31 -16.09
C ASP C 290 42.24 7.73 -14.80
N ILE C 291 42.97 6.62 -14.90
CA ILE C 291 43.62 5.99 -13.72
C ILE C 291 44.98 6.65 -13.57
N ILE C 292 45.21 7.37 -12.46
CA ILE C 292 46.48 8.12 -12.28
C ILE C 292 47.53 7.20 -11.65
N GLY C 293 48.81 7.25 -12.06
CA GLY C 293 49.73 6.38 -11.39
C GLY C 293 49.97 5.09 -12.14
N ASP C 294 50.28 4.02 -11.42
CA ASP C 294 50.58 2.73 -12.02
C ASP C 294 49.32 1.85 -12.01
N ILE C 295 49.41 0.74 -12.74
CA ILE C 295 48.30 -0.21 -12.88
C ILE C 295 48.75 -1.54 -12.28
N ARG C 296 48.02 -2.00 -11.27
CA ARG C 296 48.26 -3.30 -10.65
C ARG C 296 46.93 -4.01 -10.49
N GLN C 297 46.94 -5.14 -9.79
CA GLN C 297 45.74 -5.92 -9.53
C GLN C 297 45.50 -6.03 -8.04
N ALA C 298 44.22 -6.06 -7.65
CA ALA C 298 43.87 -6.19 -6.25
C ALA C 298 44.07 -7.62 -5.78
N HIS C 299 44.75 -7.78 -4.65
CA HIS C 299 45.06 -9.09 -4.10
C HIS C 299 44.81 -9.09 -2.60
N CYS C 300 44.45 -10.25 -2.07
CA CYS C 300 44.13 -10.37 -0.65
C CYS C 300 45.16 -11.25 0.05
N ASN C 301 45.63 -10.79 1.21
CA ASN C 301 46.68 -11.46 1.96
C ASN C 301 46.11 -12.14 3.20
N VAL C 302 46.61 -13.35 3.47
CA VAL C 302 46.35 -14.06 4.72
C VAL C 302 47.68 -14.55 5.27
N SER C 303 47.68 -14.85 6.57
CA SER C 303 48.90 -15.28 7.25
C SER C 303 49.01 -16.80 7.22
N LYS C 304 50.14 -17.29 6.72
CA LYS C 304 50.32 -18.73 6.56
C LYS C 304 50.40 -19.44 7.89
N ALA C 305 51.07 -18.83 8.87
CA ALA C 305 51.28 -19.47 10.17
C ALA C 305 49.98 -19.70 10.92
N THR C 306 48.92 -18.99 10.55
CA THR C 306 47.61 -19.20 11.13
C THR C 306 46.74 -20.17 10.33
N TRP C 307 46.81 -20.10 9.01
CA TRP C 307 46.02 -21.00 8.17
C TRP C 307 46.54 -22.44 8.17
N ASN C 308 47.82 -22.65 8.47
CA ASN C 308 48.28 -24.02 8.68
C ASN C 308 47.65 -24.62 9.92
N GLU C 309 47.74 -23.91 11.04
CA GLU C 309 47.23 -24.38 12.32
C GLU C 309 45.72 -24.53 12.36
N THR C 310 44.98 -23.59 11.77
CA THR C 310 43.52 -23.70 11.77
C THR C 310 43.06 -24.90 10.94
N LEU C 311 43.69 -25.13 9.80
CA LEU C 311 43.37 -26.33 9.02
C LEU C 311 43.73 -27.60 9.79
N GLY C 312 44.85 -27.58 10.50
CA GLY C 312 45.19 -28.73 11.32
C GLY C 312 44.14 -29.03 12.38
N LYS C 313 43.68 -28.00 13.08
CA LYS C 313 42.65 -28.20 14.09
C LYS C 313 41.35 -28.68 13.46
N VAL C 314 40.98 -28.11 12.31
CA VAL C 314 39.75 -28.53 11.65
C VAL C 314 39.82 -29.99 11.24
N VAL C 315 40.97 -30.43 10.71
CA VAL C 315 41.08 -31.83 10.31
C VAL C 315 41.09 -32.74 11.53
N LYS C 316 41.69 -32.30 12.63
CA LYS C 316 41.69 -33.12 13.85
C LYS C 316 40.27 -33.31 14.36
N GLN C 317 39.46 -32.26 14.32
CA GLN C 317 38.07 -32.40 14.75
C GLN C 317 37.25 -33.18 13.73
N LEU C 318 37.57 -33.08 12.45
CA LEU C 318 36.78 -33.72 11.41
C LEU C 318 37.01 -35.21 11.35
N ARG C 319 38.21 -35.67 11.75
CA ARG C 319 38.53 -37.09 11.64
C ARG C 319 37.65 -37.98 12.51
N LYS C 320 36.75 -37.38 13.31
CA LYS C 320 35.92 -38.17 14.20
C LYS C 320 34.91 -39.03 13.43
N HIS C 321 34.17 -38.43 12.50
CA HIS C 321 33.07 -39.12 11.86
C HIS C 321 33.49 -40.00 10.69
N PHE C 322 34.72 -39.84 10.19
CA PHE C 322 35.17 -40.56 8.99
C PHE C 322 36.27 -41.56 9.30
N GLY C 323 36.26 -42.14 10.50
CA GLY C 323 37.28 -43.07 10.89
C GLY C 323 38.59 -42.39 11.24
N ASN C 324 39.40 -43.11 12.03
CA ASN C 324 40.66 -42.53 12.49
C ASN C 324 41.76 -42.68 11.44
N ASN C 325 41.77 -43.78 10.70
CA ASN C 325 42.80 -44.05 9.71
C ASN C 325 42.26 -43.71 8.32
N THR C 326 42.30 -42.42 8.00
CA THR C 326 41.87 -41.91 6.71
C THR C 326 42.77 -40.76 6.29
N ILE C 327 42.92 -40.59 4.99
CA ILE C 327 43.75 -39.52 4.43
C ILE C 327 42.82 -38.41 3.98
N ILE C 328 42.66 -37.38 4.81
CA ILE C 328 41.85 -36.23 4.46
C ILE C 328 42.64 -35.35 3.51
N ARG C 329 42.03 -34.99 2.38
CA ARG C 329 42.68 -34.22 1.34
C ARG C 329 41.77 -33.09 0.89
N PHE C 330 42.29 -31.86 0.90
CA PHE C 330 41.54 -30.72 0.42
C PHE C 330 41.87 -30.46 -1.06
N ALA C 331 40.97 -29.75 -1.72
CA ALA C 331 41.20 -29.35 -3.10
C ALA C 331 40.43 -28.08 -3.41
N ASN C 332 40.84 -27.39 -4.47
CA ASN C 332 40.16 -26.17 -4.86
C ASN C 332 38.86 -26.50 -5.57
N SER C 333 38.01 -25.48 -5.72
CA SER C 333 36.74 -25.68 -6.42
C SER C 333 37.00 -26.09 -7.86
N SER C 334 36.10 -26.92 -8.39
CA SER C 334 36.36 -27.54 -9.68
C SER C 334 35.26 -27.30 -10.69
N GLY C 335 34.82 -26.05 -10.81
CA GLY C 335 33.86 -25.73 -11.85
C GLY C 335 32.49 -25.39 -11.28
N GLY C 336 31.79 -24.50 -11.97
CA GLY C 336 30.46 -24.11 -11.55
C GLY C 336 30.04 -22.78 -12.15
N ASP C 337 29.50 -21.91 -11.32
CA ASP C 337 29.13 -20.55 -11.72
C ASP C 337 30.07 -19.57 -11.04
N LEU C 338 30.27 -18.41 -11.66
CA LEU C 338 31.26 -17.45 -11.15
C LEU C 338 30.70 -16.66 -9.97
N GLU C 339 30.08 -17.41 -9.05
CA GLU C 339 29.75 -16.93 -7.72
C GLU C 339 30.07 -17.96 -6.65
N VAL C 340 30.13 -19.25 -6.99
CA VAL C 340 30.44 -20.31 -6.05
C VAL C 340 31.91 -20.65 -6.04
N THR C 341 32.54 -20.64 -7.21
CA THR C 341 33.95 -21.00 -7.33
C THR C 341 34.90 -19.92 -6.80
N THR C 342 34.41 -18.74 -6.47
CA THR C 342 35.26 -17.63 -6.09
C THR C 342 34.66 -16.86 -4.92
N HIS C 343 35.52 -16.15 -4.20
CA HIS C 343 35.10 -15.31 -3.09
C HIS C 343 34.20 -14.18 -3.58
N SER C 344 33.41 -13.63 -2.66
CA SER C 344 32.34 -12.70 -3.01
C SER C 344 32.29 -11.50 -2.06
N PHE C 345 33.42 -10.82 -1.88
CA PHE C 345 33.47 -9.69 -0.97
C PHE C 345 32.45 -8.60 -1.33
N ASN C 346 32.28 -7.68 -0.39
CA ASN C 346 31.51 -6.45 -0.57
C ASN C 346 32.26 -5.29 0.06
N CYS C 347 33.58 -5.26 -0.11
CA CYS C 347 34.44 -4.34 0.63
C CYS C 347 34.29 -2.93 0.10
N GLY C 348 33.67 -2.06 0.90
CA GLY C 348 33.66 -0.63 0.62
C GLY C 348 33.02 -0.22 -0.69
N GLY C 349 31.92 -0.87 -1.07
CA GLY C 349 31.21 -0.50 -2.27
C GLY C 349 31.79 -1.01 -3.57
N GLU C 350 32.86 -1.80 -3.52
CA GLU C 350 33.44 -2.40 -4.72
C GLU C 350 33.51 -3.90 -4.51
N PHE C 351 33.07 -4.66 -5.51
CA PHE C 351 32.83 -6.09 -5.38
C PHE C 351 34.02 -6.86 -5.96
N PHE C 352 34.63 -7.70 -5.12
CA PHE C 352 35.76 -8.51 -5.52
C PHE C 352 35.31 -9.93 -5.83
N TYR C 353 36.14 -10.63 -6.61
CA TYR C 353 35.87 -12.01 -6.99
C TYR C 353 37.14 -12.84 -6.88
N CYS C 354 37.81 -12.75 -5.73
CA CYS C 354 39.12 -13.33 -5.51
C CYS C 354 39.13 -14.83 -5.80
N ASN C 355 40.32 -15.36 -6.07
CA ASN C 355 40.52 -16.70 -6.63
C ASN C 355 41.18 -17.52 -5.53
N THR C 356 40.37 -18.19 -4.70
CA THR C 356 40.89 -18.91 -3.53
C THR C 356 41.30 -20.32 -3.96
N SER C 357 42.54 -20.45 -4.42
CA SER C 357 43.13 -21.74 -4.75
C SER C 357 44.49 -21.97 -4.11
N GLY C 358 45.09 -20.96 -3.49
CA GLY C 358 46.31 -21.13 -2.75
C GLY C 358 46.13 -21.59 -1.31
N LEU C 359 44.89 -21.79 -0.87
CA LEU C 359 44.60 -22.23 0.49
C LEU C 359 44.22 -23.71 0.55
N PHE C 360 43.24 -24.12 -0.26
CA PHE C 360 42.75 -25.50 -0.29
C PHE C 360 43.65 -26.34 -1.19
N ASN C 361 44.87 -26.54 -0.70
CA ASN C 361 45.94 -27.20 -1.42
C ASN C 361 46.79 -27.89 -0.37
N SER C 362 46.45 -29.15 -0.08
CA SER C 362 47.12 -29.88 0.98
C SER C 362 46.75 -31.35 0.90
N THR C 363 47.47 -32.14 1.69
CA THR C 363 47.11 -33.52 1.98
C THR C 363 47.57 -33.81 3.41
N TRP C 364 46.75 -34.54 4.16
CA TRP C 364 47.00 -34.81 5.57
C TRP C 364 47.01 -36.31 5.82
N ILE C 365 48.06 -36.81 6.46
CA ILE C 365 48.19 -38.21 6.79
C ILE C 365 47.83 -38.41 8.25
N SER C 366 47.42 -39.63 8.60
CA SER C 366 46.97 -39.93 9.95
C SER C 366 48.12 -39.95 10.96
N ASN C 367 49.35 -40.14 10.50
CA ASN C 367 50.49 -40.21 11.41
C ASN C 367 51.67 -39.39 10.89
N ASN C 379 58.69 -13.07 7.71
CA ASN C 379 57.42 -13.79 7.79
C ASN C 379 56.80 -13.95 6.41
N ASP C 380 56.12 -15.06 6.19
CA ASP C 380 55.53 -15.39 4.89
C ASP C 380 54.01 -15.29 4.96
N SER C 381 53.42 -14.85 3.85
CA SER C 381 51.98 -14.71 3.74
C SER C 381 51.52 -15.27 2.40
N ILE C 382 50.26 -15.70 2.36
CA ILE C 382 49.64 -16.20 1.14
C ILE C 382 48.86 -15.08 0.49
N THR C 383 49.04 -14.92 -0.82
CA THR C 383 48.35 -13.91 -1.61
C THR C 383 47.37 -14.57 -2.55
N LEU C 384 46.20 -13.94 -2.70
CA LEU C 384 45.15 -14.43 -3.60
C LEU C 384 44.84 -13.33 -4.60
N PRO C 385 45.06 -13.56 -5.89
CA PRO C 385 44.66 -12.56 -6.90
C PRO C 385 43.15 -12.41 -6.94
N CYS C 386 42.70 -11.22 -7.32
CA CYS C 386 41.28 -10.92 -7.38
C CYS C 386 40.97 -10.19 -8.68
N ARG C 387 39.68 -10.10 -8.98
CA ARG C 387 39.17 -9.33 -10.10
C ARG C 387 37.96 -8.54 -9.62
N ILE C 388 37.67 -7.45 -10.33
CA ILE C 388 36.60 -6.53 -9.97
C ILE C 388 35.54 -6.54 -11.05
N LYS C 389 34.28 -6.58 -10.64
CA LYS C 389 33.15 -6.53 -11.54
C LYS C 389 32.18 -5.47 -11.08
N GLN C 390 31.55 -4.77 -12.02
CA GLN C 390 30.61 -3.71 -11.72
C GLN C 390 29.15 -4.11 -11.95
N ILE C 391 28.87 -4.81 -13.04
CA ILE C 391 27.50 -5.26 -13.32
C ILE C 391 27.24 -6.52 -12.51
N ILE C 392 26.69 -6.36 -11.31
CA ILE C 392 26.51 -7.47 -10.41
C ILE C 392 25.05 -7.92 -10.44
N ASN C 393 24.81 -9.13 -9.95
CA ASN C 393 23.47 -9.73 -9.94
C ASN C 393 23.21 -10.46 -8.63
N MET C 394 23.55 -9.84 -7.51
CA MET C 394 23.37 -10.49 -6.21
C MET C 394 21.88 -10.67 -5.92
N TRP C 395 21.61 -11.43 -4.86
CA TRP C 395 20.27 -11.96 -4.59
C TRP C 395 19.74 -12.67 -5.84
N GLN C 396 20.44 -13.76 -6.14
CA GLN C 396 20.41 -14.39 -7.45
C GLN C 396 19.00 -14.54 -7.99
N ARG C 397 18.75 -13.87 -9.11
CA ARG C 397 17.45 -13.84 -9.77
C ARG C 397 17.70 -13.74 -11.27
N ILE C 398 16.66 -13.40 -12.03
CA ILE C 398 16.81 -13.14 -13.46
C ILE C 398 15.98 -11.90 -13.79
N GLY C 399 16.60 -10.94 -14.44
CA GLY C 399 15.94 -9.71 -14.83
C GLY C 399 16.34 -8.46 -14.07
N GLN C 400 17.39 -8.50 -13.26
CA GLN C 400 17.85 -7.31 -12.54
C GLN C 400 19.36 -7.24 -12.61
N CYS C 401 19.88 -6.02 -12.49
CA CYS C 401 21.30 -5.78 -12.34
C CYS C 401 21.47 -4.45 -11.60
N MET C 402 22.64 -4.24 -11.02
CA MET C 402 22.83 -3.13 -10.09
C MET C 402 24.13 -2.38 -10.36
N TYR C 403 24.32 -1.86 -11.57
CA TYR C 403 25.57 -1.20 -11.94
C TYR C 403 26.06 -0.30 -10.81
N ALA C 404 27.20 -0.65 -10.23
CA ALA C 404 27.70 0.00 -9.04
C ALA C 404 28.61 1.16 -9.42
N PRO C 405 28.33 2.38 -8.96
CA PRO C 405 29.13 3.52 -9.39
C PRO C 405 30.57 3.37 -8.94
N PRO C 406 31.53 3.84 -9.74
CA PRO C 406 32.92 3.81 -9.30
C PRO C 406 33.13 4.72 -8.10
N ILE C 407 34.11 4.35 -7.28
CA ILE C 407 34.42 5.08 -6.04
C ILE C 407 35.86 5.54 -6.09
N GLN C 408 36.15 6.64 -5.41
CA GLN C 408 37.43 7.32 -5.54
C GLN C 408 38.46 6.74 -4.60
N GLY C 409 39.73 6.97 -4.93
CA GLY C 409 40.83 6.60 -4.07
C GLY C 409 41.09 5.10 -4.02
N VAL C 410 41.90 4.72 -3.03
CA VAL C 410 42.25 3.34 -2.77
C VAL C 410 41.57 2.91 -1.48
N ILE C 411 40.98 1.72 -1.50
CA ILE C 411 40.21 1.20 -0.38
C ILE C 411 40.91 -0.01 0.21
N ARG C 412 40.90 -0.10 1.54
CA ARG C 412 41.47 -1.22 2.28
C ARG C 412 40.41 -1.83 3.17
N CYS C 413 40.49 -3.15 3.37
CA CYS C 413 39.58 -3.86 4.25
C CYS C 413 40.36 -4.91 5.03
N VAL C 414 40.00 -5.06 6.30
CA VAL C 414 40.58 -6.06 7.18
C VAL C 414 39.43 -6.80 7.86
N SER C 415 39.40 -8.12 7.72
CA SER C 415 38.22 -8.87 8.14
C SER C 415 38.62 -10.19 8.78
N ASN C 416 37.62 -10.88 9.31
CA ASN C 416 37.78 -12.07 10.13
C ASN C 416 37.17 -13.26 9.40
N ILE C 417 37.99 -14.28 9.12
CA ILE C 417 37.50 -15.48 8.42
C ILE C 417 37.06 -16.47 9.49
N THR C 418 35.84 -16.29 9.97
CA THR C 418 35.26 -17.19 10.97
C THR C 418 34.23 -18.13 10.33
N GLY C 419 34.70 -19.01 9.47
CA GLY C 419 33.82 -20.02 8.91
C GLY C 419 34.41 -20.72 7.71
N LEU C 420 33.63 -21.66 7.19
CA LEU C 420 33.96 -22.46 6.02
C LEU C 420 32.72 -23.26 5.62
N ILE C 421 32.55 -23.49 4.32
CA ILE C 421 31.36 -24.16 3.81
C ILE C 421 31.76 -25.38 2.98
N LEU C 422 32.81 -26.08 3.40
CA LEU C 422 33.30 -27.25 2.66
C LEU C 422 32.17 -28.22 2.31
N THR C 423 32.38 -28.97 1.23
CA THR C 423 31.49 -30.06 0.84
C THR C 423 32.35 -31.23 0.39
N ARG C 424 31.74 -32.40 0.33
CA ARG C 424 32.45 -33.65 0.07
C ARG C 424 32.27 -34.09 -1.39
N ASP C 425 33.20 -34.93 -1.84
CA ASP C 425 33.07 -35.61 -3.13
C ASP C 425 32.61 -37.05 -2.95
N GLY C 426 33.38 -37.84 -2.19
CA GLY C 426 33.04 -39.22 -1.86
C GLY C 426 32.52 -40.07 -3.00
N GLY C 427 31.62 -40.99 -2.68
CA GLY C 427 30.93 -41.78 -3.67
C GLY C 427 31.69 -42.95 -4.25
N SER C 428 33.02 -42.92 -4.21
CA SER C 428 33.83 -43.97 -4.84
C SER C 428 33.93 -45.18 -3.91
N THR C 429 32.78 -45.82 -3.69
CA THR C 429 32.66 -47.02 -2.86
C THR C 429 33.25 -46.74 -1.48
N ASN C 430 33.85 -47.74 -0.85
CA ASN C 430 34.53 -47.57 0.42
C ASN C 430 36.03 -47.55 0.17
N SER C 431 36.71 -46.56 0.74
CA SER C 431 38.15 -46.39 0.63
C SER C 431 38.56 -45.30 1.61
N THR C 432 39.84 -44.94 1.59
CA THR C 432 40.34 -43.82 2.39
C THR C 432 41.06 -42.86 1.46
N THR C 433 40.29 -42.04 0.76
CA THR C 433 40.81 -40.92 -0.02
C THR C 433 39.84 -39.75 0.03
N GLU C 434 39.31 -39.46 1.22
CA GLU C 434 38.27 -38.43 1.32
C GLU C 434 38.81 -37.07 0.92
N THR C 435 38.08 -36.39 0.03
CA THR C 435 38.46 -35.09 -0.47
C THR C 435 37.37 -34.08 -0.17
N PHE C 436 37.78 -32.86 0.17
CA PHE C 436 36.88 -31.77 0.52
C PHE C 436 37.14 -30.59 -0.39
N ARG C 437 36.07 -30.01 -0.92
CA ARG C 437 36.19 -28.85 -1.80
C ARG C 437 35.21 -27.77 -1.34
N PRO C 438 35.59 -26.50 -1.40
CA PRO C 438 34.66 -25.43 -1.06
C PRO C 438 33.50 -25.39 -2.04
N GLY C 439 32.35 -24.96 -1.54
CA GLY C 439 31.16 -24.90 -2.38
C GLY C 439 30.01 -24.17 -1.72
N GLY C 440 29.33 -23.32 -2.50
CA GLY C 440 28.21 -22.58 -1.99
C GLY C 440 26.88 -23.07 -2.52
N GLY C 441 26.14 -22.20 -3.17
CA GLY C 441 24.81 -22.54 -3.67
C GLY C 441 23.79 -21.51 -3.27
N ASP C 442 22.77 -21.92 -2.53
CA ASP C 442 21.80 -20.98 -2.00
C ASP C 442 22.45 -20.12 -0.92
N MET C 443 22.13 -18.82 -0.93
CA MET C 443 22.68 -17.92 0.06
C MET C 443 21.83 -17.98 1.33
N ARG C 444 21.66 -19.19 1.86
CA ARG C 444 20.93 -19.40 3.10
C ARG C 444 21.78 -20.02 4.19
N ASP C 445 23.02 -20.39 3.89
CA ASP C 445 23.95 -20.89 4.90
C ASP C 445 24.77 -19.78 5.53
N ASN C 446 24.64 -18.54 5.05
CA ASN C 446 25.24 -17.39 5.72
C ASN C 446 24.37 -16.87 6.85
N TRP C 447 23.14 -17.36 6.98
CA TRP C 447 22.25 -16.99 8.08
C TRP C 447 21.84 -18.18 8.93
N ARG C 448 22.11 -19.40 8.49
CA ARG C 448 21.94 -20.57 9.34
C ARG C 448 23.14 -20.80 10.23
N SER C 449 24.16 -19.93 10.15
CA SER C 449 25.31 -19.98 11.03
C SER C 449 25.26 -18.92 12.12
N GLU C 450 24.19 -18.11 12.16
CA GLU C 450 24.00 -17.13 13.22
C GLU C 450 22.67 -17.27 13.95
N LEU C 451 21.70 -17.99 13.37
CA LEU C 451 20.39 -18.21 13.98
C LEU C 451 20.20 -19.69 14.28
N TYR C 452 21.22 -20.34 14.82
CA TYR C 452 21.14 -21.78 15.05
C TYR C 452 20.65 -22.13 16.45
N LYS C 453 21.06 -21.38 17.46
CA LYS C 453 20.61 -21.64 18.83
C LYS C 453 19.41 -20.80 19.20
N TYR C 454 18.39 -20.73 18.36
CA TYR C 454 17.19 -19.96 18.66
C TYR C 454 15.95 -20.72 18.21
N LYS C 455 14.84 -20.46 18.88
CA LYS C 455 13.54 -20.95 18.44
C LYS C 455 12.46 -20.03 19.00
N VAL C 456 11.28 -20.09 18.39
CA VAL C 456 10.16 -19.24 18.76
C VAL C 456 9.02 -20.12 19.23
N VAL C 457 8.47 -19.82 20.40
CA VAL C 457 7.43 -20.64 21.03
C VAL C 457 6.21 -19.78 21.30
N LYS C 458 5.03 -20.36 21.14
CA LYS C 458 3.76 -19.68 21.40
C LYS C 458 3.23 -20.14 22.76
N ILE C 459 2.97 -19.19 23.64
CA ILE C 459 2.51 -19.49 24.99
C ILE C 459 1.01 -19.76 24.94
N GLU C 460 0.59 -20.92 25.44
CA GLU C 460 -0.82 -21.25 25.59
C GLU C 460 -1.14 -21.34 27.07
N PRO C 461 -1.77 -20.33 27.67
CA PRO C 461 -1.81 -20.22 29.13
C PRO C 461 -2.89 -21.06 29.81
N LEU C 462 -4.02 -21.28 29.15
CA LEU C 462 -5.15 -21.92 29.81
C LEU C 462 -4.85 -23.38 30.10
N GLY C 463 -5.23 -23.84 31.29
CA GLY C 463 -4.98 -25.21 31.68
C GLY C 463 -6.08 -25.74 32.59
N VAL C 464 -6.10 -27.05 32.75
CA VAL C 464 -7.12 -27.75 33.52
C VAL C 464 -6.44 -28.74 34.46
N ALA C 465 -6.83 -28.73 35.73
CA ALA C 465 -6.24 -29.64 36.71
C ALA C 465 -7.30 -30.10 37.70
N PRO C 466 -7.14 -31.29 38.28
CA PRO C 466 -8.10 -31.76 39.28
C PRO C 466 -7.71 -31.40 40.70
N THR C 467 -8.71 -31.04 41.50
CA THR C 467 -8.48 -30.73 42.91
C THR C 467 -9.81 -30.90 43.67
N ARG C 468 -9.84 -30.41 44.91
CA ARG C 468 -10.98 -30.58 45.80
C ARG C 468 -11.94 -29.39 45.79
N CYS C 469 -11.82 -28.50 44.81
CA CYS C 469 -12.73 -27.36 44.74
C CYS C 469 -14.16 -27.83 44.48
N LYS C 470 -15.14 -27.07 44.96
CA LYS C 470 -16.54 -27.48 44.87
C LYS C 470 -17.47 -26.43 44.25
N ARG C 471 -17.20 -25.13 44.42
CA ARG C 471 -18.11 -24.08 43.96
C ARG C 471 -19.48 -24.22 44.62
N ARG C 472 -19.50 -24.01 45.94
CA ARG C 472 -20.75 -24.05 46.67
C ARG C 472 -21.70 -22.96 46.18
N VAL C 473 -22.98 -23.32 46.02
CA VAL C 473 -23.97 -22.39 45.51
C VAL C 473 -24.63 -21.62 46.66
N PHE D 8 11.76 -16.84 42.29
CA PHE D 8 12.35 -16.10 41.17
C PHE D 8 11.30 -15.46 40.29
N LEU D 9 11.48 -14.17 40.03
CA LEU D 9 10.58 -13.41 39.16
C LEU D 9 10.96 -13.62 37.70
N GLY D 10 10.39 -12.81 36.82
CA GLY D 10 10.68 -12.93 35.40
C GLY D 10 9.61 -13.70 34.66
N PHE D 11 9.25 -13.23 33.47
CA PHE D 11 8.20 -13.88 32.69
C PHE D 11 8.62 -15.29 32.31
N LEU D 12 7.68 -16.23 32.42
CA LEU D 12 7.89 -17.62 32.06
C LEU D 12 9.13 -18.17 32.77
N GLY D 13 9.25 -17.85 34.05
CA GLY D 13 10.42 -18.23 34.81
C GLY D 13 10.29 -19.47 35.65
N ALA D 14 9.09 -20.02 35.79
CA ALA D 14 8.86 -21.18 36.65
C ALA D 14 8.41 -22.40 35.86
N ALA D 15 8.71 -22.44 34.56
CA ALA D 15 8.34 -23.60 33.76
C ALA D 15 9.01 -24.87 34.23
N GLY D 16 10.12 -24.76 34.94
CA GLY D 16 10.78 -25.93 35.49
C GLY D 16 10.34 -26.25 36.90
N SER D 17 9.68 -25.30 37.55
CA SER D 17 9.19 -25.52 38.90
C SER D 17 8.04 -26.52 38.91
N THR D 18 7.81 -27.11 40.08
CA THR D 18 6.79 -28.13 40.23
C THR D 18 5.40 -27.52 40.14
N MET D 19 4.39 -28.40 40.06
CA MET D 19 3.01 -27.95 39.90
C MET D 19 2.57 -27.10 41.10
N GLY D 20 2.93 -27.52 42.30
CA GLY D 20 2.45 -26.84 43.50
C GLY D 20 2.94 -25.41 43.60
N ALA D 21 4.23 -25.18 43.34
CA ALA D 21 4.80 -23.84 43.45
C ALA D 21 4.60 -23.00 42.21
N ALA D 22 4.11 -23.59 41.10
CA ALA D 22 3.88 -22.81 39.89
C ALA D 22 2.63 -21.95 40.00
N SER D 23 1.66 -22.36 40.81
CA SER D 23 0.42 -21.61 40.94
C SER D 23 0.59 -20.46 41.94
N MET D 24 1.61 -19.64 41.72
CA MET D 24 1.85 -18.41 42.46
C MET D 24 2.14 -17.24 41.55
N THR D 25 2.82 -17.48 40.43
CA THR D 25 3.19 -16.44 39.47
C THR D 25 2.28 -16.42 38.26
N LEU D 26 0.99 -16.71 38.46
CA LEU D 26 0.06 -16.70 37.34
C LEU D 26 -0.07 -15.30 36.74
N THR D 27 -0.01 -14.27 37.58
CA THR D 27 -0.11 -12.91 37.08
C THR D 27 1.07 -12.54 36.19
N VAL D 28 2.26 -13.07 36.47
CA VAL D 28 3.44 -12.74 35.67
C VAL D 28 3.26 -13.21 34.25
N GLN D 29 2.77 -14.45 34.07
CA GLN D 29 2.50 -14.97 32.74
C GLN D 29 1.22 -14.40 32.14
N ALA D 30 0.30 -13.89 32.96
CA ALA D 30 -0.95 -13.34 32.47
C ALA D 30 -0.86 -11.85 32.12
N ARG D 31 0.22 -11.18 32.51
CA ARG D 31 0.38 -9.75 32.26
C ARG D 31 1.21 -9.44 31.03
N ASN D 32 1.61 -10.44 30.26
CA ASN D 32 2.46 -10.25 29.09
C ASN D 32 1.77 -10.88 27.87
N LEU D 33 0.49 -10.57 27.70
CA LEU D 33 -0.24 -10.98 26.51
C LEU D 33 -0.77 -9.80 25.71
N LEU D 34 -0.55 -8.57 26.19
CA LEU D 34 -1.02 -7.37 25.51
C LEU D 34 0.05 -6.28 25.55
N SER D 35 1.30 -6.66 25.27
CA SER D 35 2.40 -5.70 25.31
C SER D 35 2.20 -4.62 24.25
N GLY D 36 2.62 -3.41 24.59
CA GLY D 36 2.49 -2.27 23.69
C GLY D 36 3.37 -1.10 24.08
N LEU D 57 2.81 -0.68 2.43
CA LEU D 57 3.55 0.57 2.52
C LEU D 57 5.05 0.33 2.58
N THR D 58 5.50 -0.27 3.67
CA THR D 58 6.92 -0.51 3.88
C THR D 58 7.08 -1.78 4.70
N VAL D 59 8.25 -2.43 4.54
CA VAL D 59 8.64 -3.47 5.49
C VAL D 59 8.79 -2.83 6.86
N TRP D 60 8.40 -3.56 7.90
CA TRP D 60 8.17 -3.03 9.24
C TRP D 60 7.05 -1.99 9.25
N GLY D 61 6.13 -2.08 8.28
CA GLY D 61 4.96 -1.23 8.25
C GLY D 61 3.69 -2.05 8.24
N ILE D 62 3.80 -3.30 7.78
CA ILE D 62 2.72 -4.26 7.86
C ILE D 62 3.05 -5.44 8.76
N LYS D 63 4.33 -5.79 8.90
CA LYS D 63 4.73 -6.87 9.78
C LYS D 63 4.51 -6.56 11.25
N GLN D 64 4.21 -5.30 11.58
CA GLN D 64 3.80 -4.92 12.94
C GLN D 64 2.29 -4.94 13.08
N LEU D 65 1.58 -4.41 12.08
CA LEU D 65 0.13 -4.31 12.14
C LEU D 65 -0.55 -5.65 11.96
N GLN D 66 0.13 -6.63 11.35
CA GLN D 66 -0.44 -7.96 11.21
C GLN D 66 -0.31 -8.78 12.48
N ALA D 67 0.56 -8.36 13.40
CA ALA D 67 0.69 -9.02 14.70
C ALA D 67 -0.07 -8.32 15.81
N ARG D 68 -0.13 -6.98 15.77
CA ARG D 68 -0.83 -6.24 16.82
C ARG D 68 -2.34 -6.46 16.77
N VAL D 69 -2.87 -7.04 15.69
CA VAL D 69 -4.27 -7.41 15.61
C VAL D 69 -4.48 -8.86 16.05
N LEU D 70 -3.59 -9.76 15.63
CA LEU D 70 -3.71 -11.15 16.01
C LEU D 70 -3.56 -11.34 17.51
N ALA D 71 -2.69 -10.54 18.14
CA ALA D 71 -2.51 -10.66 19.59
C ALA D 71 -3.82 -10.37 20.32
N VAL D 72 -4.49 -9.27 19.98
CA VAL D 72 -5.74 -8.94 20.65
C VAL D 72 -6.83 -9.93 20.26
N GLU D 73 -6.82 -10.43 19.03
CA GLU D 73 -7.83 -11.42 18.64
C GLU D 73 -7.66 -12.74 19.36
N ARG D 74 -6.44 -13.07 19.80
CA ARG D 74 -6.25 -14.27 20.61
C ARG D 74 -6.62 -14.01 22.06
N TYR D 75 -6.20 -12.88 22.62
CA TYR D 75 -6.51 -12.60 24.01
C TYR D 75 -8.01 -12.48 24.25
N LEU D 76 -8.71 -11.80 23.35
CA LEU D 76 -10.16 -11.65 23.49
C LEU D 76 -10.86 -13.00 23.43
N ARG D 77 -10.40 -13.89 22.54
CA ARG D 77 -10.98 -15.22 22.46
C ARG D 77 -10.75 -16.00 23.75
N ASP D 78 -9.55 -15.90 24.32
CA ASP D 78 -9.30 -16.57 25.59
C ASP D 78 -10.21 -16.05 26.68
N GLN D 79 -10.39 -14.72 26.75
CA GLN D 79 -11.27 -14.15 27.76
C GLN D 79 -12.72 -14.60 27.55
N GLN D 80 -13.18 -14.64 26.30
CA GLN D 80 -14.54 -15.09 26.04
C GLN D 80 -14.73 -16.54 26.43
N LEU D 81 -13.73 -17.38 26.16
CA LEU D 81 -13.81 -18.78 26.57
C LEU D 81 -13.88 -18.90 28.08
N LEU D 82 -13.07 -18.11 28.80
CA LEU D 82 -13.15 -18.13 30.25
C LEU D 82 -14.47 -17.57 30.76
N GLY D 83 -15.11 -16.70 29.99
CA GLY D 83 -16.35 -16.08 30.43
C GLY D 83 -17.61 -16.86 30.13
N ILE D 84 -17.58 -17.72 29.11
CA ILE D 84 -18.73 -18.57 28.82
C ILE D 84 -18.99 -19.50 29.98
N TRP D 85 -17.96 -20.20 30.44
CA TRP D 85 -18.02 -20.83 31.75
C TRP D 85 -18.01 -19.72 32.80
N GLY D 86 -18.52 -20.04 33.99
CA GLY D 86 -18.55 -18.97 34.96
C GLY D 86 -17.27 -18.88 35.76
N CYS D 87 -16.34 -18.07 35.29
CA CYS D 87 -15.21 -17.67 36.12
C CYS D 87 -15.20 -16.15 36.25
N SER D 88 -15.00 -15.47 35.11
CA SER D 88 -15.12 -14.02 35.00
C SER D 88 -14.10 -13.29 35.86
N GLY D 89 -13.34 -14.02 36.68
CA GLY D 89 -12.37 -13.43 37.57
C GLY D 89 -10.96 -13.53 37.04
N LYS D 90 -10.58 -14.76 36.65
CA LYS D 90 -9.37 -15.17 35.92
C LYS D 90 -8.66 -16.30 36.66
N LEU D 91 -7.76 -15.94 37.56
CA LEU D 91 -6.84 -16.89 38.16
C LEU D 91 -7.56 -17.85 39.11
N ILE D 92 -7.04 -19.07 39.18
CA ILE D 92 -7.47 -20.13 40.10
C ILE D 92 -8.98 -20.15 40.26
N CYS D 93 -9.69 -20.62 39.22
CA CYS D 93 -11.14 -20.66 39.22
C CYS D 93 -11.72 -21.85 39.97
N CYS D 94 -13.02 -22.07 39.78
CA CYS D 94 -13.75 -23.18 40.38
C CYS D 94 -14.98 -23.57 39.56
N THR D 95 -15.27 -24.86 39.47
CA THR D 95 -16.37 -25.31 38.63
C THR D 95 -16.77 -26.73 39.01
N ASN D 96 -17.92 -27.14 38.46
CA ASN D 96 -18.53 -28.46 38.62
C ASN D 96 -17.95 -29.47 37.64
N VAL D 97 -18.70 -30.53 37.36
CA VAL D 97 -18.36 -31.67 36.49
C VAL D 97 -17.14 -32.39 37.04
N PRO D 98 -17.33 -33.19 38.11
CA PRO D 98 -16.21 -33.88 38.75
C PRO D 98 -15.39 -34.72 37.78
N TRP D 99 -14.19 -35.08 38.24
CA TRP D 99 -13.22 -35.78 37.41
C TRP D 99 -13.72 -37.15 37.02
N ASN D 100 -13.37 -37.57 35.81
CA ASN D 100 -13.67 -38.90 35.29
C ASN D 100 -12.40 -39.73 35.31
N SER D 101 -12.49 -40.94 35.89
CA SER D 101 -11.32 -41.78 36.06
C SER D 101 -10.72 -42.27 34.75
N SER D 102 -11.45 -42.16 33.63
CA SER D 102 -10.91 -42.60 32.36
C SER D 102 -9.77 -41.70 31.89
N TRP D 103 -9.88 -40.40 32.14
CA TRP D 103 -8.85 -39.47 31.68
C TRP D 103 -7.51 -39.72 32.36
N SER D 104 -7.53 -39.94 33.68
CA SER D 104 -6.30 -40.17 34.42
C SER D 104 -6.60 -41.03 35.63
N ASN D 105 -5.57 -41.72 36.13
CA ASN D 105 -5.73 -42.59 37.30
C ASN D 105 -4.40 -42.58 38.05
N ARG D 106 -4.30 -41.69 39.05
CA ARG D 106 -3.12 -41.60 39.89
C ARG D 106 -3.48 -40.86 41.16
N ASN D 107 -2.55 -40.87 42.11
CA ASN D 107 -2.75 -40.19 43.39
C ASN D 107 -2.75 -38.68 43.20
N LEU D 108 -3.39 -38.00 44.16
CA LEU D 108 -3.44 -36.54 44.10
C LEU D 108 -2.05 -35.93 44.31
N SER D 109 -1.27 -36.47 45.27
CA SER D 109 0.09 -36.01 45.45
C SER D 109 0.99 -36.38 44.29
N GLU D 110 0.60 -37.39 43.50
CA GLU D 110 1.34 -37.74 42.29
C GLU D 110 1.30 -36.62 41.25
N ILE D 111 0.33 -35.72 41.34
CA ILE D 111 0.14 -34.69 40.34
C ILE D 111 0.74 -33.35 40.77
N TRP D 112 0.55 -32.96 42.03
CA TRP D 112 0.83 -31.61 42.47
C TRP D 112 2.22 -31.42 43.08
N ASP D 113 3.04 -32.47 43.15
CA ASP D 113 4.32 -32.35 43.82
C ASP D 113 5.48 -32.99 43.09
N ASN D 114 5.27 -33.62 41.93
CA ASN D 114 6.37 -34.18 41.15
C ASN D 114 6.34 -33.83 39.68
N MET D 115 5.20 -33.49 39.11
CA MET D 115 5.12 -33.21 37.68
C MET D 115 5.33 -31.73 37.41
N THR D 116 5.33 -31.39 36.12
CA THR D 116 5.44 -30.02 35.65
C THR D 116 4.32 -29.76 34.64
N TRP D 117 4.02 -28.48 34.44
CA TRP D 117 2.92 -28.13 33.55
C TRP D 117 3.16 -28.63 32.13
N LEU D 118 4.39 -28.48 31.63
CA LEU D 118 4.73 -29.05 30.33
C LEU D 118 4.55 -30.56 30.33
N GLN D 119 5.01 -31.22 31.39
CA GLN D 119 4.81 -32.65 31.51
C GLN D 119 3.33 -32.99 31.61
N TRP D 120 2.56 -32.20 32.37
CA TRP D 120 1.15 -32.47 32.58
C TRP D 120 0.34 -32.29 31.30
N ASP D 121 0.83 -31.45 30.37
CA ASP D 121 0.07 -31.19 29.14
C ASP D 121 -0.08 -32.47 28.33
N LYS D 122 0.97 -33.30 28.27
CA LYS D 122 0.99 -34.43 27.35
C LYS D 122 -0.10 -35.45 27.66
N GLU D 123 -0.52 -35.57 28.92
CA GLU D 123 -1.52 -36.58 29.27
C GLU D 123 -2.90 -36.21 28.73
N ILE D 124 -3.24 -34.92 28.71
CA ILE D 124 -4.59 -34.50 28.36
C ILE D 124 -4.54 -33.68 27.08
N SER D 125 -3.61 -34.01 26.19
CA SER D 125 -3.50 -33.28 24.92
C SER D 125 -4.70 -33.53 24.02
N ASN D 126 -5.49 -34.57 24.26
CA ASN D 126 -6.59 -34.94 23.39
C ASN D 126 -7.92 -35.10 24.12
N TYR D 127 -7.96 -34.93 25.43
CA TYR D 127 -9.18 -35.09 26.21
C TYR D 127 -9.86 -33.77 26.54
N THR D 128 -9.30 -32.64 26.09
CA THR D 128 -9.84 -31.34 26.47
C THR D 128 -11.13 -30.99 25.73
N GLN D 129 -11.35 -31.59 24.55
CA GLN D 129 -12.48 -31.16 23.72
C GLN D 129 -13.82 -31.46 24.38
N ILE D 130 -13.96 -32.64 24.99
CA ILE D 130 -15.20 -32.98 25.68
C ILE D 130 -15.38 -32.12 26.93
N ILE D 131 -14.28 -31.83 27.63
CA ILE D 131 -14.34 -31.01 28.84
C ILE D 131 -14.82 -29.61 28.52
N TYR D 132 -14.38 -29.06 27.39
CA TYR D 132 -14.75 -27.71 26.99
C TYR D 132 -16.24 -27.57 26.68
N GLY D 133 -16.96 -28.68 26.52
CA GLY D 133 -18.40 -28.62 26.33
C GLY D 133 -19.15 -29.00 27.60
N LEU D 134 -18.56 -29.92 28.37
CA LEU D 134 -19.13 -30.24 29.68
C LEU D 134 -19.20 -29.01 30.55
N LEU D 135 -18.17 -28.16 30.49
CA LEU D 135 -18.17 -26.92 31.26
C LEU D 135 -19.33 -26.02 30.88
N GLU D 136 -19.57 -25.86 29.57
CA GLU D 136 -20.66 -25.01 29.12
C GLU D 136 -22.01 -25.56 29.57
N GLU D 137 -22.19 -26.88 29.46
CA GLU D 137 -23.45 -27.47 29.89
C GLU D 137 -23.69 -27.25 31.37
N SER D 138 -22.66 -27.45 32.19
CA SER D 138 -22.81 -27.24 33.64
C SER D 138 -23.13 -25.79 33.95
N GLN D 139 -22.46 -24.85 33.28
CA GLN D 139 -22.71 -23.44 33.56
C GLN D 139 -24.13 -23.05 33.17
N ASN D 140 -24.62 -23.56 32.03
CA ASN D 140 -25.99 -23.25 31.63
C ASN D 140 -26.99 -23.81 32.64
N GLN D 141 -26.75 -25.04 33.12
CA GLN D 141 -27.65 -25.62 34.13
C GLN D 141 -27.66 -24.77 35.40
N GLN D 142 -26.48 -24.34 35.85
CA GLN D 142 -26.40 -23.51 37.06
C GLN D 142 -27.12 -22.18 36.86
N GLU D 143 -26.95 -21.56 35.69
CA GLU D 143 -27.61 -20.29 35.42
C GLU D 143 -29.11 -20.43 35.43
N LYS D 144 -29.63 -21.50 34.81
CA LYS D 144 -31.08 -21.71 34.80
C LYS D 144 -31.60 -21.98 36.20
N ASN D 145 -30.86 -22.75 37.00
CA ASN D 145 -31.27 -22.99 38.38
C ASN D 145 -31.33 -21.69 39.17
N GLU D 146 -30.31 -20.84 39.02
CA GLU D 146 -30.29 -19.56 39.72
C GLU D 146 -31.46 -18.69 39.31
N GLN D 147 -31.73 -18.60 38.00
CA GLN D 147 -32.83 -17.78 37.54
C GLN D 147 -34.17 -18.30 38.07
N ASP D 148 -34.37 -19.62 38.04
CA ASP D 148 -35.60 -20.19 38.55
C ASP D 148 -35.78 -19.91 40.03
N LEU D 149 -34.72 -20.09 40.82
CA LEU D 149 -34.81 -19.84 42.26
C LEU D 149 -35.10 -18.38 42.54
N LEU D 150 -34.45 -17.47 41.80
CA LEU D 150 -34.64 -16.05 42.03
C LEU D 150 -36.03 -15.60 41.62
N ALA D 151 -36.60 -16.18 40.56
CA ALA D 151 -37.90 -15.76 40.04
C ALA D 151 -39.06 -16.33 40.84
N LEU D 152 -39.04 -17.64 41.12
CA LEU D 152 -40.17 -18.27 41.79
C LEU D 152 -40.26 -17.88 43.26
N ASP D 153 -39.24 -17.20 43.77
CA ASP D 153 -39.24 -16.74 45.15
C ASP D 153 -40.26 -15.61 45.35
N ALA E 1 -12.53 6.46 59.36
CA ALA E 1 -11.88 7.70 59.80
C ALA E 1 -10.37 7.50 59.88
N GLU E 2 -9.91 7.00 61.03
CA GLU E 2 -8.48 6.74 61.20
C GLU E 2 -8.02 5.60 60.29
N ASN E 3 -8.93 4.74 59.85
CA ASN E 3 -8.60 3.66 58.93
C ASN E 3 -8.85 4.14 57.51
N LEU E 4 -7.78 4.45 56.78
CA LEU E 4 -7.87 4.92 55.40
C LEU E 4 -7.41 3.81 54.47
N TRP E 5 -8.20 3.54 53.43
CA TRP E 5 -7.92 2.44 52.52
C TRP E 5 -8.03 2.92 51.08
N VAL E 6 -7.17 2.39 50.22
CA VAL E 6 -7.13 2.82 48.82
C VAL E 6 -8.43 2.40 48.14
N THR E 7 -8.76 3.07 47.04
CA THR E 7 -9.99 2.82 46.30
C THR E 7 -9.83 3.20 44.84
N VAL E 8 -9.81 2.21 43.96
CA VAL E 8 -9.62 2.51 42.55
C VAL E 8 -10.91 3.11 41.98
N TYR E 9 -10.75 4.12 41.15
CA TYR E 9 -11.86 4.76 40.45
C TYR E 9 -11.58 4.69 38.96
N TYR E 10 -12.59 4.34 38.19
CA TYR E 10 -12.47 4.24 36.74
C TYR E 10 -13.26 5.36 36.09
N GLY E 11 -12.62 6.08 35.17
CA GLY E 11 -13.28 7.17 34.47
C GLY E 11 -13.38 8.45 35.28
N VAL E 12 -12.25 9.04 35.62
CA VAL E 12 -12.22 10.32 36.31
C VAL E 12 -11.65 11.37 35.37
N PRO E 13 -11.99 12.65 35.53
CA PRO E 13 -11.51 13.67 34.58
C PRO E 13 -10.05 14.04 34.79
N VAL E 14 -9.13 13.27 34.22
CA VAL E 14 -7.70 13.54 34.30
C VAL E 14 -7.10 13.37 32.91
N TRP E 15 -6.29 14.34 32.48
CA TRP E 15 -5.72 14.34 31.15
C TRP E 15 -4.24 14.67 31.20
N LYS E 16 -3.54 14.31 30.13
CA LYS E 16 -2.14 14.64 29.92
C LYS E 16 -1.96 15.14 28.49
N ASP E 17 -0.76 15.63 28.19
CA ASP E 17 -0.44 16.14 26.87
C ASP E 17 0.25 15.06 26.05
N ALA E 18 -0.24 14.82 24.84
CA ALA E 18 0.31 13.79 23.97
C ALA E 18 -0.10 14.09 22.54
N GLU E 19 0.53 13.39 21.60
CA GLU E 19 0.30 13.58 20.18
C GLU E 19 -0.33 12.33 19.58
N THR E 20 -1.11 12.54 18.52
CA THR E 20 -1.81 11.46 17.84
C THR E 20 -2.06 11.87 16.40
N THR E 21 -2.91 11.12 15.71
CA THR E 21 -3.22 11.36 14.30
C THR E 21 -4.69 11.72 14.17
N LEU E 22 -4.97 12.98 13.84
CA LEU E 22 -6.32 13.44 13.58
C LEU E 22 -6.75 13.07 12.15
N PHE E 23 -8.04 13.18 11.87
CA PHE E 23 -8.53 12.80 10.55
C PHE E 23 -9.55 13.82 10.04
N CYS E 24 -10.02 13.58 8.82
CA CYS E 24 -10.87 14.51 8.08
C CYS E 24 -12.26 14.65 8.69
N ALA E 25 -12.84 15.83 8.48
CA ALA E 25 -14.29 16.01 8.59
C ALA E 25 -14.62 17.25 7.76
N SER E 26 -15.20 17.04 6.58
CA SER E 26 -15.50 18.12 5.65
C SER E 26 -17.00 18.15 5.37
N ASP E 27 -17.53 19.36 5.17
CA ASP E 27 -18.93 19.53 4.83
C ASP E 27 -19.22 18.84 3.50
N ALA E 28 -20.32 18.09 3.46
CA ALA E 28 -20.63 17.30 2.27
C ALA E 28 -20.97 18.21 1.08
N LYS E 29 -21.89 19.16 1.28
CA LYS E 29 -22.45 19.96 0.20
C LYS E 29 -23.00 19.06 -0.91
N ALA E 30 -23.30 17.82 -0.53
CA ALA E 30 -23.85 16.73 -1.34
C ALA E 30 -22.85 16.20 -2.35
N TYR E 31 -21.78 16.94 -2.61
CA TYR E 31 -20.51 16.50 -3.20
C TYR E 31 -20.66 15.79 -4.54
N GLU E 32 -21.87 15.69 -5.09
CA GLU E 32 -22.05 14.90 -6.31
C GLU E 32 -21.70 15.71 -7.55
N THR E 33 -22.20 16.94 -7.65
CA THR E 33 -21.87 17.82 -8.76
C THR E 33 -20.56 18.52 -8.47
N GLU E 34 -19.49 17.72 -8.40
CA GLU E 34 -18.15 18.19 -8.08
C GLU E 34 -17.21 17.84 -9.22
N LYS E 35 -16.35 18.79 -9.58
CA LYS E 35 -15.33 18.60 -10.60
C LYS E 35 -14.00 18.12 -10.02
N HIS E 36 -14.05 17.46 -8.85
CA HIS E 36 -12.87 16.98 -8.13
C HIS E 36 -12.04 18.13 -7.60
N ASN E 37 -11.34 17.89 -6.48
CA ASN E 37 -10.44 18.87 -5.90
C ASN E 37 -9.12 18.19 -5.57
N VAL E 38 -8.03 18.94 -5.71
CA VAL E 38 -6.72 18.41 -5.37
C VAL E 38 -6.67 18.05 -3.89
N TRP E 39 -7.31 18.85 -3.04
CA TRP E 39 -7.52 18.49 -1.63
C TRP E 39 -8.77 17.62 -1.55
N ALA E 40 -8.61 16.38 -2.00
CA ALA E 40 -9.73 15.46 -2.17
C ALA E 40 -10.41 15.19 -0.85
N THR E 41 -11.69 15.56 -0.76
CA THR E 41 -12.51 15.30 0.42
C THR E 41 -13.43 14.10 0.25
N HIS E 42 -13.37 13.42 -0.89
CA HIS E 42 -14.17 12.22 -1.07
C HIS E 42 -13.70 11.10 -0.15
N ALA E 43 -12.41 11.08 0.18
CA ALA E 43 -11.89 10.12 1.15
C ALA E 43 -12.16 10.54 2.60
N CYS E 44 -12.54 11.79 2.82
CA CYS E 44 -12.85 12.27 4.17
C CYS E 44 -14.28 11.91 4.55
N VAL E 45 -14.47 11.61 5.83
CA VAL E 45 -15.76 11.17 6.36
C VAL E 45 -16.71 12.37 6.45
N PRO E 46 -18.02 12.16 6.41
CA PRO E 46 -18.95 13.28 6.63
C PRO E 46 -18.85 13.81 8.04
N THR E 47 -19.12 15.10 8.18
CA THR E 47 -18.94 15.79 9.45
C THR E 47 -20.23 15.76 10.27
N ASP E 48 -20.10 16.16 11.53
CA ASP E 48 -21.26 16.28 12.41
C ASP E 48 -22.15 17.41 11.92
N PRO E 49 -23.45 17.19 11.78
CA PRO E 49 -24.34 18.29 11.34
C PRO E 49 -24.31 19.49 12.28
N ASN E 50 -24.09 19.28 13.57
CA ASN E 50 -24.01 20.38 14.54
C ASN E 50 -22.97 20.02 15.59
N PRO E 51 -21.76 20.57 15.51
CA PRO E 51 -20.77 20.35 16.56
C PRO E 51 -21.26 20.87 17.89
N GLN E 52 -20.92 20.16 18.96
CA GLN E 52 -21.35 20.50 20.31
C GLN E 52 -20.14 20.88 21.15
N GLU E 53 -20.22 22.04 21.80
CA GLU E 53 -19.15 22.54 22.65
C GLU E 53 -19.61 22.54 24.11
N ILE E 54 -18.77 22.03 24.99
CA ILE E 54 -19.06 21.94 26.41
C ILE E 54 -18.22 22.99 27.12
N HIS E 55 -18.88 23.96 27.76
CA HIS E 55 -18.19 25.07 28.42
C HIS E 55 -17.60 24.55 29.74
N LEU E 56 -16.52 23.80 29.62
CA LEU E 56 -15.75 23.41 30.80
C LEU E 56 -15.15 24.66 31.45
N GLU E 57 -15.19 24.70 32.77
CA GLU E 57 -14.79 25.89 33.51
C GLU E 57 -13.94 25.47 34.71
N ASN E 58 -13.57 26.47 35.51
CA ASN E 58 -12.82 26.31 36.75
C ASN E 58 -11.41 25.77 36.55
N VAL E 59 -10.93 25.68 35.31
CA VAL E 59 -9.63 25.12 34.99
C VAL E 59 -8.85 26.14 34.17
N THR E 60 -7.60 26.38 34.57
CA THR E 60 -6.68 27.24 33.84
C THR E 60 -5.61 26.36 33.22
N GLU E 61 -5.61 26.27 31.89
CA GLU E 61 -4.75 25.33 31.17
C GLU E 61 -3.72 26.11 30.37
N GLU E 62 -2.46 25.70 30.45
CA GLU E 62 -1.40 26.41 29.75
C GLU E 62 -1.32 25.98 28.29
N PHE E 63 -0.96 26.92 27.42
CA PHE E 63 -0.84 26.68 26.00
C PHE E 63 0.56 27.04 25.53
N ASN E 64 0.93 26.54 24.35
CA ASN E 64 2.19 26.90 23.71
C ASN E 64 1.97 26.76 22.21
N MET E 65 1.70 27.90 21.56
CA MET E 65 1.37 27.89 20.14
C MET E 65 2.59 27.71 19.24
N TRP E 66 3.78 28.03 19.73
CA TRP E 66 5.00 27.92 18.94
C TRP E 66 5.62 26.54 18.97
N LYS E 67 5.09 25.63 19.79
CA LYS E 67 5.58 24.25 19.84
C LYS E 67 4.46 23.24 19.67
N ASN E 68 3.37 23.65 19.02
CA ASN E 68 2.26 22.75 18.76
C ASN E 68 2.67 21.65 17.78
N ASN E 69 1.97 20.52 17.87
CA ASN E 69 2.25 19.40 16.99
C ASN E 69 1.28 19.29 15.82
N MET E 70 0.09 19.88 15.93
CA MET E 70 -0.87 19.83 14.83
C MET E 70 -0.35 20.54 13.59
N VAL E 71 0.47 21.59 13.78
CA VAL E 71 1.03 22.31 12.65
C VAL E 71 1.93 21.38 11.82
N GLU E 72 2.80 20.64 12.49
CA GLU E 72 3.68 19.71 11.79
C GLU E 72 2.96 18.48 11.28
N GLN E 73 1.70 18.26 11.69
CA GLN E 73 0.92 17.16 11.16
C GLN E 73 0.06 17.59 9.98
N MET E 74 -0.30 18.87 9.89
CA MET E 74 -1.00 19.37 8.71
C MET E 74 -0.06 19.52 7.53
N HIS E 75 1.19 19.92 7.77
CA HIS E 75 2.11 20.21 6.67
C HIS E 75 2.54 18.95 5.93
N THR E 76 2.40 17.77 6.54
CA THR E 76 2.68 16.51 5.86
C THR E 76 1.43 15.86 5.32
N ASP E 77 0.29 16.53 5.39
CA ASP E 77 -0.95 16.08 4.77
C ASP E 77 -1.29 16.87 3.51
N ILE E 78 -1.03 18.17 3.51
CA ILE E 78 -1.22 18.96 2.29
C ILE E 78 -0.23 18.52 1.22
N ILE E 79 1.02 18.29 1.60
CA ILE E 79 2.01 17.81 0.64
C ILE E 79 1.62 16.43 0.10
N SER E 80 1.19 15.53 0.98
CA SER E 80 0.84 14.19 0.55
C SER E 80 -0.43 14.19 -0.29
N LEU E 81 -1.34 15.11 -0.03
CA LEU E 81 -2.51 15.28 -0.89
C LEU E 81 -2.19 15.97 -2.20
N TRP E 82 -1.06 16.68 -2.25
CA TRP E 82 -0.62 17.30 -3.50
C TRP E 82 0.07 16.29 -4.41
N ASP E 83 0.96 15.48 -3.85
CA ASP E 83 1.69 14.50 -4.66
C ASP E 83 0.74 13.45 -5.22
N GLN E 84 -0.26 13.03 -4.43
CA GLN E 84 -1.16 11.98 -4.88
C GLN E 84 -2.02 12.44 -6.05
N SER E 85 -2.45 13.69 -6.03
CA SER E 85 -3.37 14.21 -7.06
C SER E 85 -2.65 14.69 -8.31
N LEU E 86 -1.32 14.64 -8.34
CA LEU E 86 -0.55 15.04 -9.51
C LEU E 86 0.04 13.87 -10.27
N LYS E 87 -0.11 12.64 -9.76
CA LYS E 87 0.50 11.46 -10.35
C LYS E 87 -0.25 10.97 -11.59
N PRO E 88 -1.58 10.72 -11.54
CA PRO E 88 -2.24 10.03 -12.66
C PRO E 88 -2.73 10.98 -13.76
N CYS E 89 -1.82 11.69 -14.38
CA CYS E 89 -2.08 12.40 -15.63
C CYS E 89 -0.73 12.76 -16.28
N VAL E 90 -0.80 13.55 -17.35
CA VAL E 90 0.30 13.62 -18.32
C VAL E 90 1.61 14.00 -17.64
N LYS E 91 2.71 13.44 -18.17
CA LYS E 91 4.06 13.51 -17.61
C LYS E 91 5.03 13.97 -18.68
N LEU E 92 4.72 15.11 -19.31
CA LEU E 92 5.46 15.51 -20.50
C LEU E 92 6.94 15.77 -20.23
N THR E 93 7.77 14.81 -20.62
CA THR E 93 9.21 15.00 -20.74
C THR E 93 9.62 15.66 -22.06
N PRO E 94 9.01 15.31 -23.27
CA PRO E 94 9.57 15.76 -24.54
C PRO E 94 9.29 17.22 -24.86
N LEU E 95 9.78 18.12 -24.01
CA LEU E 95 9.62 19.54 -24.23
C LEU E 95 10.92 20.31 -24.23
N CYS E 96 12.04 19.68 -23.86
CA CYS E 96 13.32 20.40 -23.93
C CYS E 96 13.83 20.57 -25.31
N VAL E 97 13.06 20.34 -26.38
CA VAL E 97 13.54 20.70 -27.70
C VAL E 97 13.93 22.18 -27.70
N THR E 98 15.04 22.48 -28.36
CA THR E 98 15.61 23.83 -28.30
C THR E 98 14.63 24.78 -28.97
N LEU E 99 13.92 25.56 -28.17
CA LEU E 99 12.95 26.50 -28.69
C LEU E 99 13.65 27.55 -29.54
N GLN E 100 12.99 27.97 -30.63
CA GLN E 100 13.43 29.11 -31.41
C GLN E 100 12.42 30.23 -31.15
N CYS E 101 12.85 31.27 -30.45
CA CYS E 101 11.91 32.24 -29.92
C CYS E 101 12.21 33.65 -30.42
N THR E 102 11.14 34.37 -30.70
CA THR E 102 11.19 35.76 -31.13
C THR E 102 10.20 36.55 -30.28
N ASN E 103 10.21 37.87 -30.49
CA ASN E 103 9.48 38.80 -29.64
C ASN E 103 8.00 38.80 -30.01
N VAL E 104 7.20 39.61 -29.30
CA VAL E 104 5.80 39.83 -29.64
C VAL E 104 5.60 41.33 -29.86
N THR E 105 5.00 41.69 -31.00
CA THR E 105 4.81 43.10 -31.37
C THR E 105 3.40 43.30 -31.93
N ASN E 106 2.40 42.72 -31.27
CA ASN E 106 1.01 42.84 -31.69
C ASN E 106 0.27 43.72 -30.68
N ASN E 107 0.20 45.02 -30.98
CA ASN E 107 -0.49 45.99 -30.13
C ASN E 107 0.05 45.95 -28.70
N ILE E 108 1.37 45.91 -28.59
CA ILE E 108 2.03 45.82 -27.29
C ILE E 108 1.93 47.16 -26.56
N THR E 109 2.15 47.11 -25.25
CA THR E 109 2.15 48.29 -24.40
C THR E 109 3.50 48.40 -23.69
N ASP E 110 4.00 49.63 -23.56
CA ASP E 110 5.36 49.84 -23.05
C ASP E 110 5.55 49.23 -21.67
N ASP E 111 4.49 49.12 -20.87
CA ASP E 111 4.63 48.48 -19.57
C ASP E 111 4.90 46.99 -19.70
N MET E 112 4.35 46.34 -20.73
CA MET E 112 4.54 44.92 -20.96
C MET E 112 5.47 44.67 -22.14
N ARG E 113 6.48 45.51 -22.31
CA ARG E 113 7.49 45.27 -23.34
C ARG E 113 8.28 44.01 -23.01
N GLY E 114 8.71 43.32 -24.05
CA GLY E 114 9.37 42.03 -23.83
C GLY E 114 8.36 41.03 -23.30
N GLU E 115 8.69 40.45 -22.14
CA GLU E 115 7.79 39.52 -21.44
C GLU E 115 7.40 38.34 -22.33
N LEU E 116 6.24 38.44 -23.00
CA LEU E 116 5.78 37.37 -23.86
C LEU E 116 6.73 37.15 -25.03
N LYS E 117 6.86 35.89 -25.43
CA LYS E 117 7.71 35.55 -26.56
C LYS E 117 7.05 34.47 -27.40
N ASN E 118 7.05 34.68 -28.71
CA ASN E 118 6.79 33.60 -29.66
C ASN E 118 7.89 32.55 -29.53
N CYS E 119 7.49 31.27 -29.55
CA CYS E 119 8.47 30.19 -29.44
C CYS E 119 8.00 29.03 -30.32
N SER E 120 8.77 28.69 -31.34
CA SER E 120 8.47 27.56 -32.22
C SER E 120 9.41 26.41 -31.92
N PHE E 121 8.89 25.19 -32.06
CA PHE E 121 9.71 24.00 -31.82
C PHE E 121 9.08 22.80 -32.51
N ASN E 122 9.86 21.73 -32.59
CA ASN E 122 9.45 20.47 -33.20
C ASN E 122 9.00 19.52 -32.11
N MET E 123 7.86 18.85 -32.32
CA MET E 123 7.33 17.91 -31.37
C MET E 123 6.97 16.60 -32.07
N THR E 124 7.13 15.49 -31.36
CA THR E 124 6.78 14.19 -31.91
C THR E 124 5.27 13.99 -31.89
N THR E 125 4.72 13.57 -33.02
CA THR E 125 3.29 13.32 -33.12
C THR E 125 2.94 12.00 -32.45
N GLU E 126 1.67 11.61 -32.54
CA GLU E 126 1.23 10.37 -31.89
C GLU E 126 1.91 9.16 -32.49
N LEU E 127 2.16 9.18 -33.80
CA LEU E 127 2.98 8.16 -34.42
C LEU E 127 4.44 8.37 -34.03
N ARG E 128 5.16 7.27 -33.86
CA ARG E 128 6.56 7.33 -33.45
C ARG E 128 7.49 7.68 -34.60
N ASP E 129 6.97 8.15 -35.72
CA ASP E 129 7.78 8.38 -36.92
C ASP E 129 7.85 9.84 -37.31
N LYS E 130 6.72 10.53 -37.41
CA LYS E 130 6.69 11.89 -37.94
C LYS E 130 6.90 12.91 -36.83
N LYS E 131 7.19 14.15 -37.23
CA LYS E 131 7.39 15.26 -36.32
C LYS E 131 6.58 16.45 -36.79
N GLN E 132 5.96 17.15 -35.84
CA GLN E 132 5.17 18.34 -36.14
C GLN E 132 6.08 19.56 -36.19
N LYS E 133 5.47 20.75 -36.25
CA LYS E 133 6.18 22.01 -36.08
C LYS E 133 5.17 22.98 -35.47
N VAL E 134 5.26 23.18 -34.16
CA VAL E 134 4.25 23.92 -33.42
C VAL E 134 4.87 25.18 -32.85
N TYR E 135 4.00 26.10 -32.42
CA TYR E 135 4.43 27.33 -31.79
C TYR E 135 3.58 27.57 -30.53
N SER E 136 4.08 28.45 -29.68
CA SER E 136 3.41 28.80 -28.44
C SER E 136 3.88 30.17 -27.98
N LEU E 137 3.20 30.69 -26.96
CA LEU E 137 3.58 31.96 -26.34
C LEU E 137 4.10 31.66 -24.93
N PHE E 138 5.35 32.04 -24.66
CA PHE E 138 5.99 31.73 -23.40
C PHE E 138 6.44 33.02 -22.72
N TYR E 139 6.15 33.12 -21.42
CA TYR E 139 6.54 34.29 -20.66
C TYR E 139 8.06 34.30 -20.47
N ARG E 140 8.59 35.50 -20.20
CA ARG E 140 10.04 35.64 -20.05
C ARG E 140 10.56 35.00 -18.78
N LEU E 141 9.69 34.58 -17.87
CA LEU E 141 10.09 33.94 -16.63
C LEU E 141 10.23 32.43 -16.75
N ASP E 142 9.92 31.86 -17.91
CA ASP E 142 9.96 30.42 -18.10
C ASP E 142 10.95 29.97 -19.17
N VAL E 143 11.66 30.88 -19.80
CA VAL E 143 12.65 30.54 -20.83
C VAL E 143 13.95 31.26 -20.49
N VAL E 144 15.08 30.59 -20.73
CA VAL E 144 16.40 31.17 -20.52
C VAL E 144 17.20 31.04 -21.80
N GLN E 145 18.14 31.97 -21.97
CA GLN E 145 18.98 32.00 -23.15
C GLN E 145 20.06 30.92 -23.06
N ILE E 146 20.34 30.30 -24.19
CA ILE E 146 21.44 29.35 -24.30
C ILE E 146 22.27 29.72 -25.52
N ASN E 147 23.54 29.30 -25.50
CA ASN E 147 24.51 29.62 -26.55
C ASN E 147 24.61 31.14 -26.70
N GLU E 148 25.18 31.77 -25.69
CA GLU E 148 25.32 33.22 -25.68
C GLU E 148 26.55 33.66 -26.47
N ASN E 158 16.87 35.55 -34.31
CA ASN E 158 16.33 34.40 -33.60
C ASN E 158 17.43 33.65 -32.86
N LYS E 159 17.29 33.57 -31.54
CA LYS E 159 18.26 32.88 -30.70
C LYS E 159 17.60 31.71 -29.99
N GLU E 160 18.37 30.66 -29.77
CA GLU E 160 17.84 29.44 -29.18
C GLU E 160 17.61 29.62 -27.68
N TYR E 161 16.40 29.28 -27.24
CA TYR E 161 16.01 29.39 -25.84
C TYR E 161 15.65 28.00 -25.32
N ARG E 162 15.79 27.83 -24.01
CA ARG E 162 15.53 26.55 -23.37
C ARG E 162 14.67 26.77 -22.13
N LEU E 163 13.78 25.83 -21.85
CA LEU E 163 12.96 25.93 -20.66
C LEU E 163 13.83 25.95 -19.41
N ILE E 164 13.40 26.75 -18.42
CA ILE E 164 14.21 27.05 -17.25
C ILE E 164 14.48 25.83 -16.38
N ASN E 165 13.80 24.72 -16.62
CA ASN E 165 13.58 23.71 -15.59
C ASN E 165 14.30 22.38 -15.85
N CYS E 166 14.78 22.15 -17.06
CA CYS E 166 15.13 20.78 -17.42
C CYS E 166 16.63 20.55 -17.52
N ASN E 167 17.38 21.21 -16.63
CA ASN E 167 18.58 20.57 -16.09
C ASN E 167 18.36 20.19 -14.64
N THR E 168 17.12 20.24 -14.15
CA THR E 168 16.77 19.85 -12.79
C THR E 168 15.81 18.67 -12.75
N SER E 169 14.69 18.74 -13.45
CA SER E 169 13.69 17.68 -13.39
C SER E 169 12.81 17.73 -14.64
N ALA E 170 11.77 16.91 -14.65
CA ALA E 170 10.80 16.87 -15.74
C ALA E 170 9.46 17.35 -15.19
N CYS E 171 8.80 18.20 -15.95
CA CYS E 171 7.65 18.94 -15.43
C CYS E 171 6.37 18.17 -15.72
N THR E 172 5.64 17.81 -14.65
CA THR E 172 4.39 17.07 -14.78
C THR E 172 3.26 18.07 -14.92
N GLN E 173 2.66 18.13 -16.10
CA GLN E 173 1.56 19.06 -16.36
C GLN E 173 0.41 18.78 -15.42
N ALA E 174 -0.22 19.86 -14.92
CA ALA E 174 -1.32 19.72 -14.00
C ALA E 174 -2.48 18.98 -14.65
N CYS E 175 -3.18 18.19 -13.85
CA CYS E 175 -4.36 17.49 -14.33
C CYS E 175 -5.40 18.55 -14.69
N PRO E 176 -5.87 18.59 -15.94
CA PRO E 176 -6.70 19.72 -16.36
C PRO E 176 -8.13 19.67 -15.85
N LYS E 177 -8.61 18.52 -15.39
CA LYS E 177 -9.97 18.43 -14.87
C LYS E 177 -10.08 19.05 -13.49
N VAL E 178 -9.08 18.83 -12.63
CA VAL E 178 -9.15 19.23 -11.24
C VAL E 178 -9.05 20.75 -11.11
N SER E 179 -9.36 21.27 -9.93
CA SER E 179 -9.31 22.70 -9.65
C SER E 179 -8.59 22.92 -8.32
N PHE E 180 -8.10 24.15 -8.15
CA PHE E 180 -7.29 24.50 -6.98
C PHE E 180 -8.08 25.27 -5.93
N GLU E 181 -9.40 25.26 -6.01
CA GLU E 181 -10.21 26.04 -5.08
C GLU E 181 -10.18 25.42 -3.69
N PRO E 182 -9.76 26.15 -2.66
CA PRO E 182 -9.75 25.59 -1.31
C PRO E 182 -11.15 25.38 -0.78
N ILE E 183 -11.29 24.38 0.09
CA ILE E 183 -12.56 24.10 0.76
C ILE E 183 -12.28 23.90 2.24
N PRO E 184 -13.21 24.25 3.13
CA PRO E 184 -12.95 24.09 4.56
C PRO E 184 -12.69 22.65 4.95
N ILE E 185 -11.77 22.46 5.88
CA ILE E 185 -11.38 21.14 6.36
C ILE E 185 -11.39 21.16 7.88
N HIS E 186 -12.09 20.21 8.49
CA HIS E 186 -12.10 20.06 9.94
C HIS E 186 -11.22 18.89 10.34
N TYR E 187 -10.47 19.06 11.43
CA TYR E 187 -9.54 18.04 11.91
C TYR E 187 -10.09 17.46 13.21
N CYS E 188 -10.55 16.22 13.18
CA CYS E 188 -11.19 15.61 14.33
C CYS E 188 -10.34 14.49 14.90
N ALA E 189 -10.21 14.49 16.24
CA ALA E 189 -9.40 13.57 17.01
C ALA E 189 -10.09 12.22 17.18
N PRO E 190 -9.33 11.15 17.32
CA PRO E 190 -9.92 9.82 17.47
C PRO E 190 -10.46 9.62 18.88
N ALA E 191 -10.96 8.41 19.13
CA ALA E 191 -11.50 8.07 20.43
C ALA E 191 -10.38 8.01 21.47
N GLY E 192 -10.69 8.45 22.69
CA GLY E 192 -9.69 8.51 23.74
C GLY E 192 -8.88 9.77 23.78
N PHE E 193 -9.20 10.77 22.96
CA PHE E 193 -8.52 12.04 22.95
C PHE E 193 -9.55 13.17 22.95
N ALA E 194 -9.12 14.34 23.40
CA ALA E 194 -10.00 15.50 23.47
C ALA E 194 -9.29 16.71 22.87
N ILE E 195 -10.08 17.63 22.33
CA ILE E 195 -9.57 18.86 21.73
C ILE E 195 -9.97 20.02 22.64
N LEU E 196 -8.97 20.67 23.22
CA LEU E 196 -9.16 21.81 24.10
C LEU E 196 -8.97 23.09 23.31
N LYS E 197 -9.93 24.01 23.44
CA LYS E 197 -9.93 25.27 22.71
C LYS E 197 -10.07 26.41 23.69
N CYS E 198 -9.18 27.39 23.60
CA CYS E 198 -9.20 28.54 24.49
C CYS E 198 -10.09 29.63 23.91
N LYS E 199 -11.05 30.09 24.71
CA LYS E 199 -12.00 31.10 24.27
C LYS E 199 -11.66 32.50 24.79
N ASP E 200 -10.49 32.68 25.40
CA ASP E 200 -10.10 34.00 25.87
C ASP E 200 -9.82 34.92 24.69
N LYS E 201 -10.31 36.15 24.77
CA LYS E 201 -10.15 37.11 23.68
C LYS E 201 -8.75 37.71 23.64
N LYS E 202 -8.08 37.84 24.78
CA LYS E 202 -6.77 38.48 24.87
C LYS E 202 -5.64 37.47 24.90
N PHE E 203 -5.80 36.36 24.19
CA PHE E 203 -4.74 35.36 24.11
C PHE E 203 -3.54 35.90 23.36
N ASN E 204 -2.34 35.49 23.78
CA ASN E 204 -1.12 35.99 23.16
C ASN E 204 -0.06 34.90 22.94
N GLY E 205 -0.46 33.63 22.89
CA GLY E 205 0.49 32.57 22.67
C GLY E 205 0.90 31.84 23.93
N THR E 206 2.15 32.01 24.34
CA THR E 206 2.65 31.35 25.56
C THR E 206 1.99 32.01 26.76
N GLY E 207 1.01 31.33 27.35
CA GLY E 207 0.29 31.86 28.49
C GLY E 207 -0.96 31.05 28.80
N PRO E 208 -1.22 30.83 30.09
CA PRO E 208 -2.38 30.02 30.48
C PRO E 208 -3.71 30.70 30.15
N CYS E 209 -4.68 29.87 29.77
CA CYS E 209 -6.05 30.30 29.52
C CYS E 209 -6.92 29.85 30.68
N PRO E 210 -7.46 30.75 31.48
CA PRO E 210 -8.48 30.35 32.47
C PRO E 210 -9.88 30.37 31.89
N SER E 211 -10.05 29.88 30.66
CA SER E 211 -11.37 29.79 30.06
C SER E 211 -11.52 28.57 29.15
N VAL E 212 -10.57 27.63 29.19
CA VAL E 212 -10.50 26.59 28.17
C VAL E 212 -11.77 25.76 28.16
N SER E 213 -12.30 25.51 26.96
CA SER E 213 -13.44 24.64 26.76
C SER E 213 -13.02 23.42 25.95
N THR E 214 -13.95 22.48 25.81
CA THR E 214 -13.72 21.25 25.05
C THR E 214 -14.63 21.27 23.83
N VAL E 215 -14.06 20.93 22.66
CA VAL E 215 -14.84 20.94 21.44
C VAL E 215 -14.72 19.58 20.79
N GLN E 216 -15.73 19.24 19.96
CA GLN E 216 -15.68 17.99 19.20
C GLN E 216 -14.46 17.97 18.28
N CYS E 217 -14.31 19.01 17.47
CA CYS E 217 -13.12 19.21 16.65
C CYS E 217 -13.19 20.59 16.00
N THR E 218 -12.23 20.87 15.13
CA THR E 218 -11.95 22.21 14.67
C THR E 218 -13.10 22.80 13.85
N HIS E 219 -13.07 24.12 13.71
CA HIS E 219 -13.90 24.82 12.74
C HIS E 219 -13.26 24.73 11.36
N GLY E 220 -14.07 25.00 10.34
CA GLY E 220 -13.57 24.94 8.97
C GLY E 220 -12.43 25.90 8.72
N ILE E 221 -11.29 25.36 8.30
CA ILE E 221 -10.10 26.16 8.02
C ILE E 221 -9.64 25.86 6.59
N LYS E 222 -9.42 26.91 5.81
CA LYS E 222 -9.08 26.79 4.40
C LYS E 222 -7.57 26.65 4.23
N PRO E 223 -7.11 25.64 3.49
CA PRO E 223 -5.66 25.49 3.23
C PRO E 223 -5.17 26.44 2.14
N VAL E 224 -5.27 27.74 2.40
CA VAL E 224 -4.83 28.72 1.42
C VAL E 224 -3.30 28.81 1.43
N VAL E 225 -2.74 29.30 0.33
CA VAL E 225 -1.31 29.47 0.19
C VAL E 225 -1.03 30.90 -0.25
N SER E 226 -0.19 31.59 0.49
CA SER E 226 0.20 32.97 0.16
C SER E 226 1.54 33.25 0.83
N THR E 227 2.02 34.47 0.67
CA THR E 227 3.29 34.88 1.25
C THR E 227 3.24 36.35 1.60
N GLN E 228 3.69 36.68 2.81
CA GLN E 228 3.84 38.03 3.33
C GLN E 228 2.54 38.84 3.32
N LEU E 229 1.42 38.21 2.96
CA LEU E 229 0.11 38.84 3.11
C LEU E 229 -0.92 37.70 3.16
N LEU E 230 -1.38 37.38 4.37
CA LEU E 230 -2.33 36.30 4.53
C LEU E 230 -3.67 36.65 3.88
N LEU E 231 -4.28 35.67 3.23
CA LEU E 231 -5.50 35.88 2.46
C LEU E 231 -6.61 34.99 2.99
N ASN E 232 -7.82 35.54 3.05
CA ASN E 232 -9.03 34.80 3.42
C ASN E 232 -8.87 34.13 4.79
N GLY E 233 -8.23 34.83 5.72
CA GLY E 233 -7.98 34.29 7.04
C GLY E 233 -9.12 34.57 8.00
N SER E 234 -8.88 34.24 9.27
CA SER E 234 -9.84 34.45 10.34
C SER E 234 -9.37 35.62 11.19
N LEU E 235 -10.26 36.60 11.39
CA LEU E 235 -9.90 37.81 12.11
C LEU E 235 -9.96 37.57 13.61
N ALA E 236 -9.84 38.65 14.39
CA ALA E 236 -9.86 38.58 15.84
C ALA E 236 -10.73 39.72 16.38
N GLU E 237 -11.20 39.53 17.61
CA GLU E 237 -12.03 40.53 18.25
C GLU E 237 -11.18 41.67 18.79
N GLU E 238 -11.87 42.71 19.28
CA GLU E 238 -11.23 43.89 19.85
C GLU E 238 -10.33 44.59 18.84
N GLU E 239 -9.03 44.57 19.07
CA GLU E 239 -8.06 45.23 18.22
C GLU E 239 -7.06 44.22 17.67
N VAL E 240 -6.18 44.71 16.78
CA VAL E 240 -5.20 43.84 16.14
C VAL E 240 -4.29 43.22 17.20
N MET E 241 -3.85 41.99 16.93
CA MET E 241 -3.05 41.23 17.87
C MET E 241 -1.65 40.98 17.29
N ILE E 242 -0.65 41.04 18.17
CA ILE E 242 0.74 40.86 17.79
C ILE E 242 1.28 39.66 18.54
N ARG E 243 1.67 38.62 17.81
CA ARG E 243 2.20 37.40 18.40
C ARG E 243 3.61 37.16 17.88
N SER E 244 4.44 36.55 18.73
CA SER E 244 5.82 36.28 18.37
C SER E 244 6.36 35.18 19.26
N GLU E 245 7.37 34.47 18.75
CA GLU E 245 8.03 33.44 19.55
C GLU E 245 8.75 34.06 20.73
N ASN E 246 9.57 35.07 20.47
CA ASN E 246 10.28 35.79 21.53
C ASN E 246 10.58 37.17 20.96
N ILE E 247 9.72 38.14 21.27
CA ILE E 247 9.78 39.45 20.59
C ILE E 247 10.75 40.31 21.38
N THR E 248 12.03 40.01 21.20
CA THR E 248 13.11 40.96 21.38
C THR E 248 14.24 40.70 20.39
N ASN E 249 14.07 39.74 19.49
CA ASN E 249 15.10 39.25 18.59
C ASN E 249 14.86 39.75 17.18
N ASN E 250 15.89 39.68 16.35
CA ASN E 250 15.83 40.12 14.97
C ASN E 250 15.63 38.98 13.98
N ALA E 251 15.47 37.75 14.46
CA ALA E 251 15.34 36.59 13.58
C ALA E 251 14.09 35.79 13.90
N LYS E 252 13.04 36.45 14.38
CA LYS E 252 11.79 35.78 14.70
C LYS E 252 10.63 36.57 14.10
N ASN E 253 9.75 35.87 13.40
CA ASN E 253 8.63 36.53 12.74
C ASN E 253 7.68 37.15 13.76
N ILE E 254 7.02 38.22 13.35
CA ILE E 254 6.06 38.92 14.19
C ILE E 254 4.71 38.81 13.49
N LEU E 255 3.93 37.80 13.86
CA LEU E 255 2.63 37.60 13.24
C LEU E 255 1.67 38.68 13.71
N VAL E 256 0.97 39.30 12.76
CA VAL E 256 0.00 40.34 13.04
C VAL E 256 -1.36 39.85 12.58
N GLN E 257 -2.37 39.99 13.43
CA GLN E 257 -3.74 39.59 13.11
C GLN E 257 -4.61 40.83 13.14
N PHE E 258 -5.32 41.07 12.02
CA PHE E 258 -6.08 42.29 11.84
C PHE E 258 -7.40 42.24 12.60
N ASN E 259 -8.16 43.32 12.51
CA ASN E 259 -9.50 43.42 13.09
C ASN E 259 -10.57 43.56 12.03
N THR E 260 -10.36 44.45 11.05
CA THR E 260 -11.26 44.63 9.93
C THR E 260 -10.56 44.25 8.63
N PRO E 261 -11.24 43.55 7.73
CA PRO E 261 -10.59 43.12 6.48
C PRO E 261 -10.26 44.31 5.60
N VAL E 262 -9.25 44.12 4.76
CA VAL E 262 -8.83 45.10 3.77
C VAL E 262 -9.02 44.46 2.41
N GLN E 263 -10.10 44.83 1.72
CA GLN E 263 -10.44 44.18 0.46
C GLN E 263 -9.40 44.48 -0.62
N ILE E 264 -9.04 43.45 -1.37
CA ILE E 264 -8.08 43.57 -2.47
C ILE E 264 -8.69 42.95 -3.71
N ASN E 265 -8.63 43.67 -4.82
CA ASN E 265 -9.11 43.17 -6.11
C ASN E 265 -7.92 42.93 -7.03
N CYS E 266 -8.06 41.98 -7.95
CA CYS E 266 -7.25 42.03 -9.16
C CYS E 266 -7.67 40.98 -10.18
N THR E 267 -7.36 41.28 -11.44
CA THR E 267 -7.75 40.48 -12.59
C THR E 267 -6.65 40.55 -13.63
N ARG E 268 -6.72 39.64 -14.60
CA ARG E 268 -5.79 39.65 -15.73
C ARG E 268 -6.53 40.14 -16.96
N PRO E 269 -6.16 41.29 -17.54
CA PRO E 269 -6.95 41.89 -18.63
C PRO E 269 -6.61 41.34 -20.01
N ASN E 270 -6.88 40.04 -20.21
CA ASN E 270 -6.57 39.39 -21.48
C ASN E 270 -7.50 38.21 -21.69
N ASN E 271 -7.54 37.79 -22.95
CA ASN E 271 -8.01 36.47 -23.36
C ASN E 271 -6.87 35.68 -24.03
N ASN E 272 -6.29 34.76 -23.27
CA ASN E 272 -5.60 33.62 -23.86
C ASN E 272 -6.63 32.58 -24.31
N THR E 273 -6.34 31.93 -25.41
CA THR E 273 -7.14 30.79 -25.87
C THR E 273 -6.23 29.58 -25.93
N ARG E 274 -6.62 28.51 -25.23
CA ARG E 274 -5.77 27.33 -25.12
C ARG E 274 -6.00 26.45 -26.34
N LYS E 275 -4.93 26.18 -27.08
CA LYS E 275 -4.96 25.18 -28.13
C LYS E 275 -4.35 23.88 -27.62
N SER E 276 -4.82 22.77 -28.15
CA SER E 276 -4.41 21.44 -27.70
C SER E 276 -3.64 20.75 -28.81
N ILE E 277 -2.45 20.26 -28.49
CA ILE E 277 -1.64 19.51 -29.44
C ILE E 277 -1.36 18.14 -28.85
N ARG E 278 -0.97 17.21 -29.72
CA ARG E 278 -0.82 15.81 -29.34
C ARG E 278 0.65 15.50 -29.07
N ILE E 279 0.91 14.91 -27.91
CA ILE E 279 2.25 14.48 -27.53
C ILE E 279 2.54 13.07 -28.03
N GLY E 280 1.60 12.16 -27.80
CA GLY E 280 1.74 10.78 -28.21
C GLY E 280 0.41 10.05 -28.13
N PRO E 281 0.45 8.80 -27.68
CA PRO E 281 -0.80 8.05 -27.53
C PRO E 281 -1.58 8.49 -26.31
N GLY E 282 -2.68 9.21 -26.53
CA GLY E 282 -3.56 9.67 -25.46
C GLY E 282 -3.20 10.99 -24.81
N GLN E 283 -1.93 11.19 -24.50
CA GLN E 283 -1.50 12.40 -23.80
C GLN E 283 -1.68 13.62 -24.68
N ALA E 284 -1.95 14.76 -24.05
CA ALA E 284 -2.16 16.02 -24.74
C ALA E 284 -1.38 17.13 -24.04
N PHE E 285 -1.03 18.21 -24.71
CA PHE E 285 -0.34 19.32 -24.01
C PHE E 285 -1.12 20.57 -24.32
N TYR E 286 -1.57 21.40 -23.38
CA TYR E 286 -2.44 22.54 -23.72
C TYR E 286 -1.57 23.77 -23.75
N ALA E 287 -1.40 24.42 -24.88
CA ALA E 287 -0.41 25.50 -24.90
C ALA E 287 -1.04 26.81 -25.33
N THR E 288 -0.63 27.92 -24.72
CA THR E 288 -1.29 29.21 -25.02
C THR E 288 -1.11 29.43 -26.50
N GLY E 289 -2.00 30.19 -27.14
CA GLY E 289 -1.89 30.22 -28.60
C GLY E 289 -2.11 31.55 -29.26
N ASP E 290 -2.98 32.41 -28.75
CA ASP E 290 -3.12 33.69 -29.47
C ASP E 290 -3.91 34.71 -28.64
N ILE E 291 -3.29 35.83 -28.30
CA ILE E 291 -3.96 36.83 -27.43
C ILE E 291 -4.92 37.58 -28.35
N ILE E 292 -6.22 37.54 -28.05
CA ILE E 292 -7.24 38.17 -28.95
C ILE E 292 -7.61 39.55 -28.42
N GLY E 293 -6.75 40.54 -28.66
CA GLY E 293 -7.09 41.91 -28.23
C GLY E 293 -5.87 42.71 -27.87
N ASP E 294 -6.01 43.77 -27.07
CA ASP E 294 -4.85 44.50 -26.62
C ASP E 294 -4.08 43.70 -25.58
N ILE E 295 -2.85 44.14 -25.30
CA ILE E 295 -1.96 43.50 -24.33
C ILE E 295 -1.72 44.48 -23.19
N ARG E 296 -2.12 44.09 -21.98
CA ARG E 296 -1.87 44.89 -20.79
C ARG E 296 -1.41 43.96 -19.68
N GLN E 297 -0.76 44.56 -18.67
CA GLN E 297 -0.25 43.80 -17.54
C GLN E 297 -1.29 43.73 -16.43
N ALA E 298 -1.21 42.67 -15.64
CA ALA E 298 -2.08 42.52 -14.48
C ALA E 298 -1.67 43.53 -13.39
N HIS E 299 -2.60 43.76 -12.46
CA HIS E 299 -2.34 44.68 -11.36
C HIS E 299 -3.39 44.45 -10.28
N CYS E 300 -2.98 44.58 -9.02
CA CYS E 300 -3.88 44.39 -7.89
C CYS E 300 -4.16 45.73 -7.23
N ASN E 301 -5.44 46.02 -7.02
CA ASN E 301 -5.88 47.27 -6.41
C ASN E 301 -6.26 47.08 -4.96
N VAL E 302 -5.85 48.03 -4.11
CA VAL E 302 -6.31 48.14 -2.74
C VAL E 302 -6.79 49.57 -2.51
N SER E 303 -7.62 49.73 -1.50
CA SER E 303 -8.19 51.04 -1.17
C SER E 303 -7.26 51.79 -0.23
N LYS E 304 -6.91 53.01 -0.61
CA LYS E 304 -5.97 53.79 0.19
C LYS E 304 -6.57 54.24 1.52
N ALA E 305 -7.89 54.49 1.54
CA ALA E 305 -8.53 54.97 2.76
C ALA E 305 -8.52 53.92 3.87
N THR E 306 -8.35 52.64 3.54
CA THR E 306 -8.31 51.59 4.54
C THR E 306 -6.89 51.29 5.01
N TRP E 307 -5.94 51.22 4.08
CA TRP E 307 -4.54 51.02 4.43
C TRP E 307 -3.91 52.25 5.05
N ASN E 308 -4.54 53.42 4.93
CA ASN E 308 -4.06 54.62 5.59
C ASN E 308 -4.34 54.60 7.09
N GLU E 309 -5.22 53.71 7.56
CA GLU E 309 -5.57 53.62 8.96
C GLU E 309 -5.29 52.27 9.58
N THR E 310 -5.27 51.18 8.80
CA THR E 310 -4.93 49.89 9.37
C THR E 310 -3.48 49.87 9.82
N LEU E 311 -2.58 50.46 9.04
CA LEU E 311 -1.19 50.59 9.48
C LEU E 311 -1.09 51.45 10.74
N GLY E 312 -1.94 52.48 10.83
CA GLY E 312 -1.94 53.30 12.04
C GLY E 312 -2.35 52.53 13.27
N LYS E 313 -3.40 51.72 13.16
CA LYS E 313 -3.81 50.89 14.28
C LYS E 313 -2.72 49.87 14.64
N VAL E 314 -2.10 49.28 13.61
CA VAL E 314 -1.04 48.31 13.87
C VAL E 314 0.13 48.95 14.58
N VAL E 315 0.53 50.15 14.17
CA VAL E 315 1.66 50.81 14.81
C VAL E 315 1.29 51.26 16.22
N LYS E 316 0.04 51.66 16.43
CA LYS E 316 -0.40 52.02 17.79
C LYS E 316 -0.31 50.82 18.71
N GLN E 317 -0.72 49.64 18.23
CA GLN E 317 -0.60 48.44 19.05
C GLN E 317 0.86 48.01 19.23
N LEU E 318 1.68 48.20 18.20
CA LEU E 318 3.07 47.73 18.23
C LEU E 318 3.98 48.61 19.08
N ARG E 319 3.63 49.89 19.24
CA ARG E 319 4.45 50.78 20.06
C ARG E 319 4.52 50.35 21.53
N LYS E 320 3.75 49.34 21.93
CA LYS E 320 3.72 48.92 23.33
C LYS E 320 5.07 48.34 23.75
N HIS E 321 5.60 47.39 22.97
CA HIS E 321 6.80 46.66 23.38
C HIS E 321 8.10 47.37 23.08
N PHE E 322 8.06 48.50 22.34
CA PHE E 322 9.27 49.17 21.91
C PHE E 322 9.32 50.61 22.42
N GLY E 323 8.66 50.89 23.53
CA GLY E 323 8.66 52.23 24.09
C GLY E 323 7.77 53.19 23.33
N ASN E 324 7.28 54.22 24.01
CA ASN E 324 6.37 55.17 23.37
C ASN E 324 7.11 56.12 22.45
N ASN E 325 8.31 56.54 22.81
CA ASN E 325 9.06 57.52 22.04
C ASN E 325 10.04 56.81 21.10
N THR E 326 9.48 56.24 20.04
CA THR E 326 10.25 55.58 19.00
C THR E 326 9.63 55.90 17.64
N ILE E 327 10.47 55.92 16.61
CA ILE E 327 10.04 56.21 15.24
C ILE E 327 9.93 54.88 14.52
N ILE E 328 8.72 54.38 14.38
CA ILE E 328 8.48 53.15 13.64
C ILE E 328 8.44 53.46 12.15
N ARG E 329 9.24 52.75 11.36
CA ARG E 329 9.36 53.00 9.94
C ARG E 329 9.26 51.68 9.19
N PHE E 330 8.46 51.65 8.14
CA PHE E 330 8.34 50.45 7.33
C PHE E 330 9.20 50.57 6.08
N ALA E 331 9.49 49.42 5.46
CA ALA E 331 10.23 49.41 4.21
C ALA E 331 9.89 48.15 3.43
N ASN E 332 10.18 48.17 2.13
CA ASN E 332 9.91 47.03 1.29
C ASN E 332 11.00 45.97 1.47
N SER E 333 10.75 44.78 0.93
CA SER E 333 11.71 43.69 1.06
C SER E 333 12.99 44.04 0.31
N SER E 334 14.11 43.48 0.80
CA SER E 334 15.43 43.89 0.32
C SER E 334 16.21 42.77 -0.35
N GLY E 335 15.56 41.67 -0.71
CA GLY E 335 16.22 40.61 -1.46
C GLY E 335 15.95 39.22 -0.93
N GLY E 336 16.06 38.24 -1.81
CA GLY E 336 15.83 36.86 -1.46
C GLY E 336 15.43 36.07 -2.69
N ASP E 337 14.61 35.04 -2.47
CA ASP E 337 14.06 34.29 -3.58
C ASP E 337 12.97 35.12 -4.27
N LEU E 338 12.33 34.52 -5.27
CA LEU E 338 11.24 35.20 -5.96
C LEU E 338 9.90 34.96 -5.27
N GLU E 339 9.83 34.04 -4.32
CA GLU E 339 8.60 33.77 -3.60
C GLU E 339 8.54 34.43 -2.22
N VAL E 340 9.64 35.01 -1.75
CA VAL E 340 9.67 35.66 -0.46
C VAL E 340 9.61 37.18 -0.58
N THR E 341 10.19 37.75 -1.62
CA THR E 341 10.21 39.20 -1.78
C THR E 341 8.98 39.75 -2.48
N THR E 342 8.05 38.90 -2.93
CA THR E 342 6.88 39.36 -3.66
C THR E 342 5.65 38.58 -3.22
N HIS E 343 4.51 39.26 -3.22
CA HIS E 343 3.23 38.61 -2.96
C HIS E 343 3.03 37.48 -3.97
N SER E 344 2.58 36.32 -3.48
CA SER E 344 2.60 35.11 -4.29
C SER E 344 1.30 34.32 -4.14
N PHE E 345 0.17 35.00 -4.22
CA PHE E 345 -1.10 34.31 -4.07
C PHE E 345 -1.45 33.54 -5.35
N ASN E 346 -2.52 32.77 -5.27
CA ASN E 346 -3.03 31.98 -6.39
C ASN E 346 -4.49 32.36 -6.59
N CYS E 347 -4.86 32.65 -7.84
CA CYS E 347 -6.20 33.14 -8.16
C CYS E 347 -6.70 32.46 -9.42
N GLY E 348 -7.67 31.56 -9.26
CA GLY E 348 -8.36 30.96 -10.39
C GLY E 348 -7.49 30.15 -11.33
N GLY E 349 -6.49 29.45 -10.79
CA GLY E 349 -5.67 28.58 -11.60
C GLY E 349 -4.47 29.23 -12.25
N GLU E 350 -4.29 30.54 -12.10
CA GLU E 350 -3.13 31.25 -12.62
C GLU E 350 -2.36 31.85 -11.47
N PHE E 351 -1.05 31.65 -11.45
CA PHE E 351 -0.21 31.94 -10.29
C PHE E 351 0.47 33.29 -10.47
N PHE E 352 0.06 34.27 -9.66
CA PHE E 352 0.69 35.58 -9.63
C PHE E 352 1.88 35.55 -8.68
N TYR E 353 2.95 36.25 -9.05
CA TYR E 353 4.19 36.26 -8.28
C TYR E 353 4.68 37.70 -8.14
N CYS E 354 3.78 38.60 -7.75
CA CYS E 354 3.91 39.97 -8.21
C CYS E 354 4.22 40.95 -7.09
N ASN E 355 4.46 42.19 -7.53
CA ASN E 355 5.28 43.16 -6.81
C ASN E 355 4.46 43.87 -5.74
N THR E 356 5.11 44.22 -4.63
CA THR E 356 4.44 44.93 -3.54
C THR E 356 5.46 45.86 -2.87
N SER E 357 5.43 47.11 -3.30
CA SER E 357 6.26 48.13 -2.67
C SER E 357 5.54 49.47 -2.50
N GLY E 358 4.30 49.59 -2.95
CA GLY E 358 3.51 50.77 -2.73
C GLY E 358 2.79 50.82 -1.39
N LEU E 359 2.87 49.74 -0.62
CA LEU E 359 2.22 49.66 0.68
C LEU E 359 3.20 49.92 1.83
N PHE E 360 4.27 49.13 1.89
CA PHE E 360 5.24 49.24 2.99
C PHE E 360 6.26 50.34 2.68
N ASN E 361 5.78 51.57 2.71
CA ASN E 361 6.66 52.72 2.50
C ASN E 361 6.05 53.91 3.26
N SER E 362 6.52 54.13 4.48
CA SER E 362 6.00 55.18 5.33
C SER E 362 7.01 55.47 6.43
N THR E 363 6.67 56.44 7.29
CA THR E 363 7.47 56.74 8.48
C THR E 363 6.56 57.41 9.49
N TRP E 364 6.39 56.79 10.65
CA TRP E 364 5.44 57.25 11.66
C TRP E 364 6.19 57.87 12.83
N ILE E 365 5.81 59.09 13.18
CA ILE E 365 6.41 59.79 14.31
C ILE E 365 5.54 59.57 15.54
N SER E 366 6.15 59.73 16.72
CA SER E 366 5.44 59.48 17.97
C SER E 366 4.37 60.54 18.25
N ASN E 367 4.53 61.75 17.73
CA ASN E 367 3.59 62.83 18.00
C ASN E 367 3.20 63.56 16.72
N ASN E 379 -12.17 59.09 -5.51
CA ASN E 379 -11.49 58.23 -4.54
C ASN E 379 -10.22 57.65 -5.14
N ASP E 380 -9.16 57.56 -4.33
CA ASP E 380 -7.87 57.08 -4.76
C ASP E 380 -7.64 55.65 -4.30
N SER E 381 -6.90 54.90 -5.12
CA SER E 381 -6.56 53.52 -4.81
C SER E 381 -5.11 53.27 -5.14
N ILE E 382 -4.51 52.31 -4.45
CA ILE E 382 -3.13 51.91 -4.69
C ILE E 382 -3.12 50.72 -5.63
N THR E 383 -2.31 50.80 -6.68
CA THR E 383 -2.18 49.75 -7.68
C THR E 383 -0.81 49.11 -7.58
N LEU E 384 -0.77 47.79 -7.51
CA LEU E 384 0.47 47.02 -7.47
C LEU E 384 0.65 46.35 -8.82
N PRO E 385 1.70 46.65 -9.57
CA PRO E 385 1.93 45.95 -10.83
C PRO E 385 2.19 44.48 -10.59
N CYS E 386 1.82 43.65 -11.56
CA CYS E 386 1.87 42.21 -11.35
C CYS E 386 2.55 41.52 -12.53
N ARG E 387 2.98 40.28 -12.28
CA ARG E 387 3.53 39.39 -13.30
C ARG E 387 2.91 38.01 -13.15
N ILE E 388 3.21 37.12 -14.10
CA ILE E 388 2.63 35.79 -14.14
C ILE E 388 3.74 34.78 -14.45
N LYS E 389 3.67 33.62 -13.81
CA LYS E 389 4.60 32.53 -14.06
C LYS E 389 3.81 31.23 -14.24
N GLN E 390 4.38 30.31 -15.00
CA GLN E 390 3.74 29.03 -15.29
C GLN E 390 4.49 27.83 -14.73
N ILE E 391 5.82 27.85 -14.74
CA ILE E 391 6.60 26.76 -14.17
C ILE E 391 6.79 27.01 -12.69
N ILE E 392 5.83 26.61 -11.88
CA ILE E 392 5.85 26.91 -10.46
C ILE E 392 6.47 25.73 -9.71
N ASN E 393 6.91 26.01 -8.49
CA ASN E 393 7.62 25.04 -7.66
C ASN E 393 7.16 25.12 -6.22
N MET E 394 5.84 25.20 -6.00
CA MET E 394 5.32 25.33 -4.65
C MET E 394 5.59 24.07 -3.84
N TRP E 395 5.32 24.16 -2.54
CA TRP E 395 5.78 23.16 -1.56
C TRP E 395 7.28 22.95 -1.73
N GLN E 396 8.00 24.03 -1.42
CA GLN E 396 9.37 24.23 -1.88
C GLN E 396 10.24 23.00 -1.65
N ARG E 397 10.68 22.43 -2.77
CA ARG E 397 11.56 21.27 -2.78
C ARG E 397 12.55 21.47 -3.92
N ILE E 398 13.26 20.40 -4.27
CA ILE E 398 14.12 20.38 -5.45
C ILE E 398 13.82 19.08 -6.19
N GLY E 399 13.18 19.18 -7.36
CA GLY E 399 12.88 17.99 -8.11
C GLY E 399 11.50 17.85 -8.72
N GLN E 400 10.70 18.91 -8.77
CA GLN E 400 9.35 18.81 -9.30
C GLN E 400 8.95 20.11 -10.00
N CYS E 401 7.93 20.01 -10.84
CA CYS E 401 7.24 21.17 -11.39
C CYS E 401 5.75 20.98 -11.19
N MET E 402 4.96 21.98 -11.54
CA MET E 402 3.52 21.80 -11.69
C MET E 402 3.01 22.62 -12.87
N TYR E 403 3.61 22.48 -14.06
CA TYR E 403 3.28 23.31 -15.20
C TYR E 403 1.78 23.49 -15.34
N ALA E 404 1.31 24.73 -15.19
CA ALA E 404 -0.11 25.01 -15.09
C ALA E 404 -0.69 25.35 -16.46
N PRO E 405 -1.71 24.64 -16.95
CA PRO E 405 -2.25 24.94 -18.26
C PRO E 405 -2.88 26.32 -18.27
N PRO E 406 -2.90 26.98 -19.43
CA PRO E 406 -3.50 28.32 -19.51
C PRO E 406 -5.00 28.27 -19.28
N ILE E 407 -5.54 29.42 -18.86
CA ILE E 407 -6.95 29.57 -18.52
C ILE E 407 -7.58 30.54 -19.51
N GLN E 408 -8.71 30.14 -20.10
CA GLN E 408 -9.39 30.96 -21.09
C GLN E 408 -10.06 32.16 -20.44
N GLY E 409 -10.09 33.27 -21.17
CA GLY E 409 -10.81 34.45 -20.73
C GLY E 409 -10.08 35.23 -19.65
N VAL E 410 -10.83 36.16 -19.06
CA VAL E 410 -10.34 37.02 -17.97
C VAL E 410 -10.78 36.42 -16.65
N ILE E 411 -9.87 36.39 -15.68
CA ILE E 411 -10.15 35.89 -14.33
C ILE E 411 -9.99 37.04 -13.35
N ARG E 412 -10.96 37.19 -12.46
CA ARG E 412 -10.96 38.26 -11.47
C ARG E 412 -11.15 37.68 -10.08
N CYS E 413 -10.41 38.21 -9.10
CA CYS E 413 -10.47 37.73 -7.73
C CYS E 413 -10.63 38.91 -6.78
N VAL E 414 -11.47 38.71 -5.76
CA VAL E 414 -11.68 39.64 -4.67
C VAL E 414 -11.39 38.90 -3.37
N SER E 415 -10.54 39.48 -2.52
CA SER E 415 -10.07 38.75 -1.35
C SER E 415 -9.98 39.66 -0.13
N ASN E 416 -10.14 39.04 1.04
CA ASN E 416 -9.80 39.68 2.30
C ASN E 416 -8.28 39.76 2.45
N ILE E 417 -7.83 40.61 3.36
CA ILE E 417 -6.43 40.66 3.78
C ILE E 417 -6.44 40.76 5.30
N THR E 418 -6.27 39.63 5.97
CA THR E 418 -6.25 39.56 7.43
C THR E 418 -4.95 38.88 7.84
N GLY E 419 -3.89 39.67 7.98
CA GLY E 419 -2.62 39.12 8.42
C GLY E 419 -1.46 39.93 7.87
N LEU E 420 -0.28 39.63 8.40
CA LEU E 420 0.97 40.25 8.00
C LEU E 420 2.11 39.48 8.67
N ILE E 421 3.23 39.37 7.98
CA ILE E 421 4.31 38.50 8.44
C ILE E 421 5.58 39.35 8.57
N LEU E 422 5.43 40.58 9.03
CA LEU E 422 6.55 41.49 9.21
C LEU E 422 7.70 40.83 9.96
N THR E 423 8.91 41.33 9.71
CA THR E 423 10.09 40.95 10.46
C THR E 423 10.90 42.22 10.74
N ARG E 424 11.72 42.14 11.78
CA ARG E 424 12.44 43.31 12.27
C ARG E 424 13.79 43.47 11.57
N ASP E 425 14.44 44.60 11.84
CA ASP E 425 15.79 44.87 11.37
C ASP E 425 16.75 44.96 12.56
N GLY E 426 16.48 45.84 13.51
CA GLY E 426 17.24 45.98 14.75
C GLY E 426 18.74 45.95 14.60
N GLY E 427 19.41 45.40 15.62
CA GLY E 427 20.84 45.16 15.55
C GLY E 427 21.72 46.35 15.85
N SER E 428 21.36 47.53 15.33
CA SER E 428 22.21 48.72 15.40
C SER E 428 22.16 49.31 16.80
N THR E 429 22.68 48.55 17.76
CA THR E 429 22.81 48.95 19.16
C THR E 429 21.43 49.38 19.67
N ASN E 430 21.39 50.37 20.55
CA ASN E 430 20.13 50.94 21.02
C ASN E 430 19.95 52.32 20.40
N SER E 431 18.77 52.56 19.84
CA SER E 431 18.42 53.83 19.20
C SER E 431 16.91 53.79 18.95
N THR E 432 16.40 54.81 18.26
CA THR E 432 14.99 54.82 17.85
C THR E 432 14.95 55.00 16.34
N THR E 433 15.19 53.90 15.62
CA THR E 433 15.01 53.83 14.17
C THR E 433 14.47 52.45 13.79
N GLU E 434 13.49 51.95 14.55
CA GLU E 434 12.99 50.61 14.32
C GLU E 434 12.31 50.52 12.96
N THR E 435 12.87 49.72 12.06
CA THR E 435 12.32 49.52 10.73
C THR E 435 11.83 48.09 10.58
N PHE E 436 10.67 47.95 9.95
CA PHE E 436 10.03 46.66 9.73
C PHE E 436 9.92 46.38 8.25
N ARG E 437 10.23 45.14 7.86
CA ARG E 437 10.14 44.75 6.46
C ARG E 437 9.39 43.42 6.36
N PRO E 438 8.52 43.28 5.37
CA PRO E 438 7.82 42.00 5.20
C PRO E 438 8.80 40.90 4.80
N GLY E 439 8.49 39.68 5.20
CA GLY E 439 9.35 38.56 4.89
C GLY E 439 8.75 37.23 5.25
N GLY E 440 8.86 36.25 4.35
CA GLY E 440 8.30 34.94 4.60
C GLY E 440 9.31 33.95 5.11
N GLY E 441 9.48 32.84 4.39
CA GLY E 441 10.41 31.80 4.81
C GLY E 441 9.80 30.42 4.73
N ASP E 442 9.75 29.72 5.86
CA ASP E 442 9.10 28.42 5.90
C ASP E 442 7.60 28.58 5.66
N MET E 443 7.01 27.63 4.95
CA MET E 443 5.60 27.69 4.57
C MET E 443 4.73 27.17 5.71
N ARG E 444 5.00 27.69 6.91
CA ARG E 444 4.37 27.19 8.11
C ARG E 444 3.75 28.26 8.99
N ASP E 445 3.80 29.52 8.59
CA ASP E 445 3.15 30.59 9.35
C ASP E 445 1.76 30.91 8.85
N ASN E 446 1.29 30.26 7.79
CA ASN E 446 -0.10 30.39 7.38
C ASN E 446 -1.00 29.36 8.03
N TRP E 447 -0.43 28.42 8.78
CA TRP E 447 -1.21 27.46 9.55
C TRP E 447 -0.99 27.58 11.05
N ARG E 448 0.03 28.31 11.48
CA ARG E 448 0.18 28.72 12.87
C ARG E 448 -0.63 29.96 13.19
N SER E 449 -1.43 30.44 12.23
CA SER E 449 -2.34 31.55 12.45
C SER E 449 -3.80 31.13 12.49
N GLU E 450 -4.10 29.87 12.21
CA GLU E 450 -5.45 29.34 12.33
C GLU E 450 -5.58 28.21 13.35
N LEU E 451 -4.47 27.57 13.74
CA LEU E 451 -4.46 26.49 14.71
C LEU E 451 -3.70 26.89 15.95
N TYR E 452 -3.94 28.11 16.44
CA TYR E 452 -3.17 28.62 17.56
C TYR E 452 -3.89 28.48 18.89
N LYS E 453 -5.20 28.63 18.95
CA LYS E 453 -5.92 28.45 20.21
C LYS E 453 -6.46 27.03 20.37
N TYR E 454 -5.63 26.03 20.08
CA TYR E 454 -6.04 24.63 20.12
C TYR E 454 -4.96 23.79 20.80
N LYS E 455 -5.38 22.67 21.37
CA LYS E 455 -4.43 21.67 21.83
C LYS E 455 -5.16 20.33 21.94
N VAL E 456 -4.38 19.25 21.96
CA VAL E 456 -4.92 17.90 21.99
C VAL E 456 -4.43 17.22 23.27
N VAL E 457 -5.36 16.58 23.99
CA VAL E 457 -5.06 15.99 25.29
C VAL E 457 -5.50 14.54 25.29
N LYS E 458 -4.69 13.67 25.90
CA LYS E 458 -4.99 12.27 26.09
C LYS E 458 -5.62 12.08 27.46
N ILE E 459 -6.82 11.53 27.51
CA ILE E 459 -7.56 11.40 28.75
C ILE E 459 -7.20 10.07 29.40
N GLU E 460 -6.68 10.14 30.63
CA GLU E 460 -6.28 8.96 31.37
C GLU E 460 -7.27 8.72 32.51
N PRO E 461 -8.10 7.68 32.43
CA PRO E 461 -9.25 7.58 33.34
C PRO E 461 -8.93 7.03 34.73
N LEU E 462 -7.99 6.10 34.83
CA LEU E 462 -7.77 5.39 36.08
C LEU E 462 -7.30 6.34 37.19
N GLY E 463 -7.75 6.08 38.42
CA GLY E 463 -7.38 6.92 39.53
C GLY E 463 -7.41 6.17 40.85
N VAL E 464 -6.71 6.73 41.83
CA VAL E 464 -6.58 6.12 43.15
C VAL E 464 -6.81 7.20 44.21
N ALA E 465 -7.62 6.89 45.21
CA ALA E 465 -7.93 7.82 46.28
C ALA E 465 -8.22 7.06 47.56
N PRO E 466 -7.96 7.66 48.73
CA PRO E 466 -8.27 6.98 49.99
C PRO E 466 -9.68 7.27 50.48
N THR E 467 -10.33 6.24 51.03
CA THR E 467 -11.67 6.38 51.59
C THR E 467 -11.85 5.37 52.72
N ARG E 468 -13.04 5.41 53.32
CA ARG E 468 -13.38 4.64 54.50
C ARG E 468 -14.20 3.39 54.11
N CYS E 469 -13.49 2.37 53.61
CA CYS E 469 -14.07 1.06 53.39
C CYS E 469 -13.25 -0.02 54.09
N LYS E 470 -13.60 -1.26 53.77
CA LYS E 470 -12.71 -2.41 53.77
C LYS E 470 -13.43 -3.54 53.05
N ARG E 471 -12.80 -4.14 52.03
CA ARG E 471 -13.48 -5.21 51.31
C ARG E 471 -13.78 -6.36 52.26
N ARG E 472 -15.05 -6.58 52.57
CA ARG E 472 -15.41 -7.62 53.51
C ARG E 472 -15.57 -8.96 52.80
N VAL E 473 -14.92 -9.98 53.36
CA VAL E 473 -14.92 -11.30 52.75
C VAL E 473 -16.15 -12.09 53.19
N PHE F 8 -28.29 17.62 31.28
CA PHE F 8 -27.20 17.39 32.22
C PHE F 8 -25.86 17.81 31.61
N LEU F 9 -24.76 17.37 32.21
CA LEU F 9 -23.43 17.73 31.77
C LEU F 9 -23.04 16.87 30.56
N GLY F 10 -21.78 16.93 30.17
CA GLY F 10 -21.30 16.16 29.04
C GLY F 10 -19.92 15.57 29.26
N PHE F 11 -19.21 15.26 28.17
CA PHE F 11 -17.86 14.75 28.28
C PHE F 11 -16.95 15.75 28.99
N LEU F 12 -16.19 15.27 29.97
CA LEU F 12 -15.28 16.08 30.76
C LEU F 12 -15.98 17.26 31.44
N GLY F 13 -17.31 17.21 31.55
CA GLY F 13 -18.06 18.34 32.06
C GLY F 13 -17.81 18.65 33.52
N ALA F 14 -17.35 17.67 34.29
CA ALA F 14 -17.10 17.85 35.71
C ALA F 14 -15.61 18.01 36.02
N ALA F 15 -14.78 18.20 35.01
CA ALA F 15 -13.35 18.32 35.25
C ALA F 15 -12.99 19.56 36.06
N GLY F 16 -13.91 20.52 36.17
CA GLY F 16 -13.70 21.66 37.03
C GLY F 16 -14.43 21.54 38.35
N SER F 17 -15.30 20.54 38.45
CA SER F 17 -16.06 20.33 39.67
C SER F 17 -15.17 19.73 40.76
N THR F 18 -15.67 19.79 41.99
CA THR F 18 -14.92 19.27 43.12
C THR F 18 -14.90 17.74 43.09
N MET F 19 -14.00 17.16 43.89
CA MET F 19 -13.83 15.72 43.89
C MET F 19 -15.11 15.01 44.35
N GLY F 20 -15.78 15.56 45.36
CA GLY F 20 -16.95 14.89 45.91
C GLY F 20 -18.07 14.73 44.89
N ALA F 21 -18.35 15.77 44.12
CA ALA F 21 -19.39 15.70 43.11
C ALA F 21 -18.91 15.09 41.80
N ALA F 22 -17.60 14.88 41.64
CA ALA F 22 -17.09 14.27 40.41
C ALA F 22 -17.37 12.78 40.35
N SER F 23 -17.50 12.12 41.50
CA SER F 23 -17.74 10.68 41.52
C SER F 23 -19.22 10.38 41.32
N MET F 24 -19.84 11.03 40.33
CA MET F 24 -21.19 10.70 39.91
C MET F 24 -21.36 10.59 38.41
N THR F 25 -20.45 11.16 37.62
CA THR F 25 -20.52 11.11 36.16
C THR F 25 -19.44 10.21 35.57
N LEU F 26 -19.03 9.18 36.31
CA LEU F 26 -17.99 8.29 35.82
C LEU F 26 -18.43 7.55 34.56
N THR F 27 -19.73 7.31 34.40
CA THR F 27 -20.21 6.61 33.23
C THR F 27 -20.06 7.45 31.96
N VAL F 28 -20.24 8.76 32.08
CA VAL F 28 -20.19 9.63 30.91
C VAL F 28 -18.79 9.63 30.29
N GLN F 29 -17.77 9.71 31.12
CA GLN F 29 -16.39 9.75 30.64
C GLN F 29 -15.79 8.36 30.46
N ALA F 30 -16.56 7.31 30.71
CA ALA F 30 -16.10 5.94 30.49
C ALA F 30 -16.85 5.23 29.38
N ARG F 31 -17.98 5.78 28.91
CA ARG F 31 -18.78 5.10 27.89
C ARG F 31 -18.18 5.21 26.50
N ASN F 32 -17.40 6.25 26.23
CA ASN F 32 -16.95 6.56 24.88
C ASN F 32 -15.44 6.44 24.69
N LEU F 33 -14.76 5.64 25.52
CA LEU F 33 -13.36 5.32 25.21
C LEU F 33 -13.22 4.40 24.01
N LEU F 34 -14.33 3.84 23.52
CA LEU F 34 -14.34 2.96 22.36
C LEU F 34 -15.26 3.51 21.27
N SER F 35 -15.22 4.82 21.06
CA SER F 35 -16.05 5.44 20.04
C SER F 35 -15.66 4.95 18.66
N GLY F 36 -16.66 4.75 17.80
CA GLY F 36 -16.43 4.30 16.45
C GLY F 36 -15.87 2.89 16.36
N LEU F 57 -2.84 2.52 1.19
CA LEU F 57 -3.71 3.27 0.29
C LEU F 57 -3.38 4.75 0.30
N THR F 58 -4.42 5.57 0.20
CA THR F 58 -4.25 7.02 0.15
C THR F 58 -4.17 7.59 1.58
N VAL F 59 -3.96 8.90 1.66
CA VAL F 59 -4.07 9.59 2.93
C VAL F 59 -5.52 9.46 3.42
N TRP F 60 -5.71 9.48 4.73
CA TRP F 60 -6.95 9.03 5.38
C TRP F 60 -7.17 7.54 5.13
N GLY F 61 -6.09 6.79 4.99
CA GLY F 61 -6.14 5.36 4.83
C GLY F 61 -5.55 4.62 6.01
N ILE F 62 -4.30 4.16 5.87
CA ILE F 62 -3.65 3.44 6.96
C ILE F 62 -3.39 4.35 8.16
N LYS F 63 -3.21 5.66 7.91
CA LYS F 63 -2.97 6.59 9.01
C LYS F 63 -4.16 6.61 9.96
N GLN F 64 -5.38 6.66 9.42
CA GLN F 64 -6.56 6.56 10.26
C GLN F 64 -6.66 5.17 10.91
N LEU F 65 -6.33 4.12 10.15
CA LEU F 65 -6.47 2.75 10.65
C LEU F 65 -5.54 2.47 11.83
N GLN F 66 -4.46 3.23 11.97
CA GLN F 66 -3.59 3.06 13.15
C GLN F 66 -4.33 3.37 14.44
N ALA F 67 -5.11 4.45 14.45
CA ALA F 67 -5.79 4.89 15.67
C ALA F 67 -6.83 3.88 16.14
N ARG F 68 -7.58 3.28 15.22
CA ARG F 68 -8.62 2.35 15.62
C ARG F 68 -8.06 1.07 16.24
N VAL F 69 -6.78 0.78 16.03
CA VAL F 69 -6.14 -0.33 16.72
C VAL F 69 -5.51 0.12 18.03
N LEU F 70 -4.88 1.29 18.03
CA LEU F 70 -4.27 1.80 19.25
C LEU F 70 -5.31 2.01 20.34
N ALA F 71 -6.49 2.51 19.99
CA ALA F 71 -7.52 2.76 20.98
C ALA F 71 -7.98 1.47 21.65
N VAL F 72 -8.25 0.43 20.86
CA VAL F 72 -8.70 -0.82 21.46
C VAL F 72 -7.59 -1.46 22.27
N GLU F 73 -6.33 -1.31 21.86
CA GLU F 73 -5.24 -1.83 22.67
C GLU F 73 -5.17 -1.13 24.03
N ARG F 74 -5.29 0.20 24.04
CA ARG F 74 -5.27 0.92 25.31
C ARG F 74 -6.44 0.54 26.20
N TYR F 75 -7.63 0.41 25.63
CA TYR F 75 -8.80 0.04 26.42
C TYR F 75 -8.64 -1.36 27.02
N LEU F 76 -8.12 -2.31 26.22
CA LEU F 76 -7.93 -3.66 26.73
C LEU F 76 -6.91 -3.67 27.86
N ARG F 77 -5.82 -2.90 27.72
CA ARG F 77 -4.84 -2.83 28.79
C ARG F 77 -5.46 -2.26 30.07
N ASP F 78 -6.26 -1.20 29.94
CA ASP F 78 -6.91 -0.61 31.11
C ASP F 78 -7.83 -1.60 31.78
N GLN F 79 -8.61 -2.35 30.99
CA GLN F 79 -9.51 -3.34 31.59
C GLN F 79 -8.73 -4.46 32.28
N GLN F 80 -7.63 -4.93 31.67
CA GLN F 80 -6.84 -5.96 32.32
C GLN F 80 -6.27 -5.48 33.65
N LEU F 81 -5.86 -4.21 33.70
CA LEU F 81 -5.38 -3.64 34.96
C LEU F 81 -6.51 -3.56 35.99
N LEU F 82 -7.68 -3.08 35.59
CA LEU F 82 -8.85 -3.11 36.48
C LEU F 82 -9.35 -4.53 36.73
N GLY F 83 -8.67 -5.50 36.15
CA GLY F 83 -8.92 -6.91 36.30
C GLY F 83 -8.05 -7.46 37.40
N ILE F 84 -6.82 -7.84 37.04
CA ILE F 84 -5.88 -8.56 37.90
C ILE F 84 -5.97 -8.12 39.36
N TRP F 85 -6.09 -6.81 39.61
CA TRP F 85 -6.25 -6.32 40.99
C TRP F 85 -7.45 -6.96 41.67
N GLY F 86 -8.50 -7.27 40.91
CA GLY F 86 -9.72 -7.79 41.49
C GLY F 86 -10.75 -6.69 41.60
N CYS F 87 -11.65 -6.65 40.62
CA CYS F 87 -12.67 -5.62 40.51
C CYS F 87 -13.66 -6.05 39.43
N SER F 88 -13.39 -5.63 38.19
CA SER F 88 -14.09 -6.07 36.99
C SER F 88 -15.54 -5.59 36.97
N GLY F 89 -15.99 -5.00 38.08
CA GLY F 89 -17.28 -4.36 38.15
C GLY F 89 -17.26 -2.93 37.70
N LYS F 90 -16.08 -2.39 37.41
CA LYS F 90 -15.89 -1.02 36.95
C LYS F 90 -16.38 -0.02 37.99
N LEU F 91 -16.29 1.26 37.67
CA LEU F 91 -16.75 2.35 38.54
C LEU F 91 -16.05 2.19 39.89
N ILE F 92 -16.72 2.61 40.98
CA ILE F 92 -16.12 2.48 42.30
C ILE F 92 -15.93 1.01 42.65
N CYS F 93 -14.72 0.64 43.06
CA CYS F 93 -14.48 -0.72 43.54
C CYS F 93 -13.39 -0.61 44.61
N CYS F 94 -13.83 -0.52 45.87
CA CYS F 94 -12.96 -0.22 46.99
C CYS F 94 -12.42 -1.50 47.65
N THR F 95 -11.20 -1.43 48.21
CA THR F 95 -10.37 -2.62 48.35
C THR F 95 -9.46 -2.53 49.58
N ASN F 96 -8.61 -3.54 49.70
CA ASN F 96 -7.59 -3.69 50.74
C ASN F 96 -6.35 -2.86 50.43
N VAL F 97 -5.22 -3.20 51.05
CA VAL F 97 -3.98 -2.43 50.97
C VAL F 97 -4.19 -1.07 51.63
N PRO F 98 -4.21 -1.01 52.96
CA PRO F 98 -4.54 0.24 53.65
C PRO F 98 -3.58 1.36 53.31
N TRP F 99 -4.10 2.58 53.40
CA TRP F 99 -3.33 3.77 53.01
C TRP F 99 -2.12 3.97 53.92
N ASN F 100 -1.02 4.37 53.33
CA ASN F 100 0.20 4.71 54.05
C ASN F 100 0.31 6.23 54.15
N SER F 101 0.46 6.72 55.38
CA SER F 101 0.46 8.16 55.61
C SER F 101 1.65 8.86 54.96
N SER F 102 2.74 8.13 54.68
CA SER F 102 3.91 8.76 54.07
C SER F 102 3.60 9.31 52.69
N TRP F 103 2.65 8.71 51.98
CA TRP F 103 2.29 9.20 50.65
C TRP F 103 1.70 10.60 50.72
N SER F 104 0.78 10.84 51.65
CA SER F 104 0.14 12.15 51.77
C SER F 104 -0.41 12.28 53.18
N ASN F 105 0.16 13.20 53.97
CA ASN F 105 -0.29 13.44 55.34
C ASN F 105 -1.29 14.59 55.31
N ARG F 106 -2.54 14.25 54.99
CA ARG F 106 -3.61 15.23 54.86
C ARG F 106 -4.85 14.73 55.61
N ASN F 107 -5.84 15.61 55.73
CA ASN F 107 -7.09 15.29 56.39
C ASN F 107 -7.99 14.51 55.43
N LEU F 108 -9.25 14.31 55.81
CA LEU F 108 -10.21 13.60 54.98
C LEU F 108 -11.10 14.55 54.20
N SER F 109 -11.79 15.45 54.89
CA SER F 109 -12.56 16.48 54.19
C SER F 109 -11.67 17.44 53.43
N GLU F 110 -10.38 17.50 53.77
CA GLU F 110 -9.43 18.31 53.02
C GLU F 110 -9.27 17.79 51.59
N ILE F 111 -9.51 16.50 51.38
CA ILE F 111 -9.26 15.87 50.09
C ILE F 111 -10.52 15.82 49.23
N TRP F 112 -11.67 15.50 49.82
CA TRP F 112 -12.86 15.16 49.06
C TRP F 112 -13.81 16.33 48.84
N ASP F 113 -13.50 17.53 49.34
CA ASP F 113 -14.43 18.64 49.21
C ASP F 113 -13.79 19.95 48.78
N ASN F 114 -12.47 20.05 48.71
CA ASN F 114 -11.81 21.28 48.30
C ASN F 114 -10.66 20.99 47.36
N MET F 115 -10.88 20.11 46.39
CA MET F 115 -9.83 19.74 45.45
C MET F 115 -10.47 19.26 44.15
N THR F 116 -9.62 19.16 43.12
CA THR F 116 -10.02 18.67 41.81
C THR F 116 -9.08 17.55 41.41
N TRP F 117 -9.56 16.67 40.55
CA TRP F 117 -8.83 15.46 40.20
C TRP F 117 -7.47 15.77 39.59
N LEU F 118 -7.37 16.87 38.82
CA LEU F 118 -6.08 17.26 38.26
C LEU F 118 -5.08 17.58 39.36
N GLN F 119 -5.51 18.34 40.37
CA GLN F 119 -4.63 18.65 41.50
C GLN F 119 -4.24 17.37 42.23
N TRP F 120 -5.16 16.42 42.37
CA TRP F 120 -4.82 15.15 43.00
C TRP F 120 -3.76 14.40 42.22
N ASP F 121 -3.89 14.37 40.89
CA ASP F 121 -2.88 13.72 40.07
C ASP F 121 -1.53 14.41 40.22
N LYS F 122 -1.53 15.74 40.25
CA LYS F 122 -0.27 16.47 40.43
C LYS F 122 0.36 16.16 41.78
N GLU F 123 -0.45 16.06 42.83
CA GLU F 123 0.09 15.75 44.15
C GLU F 123 0.69 14.35 44.20
N ILE F 124 -0.04 13.37 43.67
CA ILE F 124 0.43 11.99 43.65
C ILE F 124 0.60 11.54 42.20
N SER F 125 1.82 11.66 41.68
CA SER F 125 2.11 11.23 40.32
C SER F 125 3.32 10.30 40.30
N ASN F 126 4.26 10.53 41.22
CA ASN F 126 5.44 9.68 41.33
C ASN F 126 5.22 8.49 42.25
N TYR F 127 4.18 8.50 43.07
CA TYR F 127 3.90 7.42 44.00
C TYR F 127 2.98 6.36 43.41
N THR F 128 2.45 6.58 42.20
CA THR F 128 1.55 5.62 41.59
C THR F 128 2.35 4.54 40.85
N GLN F 129 3.29 3.92 41.54
CA GLN F 129 4.06 2.80 40.99
C GLN F 129 4.27 1.65 41.95
N ILE F 130 4.16 1.87 43.26
CA ILE F 130 4.25 0.78 44.22
C ILE F 130 2.88 0.25 44.59
N ILE F 131 1.84 1.08 44.49
CA ILE F 131 0.48 0.62 44.77
C ILE F 131 0.05 -0.45 43.78
N TYR F 132 0.41 -0.28 42.50
CA TYR F 132 0.07 -1.24 41.47
C TYR F 132 0.71 -2.59 41.72
N GLY F 133 1.72 -2.66 42.57
CA GLY F 133 2.34 -3.92 42.93
C GLY F 133 1.74 -4.51 44.19
N LEU F 134 1.35 -3.66 45.14
CA LEU F 134 0.71 -4.14 46.36
C LEU F 134 -0.65 -4.75 46.07
N LEU F 135 -1.43 -4.12 45.17
CA LEU F 135 -2.78 -4.59 44.92
C LEU F 135 -2.77 -6.02 44.36
N GLU F 136 -1.82 -6.31 43.48
CA GLU F 136 -1.74 -7.64 42.87
C GLU F 136 -1.52 -8.72 43.93
N GLU F 137 -0.57 -8.50 44.84
CA GLU F 137 -0.29 -9.54 45.83
C GLU F 137 -1.42 -9.64 46.86
N SER F 138 -2.08 -8.52 47.17
CA SER F 138 -3.25 -8.60 48.04
C SER F 138 -4.34 -9.45 47.40
N GLN F 139 -4.60 -9.24 46.11
CA GLN F 139 -5.60 -10.04 45.41
C GLN F 139 -5.20 -11.51 45.38
N ASN F 140 -3.93 -11.80 45.15
CA ASN F 140 -3.48 -13.19 45.14
C ASN F 140 -3.68 -13.85 46.50
N GLN F 141 -3.36 -13.14 47.58
CA GLN F 141 -3.57 -13.68 48.91
C GLN F 141 -5.03 -13.96 49.17
N GLN F 142 -5.91 -13.02 48.80
CA GLN F 142 -7.34 -13.22 49.00
C GLN F 142 -7.85 -14.43 48.21
N GLU F 143 -7.39 -14.55 46.95
CA GLU F 143 -7.83 -15.67 46.12
C GLU F 143 -7.38 -17.00 46.69
N LYS F 144 -6.13 -17.08 47.16
CA LYS F 144 -5.64 -18.33 47.72
C LYS F 144 -6.39 -18.68 49.01
N ASN F 145 -6.66 -17.68 49.85
CA ASN F 145 -7.44 -17.93 51.06
C ASN F 145 -8.81 -18.48 50.72
N GLU F 146 -9.52 -17.83 49.78
CA GLU F 146 -10.84 -18.29 49.39
C GLU F 146 -10.79 -19.71 48.83
N GLN F 147 -9.81 -19.98 47.96
CA GLN F 147 -9.74 -21.27 47.30
C GLN F 147 -9.46 -22.39 48.29
N ASP F 148 -8.52 -22.19 49.21
CA ASP F 148 -8.23 -23.25 50.17
C ASP F 148 -9.38 -23.43 51.16
N LEU F 149 -10.02 -22.34 51.57
CA LEU F 149 -11.17 -22.45 52.47
C LEU F 149 -12.30 -23.23 51.81
N LEU F 150 -12.55 -22.97 50.52
CA LEU F 150 -13.61 -23.69 49.82
C LEU F 150 -13.25 -25.15 49.62
N ALA F 151 -12.00 -25.42 49.22
CA ALA F 151 -11.63 -26.79 48.89
C ALA F 151 -11.49 -27.67 50.13
N LEU F 152 -11.23 -27.06 51.29
CA LEU F 152 -11.10 -27.86 52.51
C LEU F 152 -12.42 -28.56 52.86
N ASP F 153 -13.53 -27.85 52.76
CA ASP F 153 -14.82 -28.42 53.12
C ASP F 153 -15.75 -28.54 51.90
N GLN G 1 28.69 23.79 19.25
CA GLN G 1 28.23 25.17 19.17
C GLN G 1 27.95 25.57 17.73
N VAL G 2 26.91 26.40 17.54
CA VAL G 2 26.53 26.87 16.20
C VAL G 2 27.47 27.95 15.69
N GLN G 3 28.46 28.37 16.49
CA GLN G 3 29.37 29.44 16.10
C GLN G 3 30.09 29.08 14.81
N LEU G 4 30.44 30.12 14.05
CA LEU G 4 31.03 29.95 12.72
C LEU G 4 32.52 30.30 12.77
N GLN G 5 33.34 29.45 12.14
CA GLN G 5 34.77 29.67 12.06
C GLN G 5 35.15 30.03 10.63
N GLU G 6 35.85 31.15 10.46
CA GLU G 6 36.22 31.66 9.15
C GLU G 6 37.74 31.74 9.03
N SER G 7 38.21 31.79 7.78
CA SER G 7 39.63 31.85 7.50
C SER G 7 39.83 32.28 6.05
N GLY G 8 41.07 32.52 5.69
CA GLY G 8 41.43 32.87 4.32
C GLY G 8 41.74 34.32 4.06
N GLY G 9 41.77 35.17 5.10
CA GLY G 9 42.07 36.57 4.89
C GLY G 9 43.53 36.82 4.55
N GLY G 10 43.77 37.99 3.99
CA GLY G 10 45.13 38.35 3.60
C GLY G 10 45.16 39.72 2.96
N LEU G 11 46.31 40.02 2.35
CA LEU G 11 46.54 41.28 1.67
C LEU G 11 46.44 41.06 0.16
N VAL G 12 45.72 41.95 -0.52
CA VAL G 12 45.43 41.78 -1.94
C VAL G 12 45.94 42.98 -2.72
N GLN G 13 46.54 42.70 -3.87
CA GLN G 13 46.88 43.72 -4.85
C GLN G 13 45.64 44.09 -5.65
N PRO G 14 45.33 45.37 -5.81
CA PRO G 14 44.17 45.77 -6.62
C PRO G 14 44.17 45.10 -7.99
N GLY G 15 43.03 44.53 -8.35
CA GLY G 15 42.93 43.73 -9.56
C GLY G 15 43.14 42.25 -9.37
N GLY G 16 43.23 41.78 -8.12
CA GLY G 16 43.45 40.39 -7.81
C GLY G 16 42.17 39.68 -7.40
N SER G 17 42.33 38.61 -6.61
CA SER G 17 41.20 37.83 -6.16
C SER G 17 41.55 37.15 -4.85
N LEU G 18 40.54 36.82 -4.06
CA LEU G 18 40.68 36.13 -2.79
C LEU G 18 39.90 34.84 -2.81
N ARG G 19 40.06 34.06 -1.74
CA ARG G 19 39.48 32.73 -1.63
C ARG G 19 38.89 32.53 -0.24
N LEU G 20 38.13 33.52 0.23
CA LEU G 20 37.59 33.51 1.58
C LEU G 20 36.71 32.30 1.82
N SER G 21 36.76 31.77 3.04
CA SER G 21 36.00 30.58 3.40
C SER G 21 35.60 30.64 4.87
N CYS G 22 34.54 29.92 5.20
CA CYS G 22 34.07 29.81 6.57
C CYS G 22 33.44 28.43 6.76
N VAL G 23 33.73 27.82 7.91
CA VAL G 23 33.35 26.43 8.18
C VAL G 23 32.86 26.33 9.62
N ALA G 24 31.80 25.56 9.83
CA ALA G 24 31.27 25.37 11.17
C ALA G 24 30.42 24.11 11.23
N SER G 25 30.04 23.77 12.45
CA SER G 25 29.19 22.61 12.73
C SER G 25 28.21 23.02 13.82
N GLY G 26 27.59 22.04 14.48
CA GLY G 26 26.64 22.36 15.53
C GLY G 26 25.30 21.66 15.39
N PHE G 27 25.27 20.55 14.64
CA PHE G 27 24.12 19.65 14.50
C PHE G 27 22.84 20.40 14.10
N ASP G 28 22.96 21.64 13.62
CA ASP G 28 21.78 22.41 13.27
C ASP G 28 21.93 23.18 11.96
N LEU G 29 22.97 22.90 11.18
CA LEU G 29 23.16 23.59 9.91
C LEU G 29 22.40 22.87 8.78
N GLU G 30 21.12 22.64 9.03
CA GLU G 30 20.22 22.04 8.04
C GLU G 30 19.00 22.93 7.91
N ASN G 31 18.67 23.65 8.99
CA ASN G 31 17.57 24.59 9.01
C ASN G 31 17.99 26.01 8.62
N TYR G 32 19.30 26.27 8.53
CA TYR G 32 19.80 27.61 8.31
C TYR G 32 20.45 27.74 6.93
N SER G 33 20.69 28.99 6.54
CA SER G 33 21.42 29.32 5.33
C SER G 33 22.47 30.37 5.67
N ILE G 34 23.66 30.21 5.09
CA ILE G 34 24.84 30.98 5.51
C ILE G 34 25.19 31.99 4.43
N GLY G 35 25.36 33.25 4.85
CA GLY G 35 25.77 34.31 3.96
C GLY G 35 27.05 34.98 4.41
N TRP G 36 27.22 36.26 4.12
CA TRP G 36 28.43 36.98 4.49
C TRP G 36 28.08 38.42 4.85
N PHE G 37 29.07 39.10 5.44
CA PHE G 37 28.92 40.44 5.99
C PHE G 37 29.84 41.41 5.27
N ARG G 38 29.68 42.69 5.60
CA ARG G 38 30.63 43.72 5.18
C ARG G 38 30.39 44.96 6.02
N GLN G 39 31.43 45.45 6.68
CA GLN G 39 31.31 46.62 7.55
C GLN G 39 32.64 47.37 7.52
N ALA G 40 32.61 48.60 7.05
CA ALA G 40 33.81 49.42 6.94
C ALA G 40 33.74 50.60 7.90
N PRO G 41 34.89 51.10 8.37
CA PRO G 41 34.90 52.26 9.27
C PRO G 41 34.17 53.46 8.68
N GLY G 42 33.09 53.88 9.33
CA GLY G 42 32.32 55.02 8.88
C GLY G 42 30.96 54.65 8.30
N LYS G 43 30.92 53.55 7.55
CA LYS G 43 29.69 53.09 6.91
C LYS G 43 29.05 52.00 7.75
N ALA G 44 27.74 51.82 7.54
CA ALA G 44 26.97 50.82 8.27
C ALA G 44 27.22 49.45 7.67
N ARG G 45 26.47 48.45 8.12
CA ARG G 45 26.62 47.09 7.62
C ARG G 45 25.96 46.93 6.26
N GLU G 46 26.44 45.93 5.50
CA GLU G 46 25.83 45.58 4.23
C GLU G 46 25.78 44.05 4.15
N GLY G 47 25.50 43.53 2.96
CA GLY G 47 25.58 42.10 2.71
C GLY G 47 26.24 41.87 1.37
N VAL G 48 26.87 40.71 1.24
CA VAL G 48 27.63 40.41 0.02
C VAL G 48 27.10 39.16 -0.67
N ALA G 49 26.55 38.23 0.09
CA ALA G 49 26.12 36.96 -0.50
C ALA G 49 25.24 36.21 0.48
N CYS G 50 24.43 35.31 -0.07
CA CYS G 50 23.54 34.47 0.73
C CYS G 50 23.19 33.25 -0.12
N LEU G 51 23.71 32.09 0.24
CA LEU G 51 23.41 30.85 -0.50
C LEU G 51 22.14 30.26 0.11
N SER G 52 21.01 30.50 -0.54
CA SER G 52 19.73 30.06 0.00
C SER G 52 19.61 28.55 -0.07
N LYS G 53 19.45 27.92 1.09
CA LYS G 53 18.98 26.55 1.11
C LYS G 53 17.55 26.51 0.56
N ASN G 54 17.18 25.35 0.04
CA ASN G 54 15.85 25.15 -0.56
C ASN G 54 15.68 26.10 -1.74
N SER G 55 16.55 25.86 -2.73
CA SER G 55 16.57 26.50 -4.05
C SER G 55 17.92 26.24 -4.72
N GLY G 56 19.00 26.55 -4.01
CA GLY G 56 20.34 26.44 -4.56
C GLY G 56 20.84 27.68 -5.26
N ILE G 57 20.02 28.73 -5.36
CA ILE G 57 20.43 29.94 -6.08
C ILE G 57 21.52 30.65 -5.29
N GLY G 58 22.40 31.34 -6.01
CA GLY G 58 23.58 31.95 -5.43
C GLY G 58 23.50 33.46 -5.32
N HIS G 59 22.38 33.99 -4.82
CA HIS G 59 22.13 35.43 -4.75
C HIS G 59 23.37 36.21 -4.32
N SER G 60 23.58 37.35 -4.96
CA SER G 60 24.69 38.23 -4.65
C SER G 60 24.33 39.65 -5.04
N VAL G 61 24.69 40.60 -4.18
CA VAL G 61 24.29 41.99 -4.40
C VAL G 61 25.05 42.59 -5.58
N LYS G 62 26.34 42.31 -5.69
CA LYS G 62 27.14 42.72 -6.85
C LYS G 62 27.49 41.51 -7.72
N GLY G 63 27.81 41.80 -8.98
CA GLY G 63 28.06 40.73 -9.93
C GLY G 63 29.33 39.95 -9.66
N ARG G 64 30.37 40.63 -9.15
CA ARG G 64 31.66 39.97 -8.99
C ARG G 64 31.60 38.86 -7.94
N PHE G 65 31.07 39.17 -6.76
CA PHE G 65 31.04 38.19 -5.69
C PHE G 65 30.07 37.05 -6.01
N THR G 66 30.54 35.82 -5.90
CA THR G 66 29.70 34.64 -6.04
C THR G 66 30.01 33.68 -4.89
N ILE G 67 28.96 33.10 -4.31
CA ILE G 67 29.11 32.11 -3.27
C ILE G 67 28.95 30.73 -3.89
N SER G 68 29.49 29.72 -3.21
CA SER G 68 29.44 28.36 -3.72
C SER G 68 29.58 27.38 -2.57
N ARG G 69 29.20 26.13 -2.84
CA ARG G 69 29.29 25.04 -1.88
C ARG G 69 29.52 23.75 -2.66
N ASP G 70 30.18 22.79 -2.00
CA ASP G 70 30.51 21.51 -2.63
C ASP G 70 30.14 20.37 -1.70
N GLY G 71 29.34 19.44 -2.20
CA GLY G 71 29.02 18.21 -1.49
C GLY G 71 28.30 18.47 -0.18
N ASP G 72 28.52 17.57 0.77
CA ASP G 72 27.96 17.69 2.11
C ASP G 72 28.94 18.33 3.09
N SER G 73 30.11 18.73 2.63
CA SER G 73 31.10 19.35 3.51
C SER G 73 30.55 20.63 4.11
N ASN G 74 30.72 20.78 5.43
CA ASN G 74 30.16 21.92 6.14
C ASN G 74 31.06 23.14 6.01
N THR G 75 31.46 23.48 4.79
CA THR G 75 32.27 24.65 4.53
C THR G 75 31.74 25.38 3.31
N TRP G 76 31.74 26.71 3.36
CA TRP G 76 31.20 27.56 2.30
C TRP G 76 32.27 28.50 1.82
N PHE G 77 32.46 28.56 0.50
CA PHE G 77 33.52 29.35 -0.11
C PHE G 77 32.93 30.57 -0.81
N LEU G 78 33.41 31.75 -0.43
CA LEU G 78 33.04 33.00 -1.09
C LEU G 78 34.18 33.43 -2.00
N GLN G 79 33.89 33.61 -3.28
CA GLN G 79 34.89 33.93 -4.28
C GLN G 79 34.98 35.44 -4.48
N MET G 80 36.15 35.88 -4.92
CA MET G 80 36.42 37.30 -5.14
C MET G 80 36.95 37.51 -6.55
N GLY G 81 36.74 38.71 -7.07
CA GLY G 81 37.22 39.03 -8.41
C GLY G 81 37.21 40.51 -8.72
N ALA G 82 38.31 41.00 -9.30
CA ALA G 82 38.46 42.41 -9.69
C ALA G 82 38.19 43.34 -8.51
N LEU G 83 39.04 43.20 -7.49
CA LEU G 83 38.88 43.97 -6.27
C LEU G 83 39.17 45.45 -6.52
N GLU G 84 38.60 46.28 -5.65
CA GLU G 84 38.70 47.73 -5.78
C GLU G 84 38.98 48.32 -4.41
N ALA G 85 39.50 49.56 -4.42
CA ALA G 85 39.85 50.23 -3.17
C ALA G 85 38.66 50.40 -2.23
N GLU G 86 37.43 50.36 -2.78
CA GLU G 86 36.25 50.46 -1.93
C GLU G 86 36.05 49.24 -1.05
N ASP G 87 36.68 48.11 -1.40
CA ASP G 87 36.49 46.86 -0.66
C ASP G 87 37.57 46.74 0.43
N THR G 88 37.44 47.61 1.43
CA THR G 88 38.34 47.64 2.59
C THR G 88 37.46 47.61 3.84
N ALA G 89 37.21 46.42 4.35
CA ALA G 89 36.30 46.24 5.48
C ALA G 89 36.65 44.95 6.20
N VAL G 90 35.78 44.52 7.11
CA VAL G 90 35.94 43.28 7.86
C VAL G 90 34.82 42.35 7.44
N TYR G 91 35.18 41.16 6.98
CA TYR G 91 34.23 40.21 6.42
C TYR G 91 33.90 39.15 7.46
N THR G 92 32.61 38.99 7.75
CA THR G 92 32.14 38.04 8.75
C THR G 92 31.16 37.06 8.10
N CYS G 93 31.28 35.79 8.47
CA CYS G 93 30.41 34.75 7.95
C CYS G 93 29.34 34.43 8.99
N ALA G 94 28.10 34.77 8.68
CA ALA G 94 26.96 34.61 9.58
C ALA G 94 25.89 33.74 8.94
N THR G 95 24.84 33.45 9.69
CA THR G 95 23.76 32.58 9.25
C THR G 95 22.47 33.37 9.12
N TYR G 96 21.75 33.16 8.01
CA TYR G 96 20.53 33.88 7.71
C TYR G 96 19.34 32.91 7.74
N ASN G 97 18.18 33.41 7.34
CA ASN G 97 16.93 32.68 7.41
C ASN G 97 16.97 31.50 6.43
N ARG G 98 15.94 30.65 6.49
CA ARG G 98 15.97 29.39 5.75
C ARG G 98 16.11 29.60 4.25
N ALA G 99 15.39 30.58 3.69
CA ALA G 99 15.55 30.93 2.27
C ALA G 99 15.82 32.42 2.19
N CYS G 100 17.08 32.79 2.44
CA CYS G 100 17.63 34.12 2.20
C CYS G 100 16.63 35.24 2.43
N ALA G 101 16.09 35.36 3.64
CA ALA G 101 15.27 36.52 3.95
C ALA G 101 16.13 37.76 3.92
N ASN G 102 15.54 38.90 4.27
CA ASN G 102 16.17 40.18 3.99
C ASN G 102 17.61 40.20 4.50
N TYR G 103 18.56 40.22 3.59
CA TYR G 103 19.95 40.51 3.91
C TYR G 103 20.27 41.89 3.34
N VAL G 104 21.55 42.26 3.42
CA VAL G 104 22.08 43.62 3.22
C VAL G 104 21.37 44.60 4.15
N THR G 105 20.46 44.09 4.98
CA THR G 105 19.73 44.89 5.95
C THR G 105 19.73 44.30 7.35
N ILE G 106 19.60 42.98 7.48
CA ILE G 106 19.34 42.37 8.77
C ILE G 106 20.64 42.23 9.57
N TRP G 107 20.49 42.05 10.87
CA TRP G 107 21.60 41.77 11.79
C TRP G 107 21.39 40.37 12.33
N PRO G 108 22.12 39.38 11.86
CA PRO G 108 21.74 37.98 12.06
C PRO G 108 22.05 37.50 13.47
N GLU G 109 21.78 36.22 13.70
CA GLU G 109 22.12 35.51 14.92
C GLU G 109 23.13 34.41 14.58
N PHE G 110 23.84 33.96 15.62
CA PHE G 110 24.95 33.02 15.47
C PHE G 110 25.92 33.48 14.40
N ARG G 111 26.52 34.64 14.65
CA ARG G 111 27.46 35.25 13.72
C ARG G 111 28.90 34.87 14.08
N GLY G 112 29.80 35.10 13.14
CA GLY G 112 31.20 34.79 13.31
C GLY G 112 31.98 35.91 13.96
N GLN G 113 33.31 35.81 13.86
CA GLN G 113 34.20 36.79 14.47
C GLN G 113 34.52 37.94 13.50
N GLY G 114 35.08 37.61 12.34
CA GLY G 114 35.38 38.63 11.35
C GLY G 114 36.83 38.69 10.95
N THR G 115 37.10 38.55 9.65
CA THR G 115 38.46 38.62 9.13
C THR G 115 38.67 39.95 8.40
N GLN G 116 39.87 40.50 8.55
CA GLN G 116 40.22 41.80 8.02
C GLN G 116 40.77 41.63 6.60
N VAL G 117 40.31 42.48 5.68
CA VAL G 117 40.76 42.48 4.30
C VAL G 117 41.14 43.90 3.92
N THR G 118 42.36 44.07 3.41
CA THR G 118 42.87 45.37 3.02
C THR G 118 43.38 45.31 1.58
N VAL G 119 43.07 46.34 0.81
CA VAL G 119 43.47 46.42 -0.60
C VAL G 119 44.28 47.70 -0.80
N SER G 120 45.46 47.55 -1.39
CA SER G 120 46.35 48.68 -1.68
C SER G 120 47.50 48.16 -2.54
N SER G 121 48.08 49.05 -3.33
CA SER G 121 49.19 48.69 -4.21
C SER G 121 50.51 48.73 -3.45
N GLN H 1 8.64 -40.42 -7.08
CA GLN H 1 10.07 -40.61 -7.28
C GLN H 1 10.63 -39.53 -8.20
N VAL H 2 11.93 -39.26 -8.05
CA VAL H 2 12.59 -38.22 -8.84
C VAL H 2 13.62 -38.95 -9.70
N GLN H 3 13.28 -40.17 -10.09
CA GLN H 3 14.16 -40.94 -10.97
C GLN H 3 14.26 -40.28 -12.34
N LEU H 4 15.40 -40.48 -12.99
CA LEU H 4 15.70 -39.85 -14.27
C LEU H 4 15.67 -40.94 -15.35
N GLN H 5 14.82 -40.76 -16.35
CA GLN H 5 14.70 -41.72 -17.45
C GLN H 5 15.38 -41.16 -18.68
N GLU H 6 16.31 -41.94 -19.23
CA GLU H 6 17.15 -41.51 -20.34
C GLU H 6 16.79 -42.28 -21.61
N SER H 7 17.18 -41.70 -22.75
CA SER H 7 16.89 -42.28 -24.05
C SER H 7 17.74 -41.59 -25.10
N GLY H 8 17.77 -42.16 -26.29
CA GLY H 8 18.46 -41.57 -27.42
C GLY H 8 19.81 -42.15 -27.77
N GLY H 9 20.22 -43.24 -27.12
CA GLY H 9 21.51 -43.83 -27.41
C GLY H 9 21.54 -44.60 -28.72
N GLY H 10 22.74 -44.99 -29.11
CA GLY H 10 22.91 -45.73 -30.35
C GLY H 10 24.38 -45.83 -30.73
N LEU H 11 24.61 -46.18 -32.00
CA LEU H 11 25.95 -46.31 -32.55
C LEU H 11 26.24 -45.15 -33.48
N VAL H 12 27.45 -44.59 -33.38
CA VAL H 12 27.81 -43.37 -34.09
C VAL H 12 29.04 -43.62 -34.96
N GLN H 13 28.99 -43.10 -36.18
CA GLN H 13 30.16 -43.07 -37.05
C GLN H 13 31.08 -41.94 -36.61
N PRO H 14 32.36 -42.21 -36.33
CA PRO H 14 33.29 -41.13 -35.96
C PRO H 14 33.19 -39.91 -36.86
N GLY H 15 32.81 -38.78 -36.28
CA GLY H 15 32.57 -37.58 -37.05
C GLY H 15 31.09 -37.32 -37.25
N GLY H 16 30.28 -37.66 -36.26
CA GLY H 16 28.84 -37.49 -36.34
C GLY H 16 28.27 -36.67 -35.20
N SER H 17 26.99 -36.87 -34.91
CA SER H 17 26.31 -36.13 -33.86
C SER H 17 25.20 -36.98 -33.26
N LEU H 18 24.86 -36.69 -32.01
CA LEU H 18 23.80 -37.38 -31.29
C LEU H 18 22.80 -36.38 -30.74
N ARG H 19 21.72 -36.91 -30.17
CA ARG H 19 20.65 -36.13 -29.56
C ARG H 19 20.25 -36.75 -28.22
N LEU H 20 21.24 -37.04 -27.40
CA LEU H 20 20.98 -37.65 -26.09
C LEU H 20 20.05 -36.77 -25.27
N SER H 21 19.08 -37.41 -24.61
CA SER H 21 18.09 -36.68 -23.82
C SER H 21 17.62 -37.57 -22.68
N CYS H 22 17.09 -36.93 -21.64
CA CYS H 22 16.52 -37.64 -20.52
C CYS H 22 15.45 -36.79 -19.86
N VAL H 23 14.37 -37.43 -19.44
CA VAL H 23 13.16 -36.77 -18.96
C VAL H 23 12.82 -37.31 -17.57
N ALA H 24 12.40 -36.41 -16.68
CA ALA H 24 12.08 -36.83 -15.31
C ALA H 24 11.00 -35.93 -14.73
N SER H 25 10.36 -36.44 -13.69
CA SER H 25 9.35 -35.71 -12.93
C SER H 25 9.56 -36.03 -11.46
N GLY H 26 8.57 -35.72 -10.63
CA GLY H 26 8.69 -35.99 -9.21
C GLY H 26 8.49 -34.77 -8.34
N PHE H 27 7.74 -33.79 -8.84
CA PHE H 27 7.29 -32.60 -8.09
C PHE H 27 8.44 -31.86 -7.40
N ASP H 28 9.70 -32.12 -7.81
CA ASP H 28 10.82 -31.48 -7.13
C ASP H 28 11.89 -30.97 -8.11
N LEU H 29 11.58 -30.91 -9.40
CA LEU H 29 12.52 -30.36 -10.38
C LEU H 29 12.39 -28.85 -10.47
N GLU H 30 12.46 -28.19 -9.31
CA GLU H 30 12.42 -26.74 -9.22
C GLU H 30 13.59 -26.25 -8.38
N ASN H 31 14.10 -27.14 -7.52
CA ASN H 31 15.22 -26.84 -6.66
C ASN H 31 16.53 -27.41 -7.16
N TYR H 32 16.49 -28.31 -8.14
CA TYR H 32 17.68 -28.99 -8.62
C TYR H 32 18.07 -28.52 -10.01
N SER H 33 19.20 -29.01 -10.48
CA SER H 33 19.67 -28.83 -11.85
C SER H 33 20.29 -30.14 -12.32
N ILE H 34 20.14 -30.43 -13.62
CA ILE H 34 20.42 -31.74 -14.17
C ILE H 34 21.64 -31.67 -15.07
N GLY H 35 22.60 -32.59 -14.83
CA GLY H 35 23.80 -32.69 -15.62
C GLY H 35 23.96 -34.07 -16.24
N TRP H 36 25.20 -34.49 -16.50
CA TRP H 36 25.45 -35.77 -17.16
C TRP H 36 26.75 -36.37 -16.64
N PHE H 37 26.97 -37.65 -16.99
CA PHE H 37 28.12 -38.43 -16.60
C PHE H 37 28.92 -38.83 -17.83
N ARG H 38 30.14 -39.31 -17.60
CA ARG H 38 30.96 -39.91 -18.65
C ARG H 38 31.67 -41.15 -18.12
N GLN H 39 30.93 -41.99 -17.40
CA GLN H 39 31.50 -43.19 -16.81
C GLN H 39 32.03 -44.13 -17.89
N ALA H 40 33.35 -44.33 -17.91
CA ALA H 40 34.00 -45.15 -18.92
C ALA H 40 34.86 -46.22 -18.25
N PRO H 41 34.99 -47.38 -18.87
CA PRO H 41 35.83 -48.44 -18.28
C PRO H 41 37.27 -47.99 -18.13
N GLY H 42 37.90 -48.42 -17.04
CA GLY H 42 39.28 -48.08 -16.74
C GLY H 42 39.47 -46.77 -16.00
N LYS H 43 38.74 -45.74 -16.38
CA LYS H 43 38.83 -44.43 -15.77
C LYS H 43 37.73 -44.21 -14.75
N ALA H 44 37.92 -43.20 -13.91
CA ALA H 44 36.94 -42.85 -12.90
C ALA H 44 35.83 -42.01 -13.53
N ARG H 45 34.98 -41.42 -12.69
CA ARG H 45 33.87 -40.61 -13.19
C ARG H 45 34.36 -39.21 -13.56
N GLU H 46 33.68 -38.61 -14.54
CA GLU H 46 33.94 -37.23 -14.94
C GLU H 46 32.60 -36.53 -15.12
N GLY H 47 32.64 -35.34 -15.71
CA GLY H 47 31.44 -34.61 -16.04
C GLY H 47 31.48 -34.13 -17.47
N VAL H 48 30.29 -33.83 -18.00
CA VAL H 48 30.19 -33.39 -19.39
C VAL H 48 29.50 -32.03 -19.45
N ALA H 49 28.32 -31.92 -18.86
CA ALA H 49 27.55 -30.69 -18.92
C ALA H 49 26.67 -30.58 -17.68
N CYS H 50 26.22 -29.35 -17.42
CA CYS H 50 25.35 -29.10 -16.27
C CYS H 50 24.63 -27.78 -16.52
N LEU H 51 23.32 -27.84 -16.73
CA LEU H 51 22.52 -26.64 -16.96
C LEU H 51 22.14 -26.07 -15.60
N SER H 52 22.81 -25.00 -15.20
CA SER H 52 22.61 -24.42 -13.88
C SER H 52 21.31 -23.62 -13.86
N LYS H 53 20.42 -23.98 -12.93
CA LYS H 53 19.25 -23.16 -12.67
C LYS H 53 19.71 -21.84 -12.04
N ASN H 54 18.85 -20.83 -12.14
CA ASN H 54 19.04 -19.53 -11.51
C ASN H 54 20.09 -18.71 -12.26
N SER H 55 20.74 -19.32 -13.24
CA SER H 55 21.66 -18.58 -14.10
C SER H 55 21.37 -18.77 -15.58
N GLY H 56 20.96 -19.96 -15.99
CA GLY H 56 20.70 -20.24 -17.39
C GLY H 56 21.93 -20.53 -18.21
N ILE H 57 23.12 -20.50 -17.62
CA ILE H 57 24.35 -20.74 -18.35
C ILE H 57 24.47 -22.23 -18.65
N GLY H 58 25.16 -22.55 -19.75
CA GLY H 58 25.26 -23.90 -20.24
C GLY H 58 26.64 -24.51 -20.07
N HIS H 59 27.23 -24.37 -18.87
CA HIS H 59 28.59 -24.81 -18.61
C HIS H 59 28.84 -26.20 -19.17
N SER H 60 30.05 -26.40 -19.70
CA SER H 60 30.45 -27.68 -20.26
C SER H 60 31.97 -27.79 -20.16
N VAL H 61 32.45 -29.03 -20.04
CA VAL H 61 33.89 -29.23 -19.85
C VAL H 61 34.65 -29.30 -21.18
N LYS H 62 33.99 -29.65 -22.28
CA LYS H 62 34.54 -29.52 -23.63
C LYS H 62 33.65 -28.58 -24.43
N GLY H 63 34.25 -27.97 -25.46
CA GLY H 63 33.53 -27.01 -26.27
C GLY H 63 32.40 -27.60 -27.10
N ARG H 64 32.55 -28.85 -27.53
CA ARG H 64 31.55 -29.46 -28.40
C ARG H 64 30.23 -29.69 -27.67
N PHE H 65 30.30 -30.26 -26.47
CA PHE H 65 29.07 -30.60 -25.74
C PHE H 65 28.37 -29.34 -25.26
N THR H 66 27.07 -29.24 -25.55
CA THR H 66 26.23 -28.17 -25.05
C THR H 66 24.92 -28.77 -24.57
N ILE H 67 24.44 -28.31 -23.42
CA ILE H 67 23.16 -28.72 -22.89
C ILE H 67 22.15 -27.61 -23.14
N SER H 68 20.88 -27.98 -23.24
CA SER H 68 19.84 -27.01 -23.56
C SER H 68 18.50 -27.49 -23.01
N ARG H 69 17.57 -26.55 -22.92
CA ARG H 69 16.21 -26.82 -22.44
C ARG H 69 15.25 -26.06 -23.35
N ASP H 70 13.96 -26.29 -23.15
CA ASP H 70 12.93 -25.60 -23.94
C ASP H 70 11.65 -25.50 -23.14
N GLY H 71 11.23 -24.26 -22.85
CA GLY H 71 9.98 -24.00 -22.18
C GLY H 71 9.95 -24.60 -20.78
N ASP H 72 8.76 -25.03 -20.37
CA ASP H 72 8.56 -25.69 -19.09
C ASP H 72 8.57 -27.20 -19.18
N SER H 73 8.82 -27.75 -20.37
CA SER H 73 8.85 -29.19 -20.54
C SER H 73 9.96 -29.81 -19.69
N ASN H 74 9.64 -30.88 -18.98
CA ASN H 74 10.59 -31.49 -18.06
C ASN H 74 11.51 -32.45 -18.80
N THR H 75 12.13 -32.00 -19.88
CA THR H 75 13.09 -32.78 -20.63
C THR H 75 14.32 -31.93 -20.93
N TRP H 76 15.48 -32.57 -20.95
CA TRP H 76 16.75 -31.89 -21.16
C TRP H 76 17.49 -32.56 -22.30
N PHE H 77 17.96 -31.75 -23.25
CA PHE H 77 18.63 -32.25 -24.45
C PHE H 77 20.12 -31.95 -24.36
N LEU H 78 20.93 -33.00 -24.46
CA LEU H 78 22.38 -32.86 -24.53
C LEU H 78 22.80 -33.09 -25.98
N GLN H 79 23.33 -32.04 -26.60
CA GLN H 79 23.71 -32.08 -28.01
C GLN H 79 25.22 -32.20 -28.13
N MET H 80 25.68 -33.18 -28.89
CA MET H 80 27.10 -33.44 -29.08
C MET H 80 27.42 -33.50 -30.57
N GLY H 81 28.57 -32.99 -30.95
CA GLY H 81 28.99 -33.01 -32.34
C GLY H 81 30.48 -33.28 -32.46
N ALA H 82 30.85 -33.77 -33.65
CA ALA H 82 32.24 -34.09 -33.98
C ALA H 82 32.84 -35.05 -32.95
N LEU H 83 32.14 -36.16 -32.73
CA LEU H 83 32.59 -37.17 -31.79
C LEU H 83 33.86 -37.86 -32.30
N GLU H 84 34.69 -38.28 -31.36
CA GLU H 84 35.96 -38.92 -31.64
C GLU H 84 35.96 -40.34 -31.08
N ALA H 85 37.10 -41.03 -31.21
CA ALA H 85 37.20 -42.41 -30.76
C ALA H 85 37.28 -42.52 -29.24
N GLU H 86 37.54 -41.42 -28.53
CA GLU H 86 37.67 -41.47 -27.09
C GLU H 86 36.33 -41.35 -26.36
N ASP H 87 35.24 -41.14 -27.08
CA ASP H 87 33.92 -40.98 -26.47
C ASP H 87 33.16 -42.31 -26.45
N THR H 88 33.72 -43.26 -25.71
CA THR H 88 33.12 -44.59 -25.53
C THR H 88 32.90 -44.80 -24.04
N ALA H 89 31.67 -44.57 -23.58
CA ALA H 89 31.37 -44.62 -22.15
C ALA H 89 29.88 -44.88 -21.98
N VAL H 90 29.41 -44.80 -20.73
CA VAL H 90 28.00 -44.93 -20.38
C VAL H 90 27.54 -43.58 -19.86
N TYR H 91 26.58 -42.98 -20.56
CA TYR H 91 26.16 -41.60 -20.30
C TYR H 91 24.93 -41.61 -19.40
N THR H 92 25.11 -41.18 -18.16
CA THR H 92 24.05 -41.12 -17.17
C THR H 92 23.77 -39.67 -16.81
N CYS H 93 22.49 -39.32 -16.71
CA CYS H 93 22.07 -37.98 -16.35
C CYS H 93 21.55 -37.97 -14.91
N ALA H 94 22.07 -37.04 -14.11
CA ALA H 94 21.74 -36.97 -12.69
C ALA H 94 21.39 -35.55 -12.29
N THR H 95 21.24 -35.30 -10.99
CA THR H 95 20.83 -34.01 -10.47
C THR H 95 21.94 -33.43 -9.59
N TYR H 96 22.31 -32.17 -9.85
CA TYR H 96 23.33 -31.46 -9.11
C TYR H 96 22.69 -30.34 -8.29
N ASN H 97 23.53 -29.54 -7.64
CA ASN H 97 23.06 -28.48 -6.76
C ASN H 97 22.40 -27.37 -7.58
N ARG H 98 21.92 -26.35 -6.86
CA ARG H 98 21.15 -25.29 -7.49
C ARG H 98 21.98 -24.37 -8.37
N ALA H 99 23.31 -24.46 -8.32
CA ALA H 99 24.16 -23.62 -9.14
C ALA H 99 25.23 -24.43 -9.85
N CYS H 100 24.95 -25.72 -10.10
CA CYS H 100 25.92 -26.64 -10.69
C CYS H 100 27.24 -26.62 -9.93
N ALA H 101 27.17 -26.37 -8.62
CA ALA H 101 28.37 -26.20 -7.83
C ALA H 101 29.15 -27.50 -7.74
N ASN H 102 30.45 -27.41 -8.00
CA ASN H 102 31.40 -28.50 -7.77
C ASN H 102 31.00 -29.77 -8.53
N TYR H 103 30.57 -29.62 -9.77
CA TYR H 103 30.31 -30.77 -10.61
C TYR H 103 31.63 -31.26 -11.21
N VAL H 104 31.57 -32.12 -12.22
CA VAL H 104 32.66 -32.83 -12.90
C VAL H 104 33.47 -33.68 -11.92
N THR H 105 33.20 -33.57 -10.63
CA THR H 105 33.85 -34.43 -9.66
C THR H 105 32.93 -34.99 -8.58
N ILE H 106 31.72 -34.46 -8.41
CA ILE H 106 30.85 -34.92 -7.33
C ILE H 106 30.08 -36.16 -7.79
N TRP H 107 29.68 -36.98 -6.83
CA TRP H 107 28.87 -38.16 -7.07
C TRP H 107 27.49 -37.93 -6.47
N PRO H 108 26.47 -37.66 -7.28
CA PRO H 108 25.21 -37.17 -6.72
C PRO H 108 24.23 -38.27 -6.36
N GLU H 109 23.09 -37.88 -5.81
CA GLU H 109 21.96 -38.76 -5.60
C GLU H 109 20.88 -38.42 -6.63
N PHE H 110 19.80 -39.21 -6.61
CA PHE H 110 18.71 -39.08 -7.59
C PHE H 110 19.24 -39.21 -9.01
N ARG H 111 20.10 -40.21 -9.22
CA ARG H 111 20.72 -40.43 -10.52
C ARG H 111 19.94 -41.44 -11.34
N GLY H 112 20.21 -41.45 -12.64
CA GLY H 112 19.58 -42.37 -13.57
C GLY H 112 20.36 -43.66 -13.71
N GLN H 113 20.10 -44.37 -14.81
CA GLN H 113 20.74 -45.65 -15.08
C GLN H 113 21.89 -45.50 -16.06
N GLY H 114 21.62 -44.93 -17.24
CA GLY H 114 22.69 -44.56 -18.15
C GLY H 114 22.75 -45.32 -19.46
N THR H 115 22.44 -44.63 -20.56
CA THR H 115 22.53 -45.26 -21.88
C THR H 115 23.99 -45.48 -22.27
N GLN H 116 24.20 -46.38 -23.22
CA GLN H 116 25.53 -46.77 -23.68
C GLN H 116 25.76 -46.16 -25.05
N VAL H 117 26.92 -45.52 -25.24
CA VAL H 117 27.29 -44.90 -26.49
C VAL H 117 28.62 -45.48 -26.95
N THR H 118 28.67 -45.98 -28.18
CA THR H 118 29.85 -46.59 -28.75
C THR H 118 30.20 -45.91 -30.07
N VAL H 119 31.49 -45.68 -30.29
CA VAL H 119 31.99 -45.04 -31.49
C VAL H 119 32.96 -46.01 -32.18
N SER H 120 32.75 -46.22 -33.48
CA SER H 120 33.59 -47.09 -34.30
C SER H 120 33.18 -46.93 -35.75
N SER H 121 34.16 -47.11 -36.65
CA SER H 121 33.90 -46.98 -38.07
C SER H 121 33.26 -48.24 -38.64
CA GLN I 1 -36.51 15.84 -13.61
C GLN I 1 -35.52 15.60 -14.75
N VAL I 2 -35.66 14.44 -15.41
CA VAL I 2 -34.72 14.04 -16.46
C VAL I 2 -35.18 14.49 -17.85
N GLN I 3 -36.43 14.94 -17.98
CA GLN I 3 -37.04 15.20 -19.28
C GLN I 3 -36.13 16.06 -20.17
N LEU I 4 -36.23 15.83 -21.47
CA LEU I 4 -35.31 16.42 -22.43
C LEU I 4 -35.98 17.62 -23.10
N GLN I 5 -35.25 18.72 -23.21
CA GLN I 5 -35.75 19.93 -23.85
C GLN I 5 -35.03 20.12 -25.18
N GLU I 6 -35.80 20.24 -26.26
CA GLU I 6 -35.27 20.32 -27.61
C GLU I 6 -35.47 21.71 -28.20
N SER I 7 -34.69 22.00 -29.24
CA SER I 7 -34.74 23.31 -29.90
C SER I 7 -34.07 23.18 -31.26
N GLY I 8 -34.27 24.21 -32.09
CA GLY I 8 -33.63 24.29 -33.38
C GLY I 8 -34.49 23.96 -34.58
N GLY I 9 -35.80 23.77 -34.40
CA GLY I 9 -36.65 23.46 -35.52
C GLY I 9 -36.83 24.63 -36.47
N GLY I 10 -37.18 24.29 -37.71
CA GLY I 10 -37.37 25.33 -38.71
C GLY I 10 -37.66 24.72 -40.07
N LEU I 11 -37.64 25.59 -41.08
CA LEU I 11 -37.91 25.20 -42.46
C LEU I 11 -36.61 25.26 -43.25
N VAL I 12 -36.38 24.24 -44.08
CA VAL I 12 -35.11 24.06 -44.78
C VAL I 12 -35.35 23.93 -46.28
N GLN I 13 -34.55 24.67 -47.05
CA GLN I 13 -34.53 24.52 -48.50
C GLN I 13 -33.81 23.22 -48.85
N PRO I 14 -34.45 22.30 -49.60
CA PRO I 14 -33.77 21.05 -50.00
C PRO I 14 -32.35 21.28 -50.52
N GLY I 15 -31.39 20.66 -49.85
CA GLY I 15 -29.99 20.89 -50.15
C GLY I 15 -29.34 21.83 -49.16
N GLY I 16 -29.72 21.71 -47.89
CA GLY I 16 -29.19 22.57 -46.85
C GLY I 16 -28.69 21.80 -45.63
N SER I 17 -28.69 22.45 -44.48
CA SER I 17 -28.21 21.82 -43.26
C SER I 17 -28.92 22.43 -42.06
N LEU I 18 -28.93 21.69 -40.96
CA LEU I 18 -29.55 22.13 -39.71
C LEU I 18 -28.58 21.93 -38.56
N ARG I 19 -28.97 22.43 -37.39
CA ARG I 19 -28.17 22.33 -36.18
C ARG I 19 -29.06 21.92 -35.00
N LEU I 20 -29.86 20.88 -35.21
CA LEU I 20 -30.78 20.41 -34.18
C LEU I 20 -30.02 20.06 -32.91
N SER I 21 -30.56 20.51 -31.77
CA SER I 21 -29.92 20.29 -30.48
C SER I 21 -30.98 20.13 -29.41
N CYS I 22 -30.61 19.47 -28.32
CA CYS I 22 -31.50 19.30 -27.18
C CYS I 22 -30.67 19.14 -25.91
N VAL I 23 -31.15 19.76 -24.83
CA VAL I 23 -30.40 19.90 -23.59
C VAL I 23 -31.28 19.46 -22.43
N ALA I 24 -30.70 18.74 -21.48
CA ALA I 24 -31.45 18.30 -20.30
C ALA I 24 -30.51 18.08 -19.13
N SER I 25 -31.11 17.98 -17.95
CA SER I 25 -30.39 17.71 -16.71
C SER I 25 -31.25 16.75 -15.89
N GLY I 26 -30.97 16.64 -14.60
CA GLY I 26 -31.74 15.74 -13.75
C GLY I 26 -30.90 14.74 -12.98
N PHE I 27 -29.64 15.11 -12.69
CA PHE I 27 -28.72 14.37 -11.82
C PHE I 27 -28.58 12.90 -12.19
N ASP I 28 -29.03 12.52 -13.39
CA ASP I 28 -28.97 11.12 -13.79
C ASP I 28 -28.49 10.93 -15.23
N LEU I 29 -28.00 11.98 -15.88
CA LEU I 29 -27.48 11.84 -17.24
C LEU I 29 -26.00 11.43 -17.23
N GLU I 30 -25.71 10.38 -16.48
CA GLU I 30 -24.38 9.79 -16.43
C GLU I 30 -24.51 8.30 -16.71
N ASN I 31 -25.68 7.74 -16.41
CA ASN I 31 -25.98 6.35 -16.67
C ASN I 31 -26.60 6.13 -18.05
N TYR I 32 -27.04 7.18 -18.71
CA TYR I 32 -27.83 7.06 -19.94
C TYR I 32 -27.06 7.60 -21.13
N SER I 33 -27.59 7.32 -22.32
CA SER I 33 -27.10 7.87 -23.57
C SER I 33 -28.29 8.39 -24.37
N ILE I 34 -28.11 9.54 -25.02
CA ILE I 34 -29.20 10.27 -25.65
C ILE I 34 -29.07 10.16 -27.16
N GLY I 35 -30.15 9.72 -27.80
CA GLY I 35 -30.21 9.61 -29.25
C GLY I 35 -31.29 10.49 -29.83
N TRP I 36 -31.86 10.11 -30.98
CA TRP I 36 -32.87 10.93 -31.63
C TRP I 36 -33.91 10.04 -32.31
N PHE I 37 -35.10 10.61 -32.49
CA PHE I 37 -36.24 9.93 -33.10
C PHE I 37 -36.40 10.37 -34.56
N ARG I 38 -37.39 9.78 -35.22
CA ARG I 38 -37.86 10.27 -36.53
C ARG I 38 -39.22 9.65 -36.78
N GLN I 39 -40.26 10.48 -36.88
CA GLN I 39 -41.61 9.99 -37.11
C GLN I 39 -42.21 10.85 -38.20
N ALA I 40 -42.49 10.24 -39.35
CA ALA I 40 -43.22 10.87 -40.43
C ALA I 40 -44.64 10.32 -40.49
N PRO I 41 -45.62 11.12 -40.92
CA PRO I 41 -47.00 10.62 -40.98
C PRO I 41 -47.12 9.40 -41.87
N GLY I 42 -47.88 8.41 -41.40
CA GLY I 42 -48.13 7.18 -42.13
C GLY I 42 -47.11 6.10 -41.90
N LYS I 43 -45.94 6.45 -41.36
CA LYS I 43 -44.88 5.49 -41.11
C LYS I 43 -44.69 5.25 -39.62
N ALA I 44 -43.94 4.19 -39.30
CA ALA I 44 -43.65 3.84 -37.92
C ALA I 44 -42.49 4.70 -37.42
N ARG I 45 -41.92 4.34 -36.27
CA ARG I 45 -40.81 5.06 -35.67
C ARG I 45 -39.48 4.43 -36.08
N GLU I 46 -38.51 5.29 -36.39
CA GLU I 46 -37.16 4.83 -36.69
C GLU I 46 -36.18 5.53 -35.73
N GLY I 47 -34.89 5.35 -36.01
CA GLY I 47 -33.86 6.05 -35.28
C GLY I 47 -32.91 6.74 -36.24
N VAL I 48 -32.22 7.75 -35.73
CA VAL I 48 -31.34 8.56 -36.57
C VAL I 48 -29.93 8.60 -36.02
N ALA I 49 -29.79 8.50 -34.69
CA ALA I 49 -28.47 8.62 -34.09
C ALA I 49 -28.55 8.17 -32.64
N CYS I 50 -27.39 7.77 -32.11
CA CYS I 50 -27.29 7.33 -30.72
C CYS I 50 -25.82 7.47 -30.31
N LEU I 51 -25.52 8.45 -29.47
CA LEU I 51 -24.15 8.64 -29.00
C LEU I 51 -23.92 7.73 -27.81
N SER I 52 -23.26 6.60 -28.03
CA SER I 52 -23.08 5.60 -27.00
C SER I 52 -22.02 6.04 -25.99
N LYS I 53 -22.36 5.95 -24.72
CA LYS I 53 -21.35 6.05 -23.68
C LYS I 53 -20.49 4.78 -23.70
N ASN I 54 -19.39 4.83 -22.95
CA ASN I 54 -18.47 3.71 -22.76
C ASN I 54 -17.63 3.43 -24.00
N SER I 55 -17.96 4.07 -25.12
CA SER I 55 -17.13 3.94 -26.32
C SER I 55 -16.91 5.24 -27.08
N GLY I 56 -17.69 6.28 -26.85
CA GLY I 56 -17.53 7.51 -27.60
C GLY I 56 -17.87 7.42 -29.07
N ILE I 57 -18.44 6.32 -29.52
CA ILE I 57 -18.71 6.11 -30.94
C ILE I 57 -19.98 6.86 -31.32
N GLY I 58 -20.05 7.28 -32.58
CA GLY I 58 -21.12 8.12 -33.07
C GLY I 58 -22.08 7.43 -34.01
N HIS I 59 -22.55 6.23 -33.65
CA HIS I 59 -23.39 5.43 -34.53
C HIS I 59 -24.49 6.25 -35.19
N SER I 60 -24.79 5.91 -36.44
CA SER I 60 -25.86 6.55 -37.19
C SER I 60 -26.39 5.57 -38.22
N VAL I 61 -27.63 5.80 -38.66
CA VAL I 61 -28.25 4.91 -39.63
C VAL I 61 -28.02 5.37 -41.06
N LYS I 62 -27.86 6.66 -41.29
CA LYS I 62 -27.51 7.20 -42.60
C LYS I 62 -26.16 7.92 -42.51
N GLY I 63 -25.49 8.02 -43.65
CA GLY I 63 -24.17 8.62 -43.67
C GLY I 63 -24.17 10.10 -43.32
N ARG I 64 -25.22 10.82 -43.71
CA ARG I 64 -25.25 12.27 -43.51
C ARG I 64 -25.34 12.63 -42.03
N PHE I 65 -26.27 12.01 -41.32
CA PHE I 65 -26.52 12.37 -39.92
C PHE I 65 -25.34 11.94 -39.05
N THR I 66 -24.82 12.87 -38.26
CA THR I 66 -23.78 12.59 -37.28
C THR I 66 -24.16 13.24 -35.96
N ILE I 67 -23.93 12.52 -34.86
CA ILE I 67 -24.16 13.04 -33.53
C ILE I 67 -22.83 13.51 -32.96
N SER I 68 -22.89 14.44 -32.02
CA SER I 68 -21.67 15.00 -31.44
C SER I 68 -21.98 15.56 -30.06
N ARG I 69 -20.91 15.79 -29.31
CA ARG I 69 -20.98 16.37 -27.97
C ARG I 69 -19.77 17.28 -27.79
N ASP I 70 -19.80 18.08 -26.71
CA ASP I 70 -18.71 19.03 -26.46
C ASP I 70 -18.54 19.18 -24.96
N GLY I 71 -17.41 18.71 -24.44
CA GLY I 71 -17.04 18.90 -23.05
C GLY I 71 -18.03 18.24 -22.11
N ASP I 72 -18.19 18.84 -20.94
CA ASP I 72 -19.14 18.38 -19.94
C ASP I 72 -20.50 19.05 -20.05
N SER I 73 -20.68 19.95 -21.02
CA SER I 73 -21.95 20.63 -21.19
C SER I 73 -23.05 19.62 -21.51
N ASN I 74 -24.17 19.74 -20.82
CA ASN I 74 -25.25 18.78 -20.98
C ASN I 74 -26.11 19.12 -22.19
N THR I 75 -25.48 19.34 -23.34
CA THR I 75 -26.19 19.58 -24.58
C THR I 75 -25.61 18.68 -25.67
N TRP I 76 -26.49 18.24 -26.57
CA TRP I 76 -26.13 17.30 -27.62
C TRP I 76 -26.52 17.90 -28.97
N PHE I 77 -25.59 17.89 -29.91
CA PHE I 77 -25.78 18.53 -31.21
C PHE I 77 -25.89 17.46 -32.28
N LEU I 78 -27.00 17.49 -33.02
CA LEU I 78 -27.22 16.59 -34.15
C LEU I 78 -27.03 17.39 -35.43
N GLN I 79 -25.96 17.10 -36.15
CA GLN I 79 -25.62 17.83 -37.37
C GLN I 79 -26.08 17.02 -38.58
N MET I 80 -26.89 17.64 -39.42
CA MET I 80 -27.42 17.00 -40.62
C MET I 80 -27.10 17.86 -41.83
N GLY I 81 -26.81 17.21 -42.96
CA GLY I 81 -26.50 17.93 -44.17
C GLY I 81 -27.06 17.20 -45.39
N ALA I 82 -27.22 17.98 -46.46
CA ALA I 82 -27.73 17.48 -47.74
C ALA I 82 -29.09 16.80 -47.57
N LEU I 83 -30.02 17.54 -46.97
CA LEU I 83 -31.36 17.02 -46.75
C LEU I 83 -32.11 16.87 -48.07
N GLU I 84 -33.04 15.92 -48.09
CA GLU I 84 -33.81 15.62 -49.29
C GLU I 84 -35.30 15.74 -48.98
N ALA I 85 -36.12 15.42 -49.98
CA ALA I 85 -37.57 15.54 -49.84
C ALA I 85 -38.15 14.56 -48.84
N GLU I 86 -37.44 13.47 -48.55
CA GLU I 86 -37.95 12.45 -47.63
C GLU I 86 -37.73 12.80 -46.17
N ASP I 87 -36.91 13.81 -45.87
CA ASP I 87 -36.58 14.16 -44.48
C ASP I 87 -37.52 15.24 -43.95
N THR I 88 -38.81 14.94 -43.99
CA THR I 88 -39.86 15.80 -43.44
C THR I 88 -40.65 14.98 -42.41
N ALA I 89 -40.34 15.22 -41.14
CA ALA I 89 -40.89 14.39 -40.06
C ALA I 89 -40.88 15.20 -38.77
N VAL I 90 -41.12 14.51 -37.66
CA VAL I 90 -41.10 15.09 -36.32
C VAL I 90 -39.92 14.51 -35.59
N TYR I 91 -38.99 15.37 -35.17
CA TYR I 91 -37.73 14.92 -34.59
C TYR I 91 -37.78 15.08 -33.08
N THR I 92 -37.48 13.99 -32.36
CA THR I 92 -37.50 13.97 -30.91
C THR I 92 -36.21 13.33 -30.41
N CYS I 93 -35.72 13.84 -29.27
CA CYS I 93 -34.52 13.28 -28.65
C CYS I 93 -34.91 12.61 -27.34
N ALA I 94 -34.46 11.38 -27.15
CA ALA I 94 -34.80 10.57 -25.99
C ALA I 94 -33.55 9.88 -25.49
N THR I 95 -33.70 9.13 -24.39
CA THR I 95 -32.58 8.46 -23.73
C THR I 95 -32.63 6.97 -24.00
N TYR I 96 -31.51 6.41 -24.44
CA TYR I 96 -31.37 5.00 -24.75
C TYR I 96 -30.49 4.32 -23.71
N ASN I 97 -30.23 3.03 -23.94
CA ASN I 97 -29.48 2.21 -22.99
C ASN I 97 -28.04 2.71 -22.91
N ARG I 98 -27.31 2.20 -21.91
CA ARG I 98 -25.98 2.72 -21.61
C ARG I 98 -24.98 2.47 -22.74
N ALA I 99 -25.20 1.42 -23.53
CA ALA I 99 -24.28 1.06 -24.60
C ALA I 99 -24.94 1.20 -25.97
N CYS I 100 -25.94 2.07 -26.06
CA CYS I 100 -26.77 2.20 -27.26
C CYS I 100 -27.26 0.82 -27.73
N ALA I 101 -28.09 0.22 -26.90
CA ALA I 101 -28.73 -1.04 -27.24
C ALA I 101 -29.73 -0.75 -28.37
N ASN I 102 -30.54 -1.76 -28.72
CA ASN I 102 -31.35 -1.70 -29.92
C ASN I 102 -32.08 -0.38 -30.05
N TYR I 103 -31.72 0.40 -31.07
CA TYR I 103 -32.50 1.55 -31.49
C TYR I 103 -32.93 1.28 -32.93
N VAL I 104 -33.52 2.31 -33.56
CA VAL I 104 -34.27 2.26 -34.81
C VAL I 104 -35.46 1.31 -34.67
N THR I 105 -35.59 0.68 -33.49
CA THR I 105 -36.75 -0.17 -33.21
C THR I 105 -37.37 0.03 -31.84
N ILE I 106 -36.65 0.56 -30.85
CA ILE I 106 -37.14 0.60 -29.49
C ILE I 106 -37.98 1.86 -29.26
N TRP I 107 -38.78 1.83 -28.20
CA TRP I 107 -39.58 2.97 -27.77
C TRP I 107 -39.18 3.30 -26.35
N PRO I 108 -38.35 4.32 -26.13
CA PRO I 108 -37.72 4.50 -24.82
C PRO I 108 -38.62 5.24 -23.85
N GLU I 109 -38.14 5.35 -22.61
CA GLU I 109 -38.73 6.20 -21.59
C GLU I 109 -37.86 7.43 -21.41
N PHE I 110 -38.41 8.42 -20.70
CA PHE I 110 -37.78 9.73 -20.52
C PHE I 110 -37.52 10.38 -21.88
N ARG I 111 -38.57 10.50 -22.67
CA ARG I 111 -38.48 11.07 -24.00
C ARG I 111 -38.95 12.51 -24.01
N GLY I 112 -38.58 13.23 -25.07
CA GLY I 112 -38.94 14.63 -25.22
C GLY I 112 -40.24 14.81 -25.98
N GLN I 113 -40.54 16.07 -26.28
CA GLN I 113 -41.78 16.42 -26.98
C GLN I 113 -41.57 16.40 -28.50
N GLY I 114 -40.59 17.15 -28.99
CA GLY I 114 -40.26 17.09 -30.40
C GLY I 114 -40.49 18.38 -31.16
N THR I 115 -39.50 18.80 -31.94
CA THR I 115 -39.64 19.96 -32.81
C THR I 115 -40.26 19.53 -34.13
N GLN I 116 -40.29 20.43 -35.11
CA GLN I 116 -40.86 20.14 -36.42
C GLN I 116 -39.86 20.55 -37.50
N VAL I 117 -39.63 19.65 -38.45
CA VAL I 117 -38.72 19.90 -39.57
C VAL I 117 -39.47 19.60 -40.86
N THR I 118 -39.59 20.60 -41.73
CA THR I 118 -40.27 20.46 -43.01
C THR I 118 -39.33 20.90 -44.12
N VAL I 119 -39.39 20.21 -45.25
CA VAL I 119 -38.55 20.49 -46.40
C VAL I 119 -39.44 20.76 -47.60
N SER I 120 -39.11 21.82 -48.34
CA SER I 120 -39.83 22.25 -49.54
C SER I 120 -39.11 23.45 -50.13
N SER I 121 -39.35 23.70 -51.40
CA SER I 121 -38.73 24.82 -52.10
C SER I 121 -39.56 26.08 -51.93
C1 NAG J . 3.46 -11.72 -46.55
C2 NAG J . 3.56 -12.86 -47.56
C3 NAG J . 4.92 -13.57 -47.42
C4 NAG J . 6.06 -12.57 -47.51
C5 NAG J . 5.85 -11.47 -46.47
C6 NAG J . 6.89 -10.37 -46.56
C7 NAG J . 2.22 -14.53 -46.35
C8 NAG J . 1.05 -15.45 -46.42
N2 NAG J . 2.47 -13.81 -47.44
O3 NAG J . 5.02 -14.55 -48.45
O4 NAG J . 7.30 -13.21 -47.26
O5 NAG J . 4.58 -10.84 -46.68
O6 NAG J . 6.34 -9.17 -47.10
O7 NAG J . 2.91 -14.44 -45.34
C1 NAG J . 8.06 -13.30 -48.49
C2 NAG J . 9.53 -13.04 -48.19
C3 NAG J . 10.36 -13.19 -49.46
C4 NAG J . 10.11 -14.55 -50.10
C5 NAG J . 8.61 -14.74 -50.34
C6 NAG J . 8.26 -16.10 -50.87
C7 NAG J . 10.60 -11.47 -46.63
C8 NAG J . 10.66 -10.05 -46.15
N2 NAG J . 9.73 -11.72 -47.62
O3 NAG J . 11.74 -13.05 -49.15
O4 NAG J . 10.79 -14.64 -51.35
O5 NAG J . 7.90 -14.59 -49.09
O6 NAG J . 6.85 -16.30 -50.92
O7 NAG J . 11.29 -12.36 -46.15
C1 NAG K . -17.28 -24.02 -20.19
C2 NAG K . -16.13 -23.19 -20.76
C3 NAG K . -15.31 -24.01 -21.74
C4 NAG K . -14.85 -25.32 -21.09
C5 NAG K . -16.05 -26.06 -20.51
C6 NAG K . -15.67 -27.30 -19.74
C7 NAG K . -15.93 -20.86 -21.53
C8 NAG K . -16.62 -19.72 -22.22
N2 NAG K . -16.64 -21.99 -21.41
O3 NAG K . -14.18 -23.26 -22.16
O4 NAG K . -14.21 -26.14 -22.06
O5 NAG K . -16.75 -25.20 -19.60
O6 NAG K . -14.56 -27.06 -18.88
O7 NAG K . -14.78 -20.77 -21.12
C1 NAG K . -12.83 -26.34 -21.67
C2 NAG K . -12.37 -27.69 -22.23
C3 NAG K . -10.92 -27.94 -21.83
C4 NAG K . -10.04 -26.77 -22.25
C5 NAG K . -10.61 -25.44 -21.75
C6 NAG K . -9.88 -24.25 -22.32
C7 NAG K . -13.54 -29.82 -22.56
C8 NAG K . -14.43 -30.84 -21.94
N2 NAG K . -13.22 -28.77 -21.79
O3 NAG K . -10.47 -29.14 -22.44
O4 NAG K . -8.74 -26.93 -21.69
O5 NAG K . -11.99 -25.30 -22.16
O6 NAG K . -9.80 -24.31 -23.74
O7 NAG K . -13.12 -29.91 -23.71
C1 BMA K . -7.80 -27.32 -22.71
C2 BMA K . -6.41 -26.79 -22.30
C3 BMA K . -5.35 -27.28 -23.28
C4 BMA K . -5.44 -28.80 -23.48
C5 BMA K . -6.87 -29.18 -23.90
C6 BMA K . -7.06 -30.69 -24.05
O2 BMA K . -6.04 -27.29 -21.02
O3 BMA K . -4.04 -26.93 -22.85
O4 BMA K . -4.54 -29.22 -24.49
O5 BMA K . -7.78 -28.73 -22.87
O6 BMA K . -6.83 -31.30 -22.79
C1 NAG L . -43.37 -0.63 -14.00
C2 NAG L . -43.68 0.36 -12.88
C3 NAG L . -44.94 1.16 -13.21
C4 NAG L . -44.81 1.82 -14.58
C5 NAG L . -44.47 0.77 -15.63
C6 NAG L . -44.22 1.34 -17.00
C7 NAG L . -43.25 0.12 -10.48
C8 NAG L . -43.50 -0.71 -9.26
N2 NAG L . -43.82 -0.32 -11.61
O3 NAG L . -45.14 2.15 -12.20
O4 NAG L . -46.04 2.45 -14.92
O5 NAG L . -43.28 0.07 -15.25
O6 NAG L . -45.43 1.50 -17.73
O7 NAG L . -42.57 1.14 -10.45
C1 NAG L . -45.79 3.86 -15.15
C2 NAG L . -47.03 4.46 -15.81
C3 NAG L . -46.83 5.95 -16.06
C4 NAG L . -46.45 6.65 -14.76
C5 NAG L . -45.25 5.96 -14.11
C6 NAG L . -44.90 6.53 -12.76
C7 NAG L . -48.51 3.16 -17.28
C8 NAG L . -48.65 2.50 -18.61
N2 NAG L . -47.34 3.77 -17.05
O3 NAG L . -48.02 6.51 -16.58
O4 NAG L . -46.12 8.01 -15.03
O5 NAG L . -45.52 4.56 -13.92
O6 NAG L . -45.86 6.16 -11.78
O7 NAG L . -49.41 3.14 -16.44
C1 NAG M . -20.21 -30.80 -30.26
C2 NAG M . -21.03 -31.15 -31.49
C3 NAG M . -21.55 -32.59 -31.36
C4 NAG M . -20.43 -33.56 -30.97
C5 NAG M . -19.54 -33.00 -29.85
C6 NAG M . -18.29 -33.82 -29.60
C7 NAG M . -22.83 -30.12 -32.83
C8 NAG M . -23.93 -29.11 -32.85
N2 NAG M . -22.14 -30.22 -31.68
O3 NAG M . -22.15 -33.00 -32.59
O4 NAG M . -21.03 -34.75 -30.47
O5 NAG M . -19.12 -31.67 -30.17
O6 NAG M . -17.29 -33.58 -30.58
O7 NAG M . -22.58 -30.82 -33.80
C1 NAG M . -20.81 -35.89 -31.32
C2 NAG M . -21.34 -37.14 -30.59
C3 NAG M . -21.17 -38.37 -31.46
C4 NAG M . -21.82 -38.15 -32.81
C5 NAG M . -21.28 -36.89 -33.46
C6 NAG M . -21.94 -36.54 -34.77
C7 NAG M . -21.30 -37.78 -28.22
C8 NAG M . -20.47 -37.90 -26.99
N2 NAG M . -20.67 -37.31 -29.31
O3 NAG M . -21.75 -39.50 -30.80
O4 NAG M . -21.55 -39.26 -33.68
O5 NAG M . -21.46 -35.77 -32.58
O6 NAG M . -21.45 -37.34 -35.83
O7 NAG M . -22.49 -38.07 -28.24
C1 NAG N . -30.32 -8.52 -38.64
C2 NAG N . -28.94 -7.99 -39.02
C3 NAG N . -29.05 -7.03 -40.20
C4 NAG N . -29.79 -7.69 -41.37
C5 NAG N . -31.12 -8.27 -40.89
C6 NAG N . -31.83 -9.08 -41.96
C7 NAG N . -27.18 -7.83 -37.33
C8 NAG N . -26.63 -7.03 -36.19
N2 NAG N . -28.28 -7.34 -37.90
O3 NAG N . -27.75 -6.64 -40.61
O4 NAG N . -30.06 -6.72 -42.36
O5 NAG N . -30.92 -9.15 -39.77
O6 NAG N . -31.79 -10.47 -41.66
O7 NAG N . -26.65 -8.87 -37.71
C1 NAG N . -29.11 -6.79 -43.44
C2 NAG N . -29.70 -6.09 -44.66
C3 NAG N . -28.70 -6.09 -45.81
C4 NAG N . -27.37 -5.50 -45.36
C5 NAG N . -26.87 -6.21 -44.12
C6 NAG N . -25.61 -5.58 -43.54
C7 NAG N . -32.15 -6.13 -44.91
C8 NAG N . -33.33 -6.92 -45.39
N2 NAG N . -30.95 -6.72 -45.07
O3 NAG N . -29.23 -5.34 -46.90
O4 NAG N . -26.41 -5.61 -46.40
O5 NAG N . -27.86 -6.17 -43.09
O6 NAG N . -25.53 -4.21 -43.85
O7 NAG N . -32.26 -5.02 -44.42
C1 NAG O . -24.72 -11.82 -39.85
C2 NAG O . -24.05 -11.13 -41.05
C3 NAG O . -25.10 -10.62 -42.02
C4 NAG O . -26.01 -11.77 -42.45
C5 NAG O . -26.61 -12.44 -41.22
C6 NAG O . -27.43 -13.66 -41.55
C7 NAG O . -23.57 -8.94 -39.98
C8 NAG O . -22.48 -7.96 -39.64
N2 NAG O . -23.16 -10.05 -40.63
O3 NAG O . -24.46 -10.04 -43.15
O4 NAG O . -27.07 -11.29 -43.28
O5 NAG O . -25.57 -12.88 -40.32
O6 NAG O . -26.99 -14.26 -42.75
O7 NAG O . -24.74 -8.74 -39.69
C1 NAG O . -26.81 -11.60 -44.66
C2 NAG O . -27.92 -10.99 -45.53
C3 NAG O . -27.63 -11.22 -47.01
C4 NAG O . -26.24 -10.74 -47.37
C5 NAG O . -25.21 -11.38 -46.45
C6 NAG O . -23.80 -10.87 -46.68
C7 NAG O . -29.59 -12.80 -45.27
C8 NAG O . -30.99 -13.12 -44.84
N2 NAG O . -29.23 -11.51 -45.16
O3 NAG O . -28.60 -10.53 -47.79
O4 NAG O . -25.94 -11.08 -48.71
O5 NAG O . -25.53 -11.09 -45.09
O6 NAG O . -23.71 -10.17 -47.92
O7 NAG O . -28.83 -13.66 -45.69
C1 NAG P . 14.51 -28.93 39.45
C2 NAG P . 13.63 -28.04 40.33
C3 NAG P . 14.21 -27.97 41.75
C4 NAG P . 14.39 -29.36 42.31
C5 NAG P . 15.23 -30.22 41.36
C6 NAG P . 15.35 -31.65 41.80
C7 NAG P . 14.48 -25.83 39.59
C8 NAG P . 14.09 -24.51 39.01
N2 NAG P . 13.47 -26.70 39.77
O3 NAG P . 13.33 -27.20 42.56
O4 NAG P . 15.05 -29.30 43.58
O5 NAG P . 14.63 -30.23 40.06
O6 NAG P . 14.19 -32.41 41.45
O7 NAG P . 15.64 -26.09 39.88
C1 NAG P . 14.07 -29.36 44.64
C2 NAG P . 14.71 -29.98 45.88
C3 NAG P . 13.72 -29.98 47.03
C4 NAG P . 13.17 -28.58 47.27
C5 NAG P . 12.59 -28.01 45.97
C6 NAG P . 12.14 -26.58 46.10
C7 NAG P . 16.44 -31.73 45.82
C8 NAG P . 17.37 -30.70 46.37
N2 NAG P . 15.17 -31.33 45.60
O3 NAG P . 14.35 -30.46 48.21
O4 NAG P . 12.15 -28.62 48.26
O5 NAG P . 13.59 -28.05 44.95
O6 NAG P . 12.30 -25.87 44.88
O7 NAG P . 16.81 -32.88 45.58
C1 NAG Q . 41.31 5.70 -24.18
C2 NAG Q . 42.73 6.26 -24.05
C3 NAG Q . 42.70 7.75 -23.73
C4 NAG Q . 41.84 8.51 -24.74
C5 NAG Q . 40.45 7.87 -24.79
C6 NAG Q . 39.55 8.51 -25.83
C7 NAG Q . 43.23 5.51 -21.74
C8 NAG Q . 44.16 4.70 -20.89
N2 NAG Q . 43.51 5.53 -23.05
O3 NAG Q . 44.02 8.27 -23.73
O4 NAG Q . 41.73 9.88 -24.38
O5 NAG Q . 40.56 6.49 -25.13
O6 NAG Q . 40.30 9.05 -26.90
O7 NAG Q . 42.26 6.10 -21.27
C1 NAG Q . 42.59 10.67 -25.22
C2 NAG Q . 41.86 11.93 -25.65
C3 NAG Q . 42.78 12.82 -26.50
C4 NAG Q . 44.08 13.09 -25.75
C5 NAG Q . 44.73 11.78 -25.32
C6 NAG Q . 45.96 11.99 -24.46
C7 NAG Q . 39.58 12.41 -26.39
C8 NAG Q . 38.40 11.94 -27.19
N2 NAG Q . 40.64 11.62 -26.37
O3 NAG Q . 42.12 14.03 -26.80
O4 NAG Q . 44.97 13.80 -26.60
O5 NAG Q . 43.81 11.02 -24.53
O6 NAG Q . 45.99 13.28 -23.90
O7 NAG Q . 39.55 13.49 -25.79
C1 NAG R . 28.25 8.93 -32.95
C2 NAG R . 29.10 7.76 -33.45
C3 NAG R . 29.90 8.16 -34.68
C4 NAG R . 28.97 8.74 -35.74
C5 NAG R . 28.16 9.88 -35.16
C6 NAG R . 27.14 10.44 -36.12
C7 NAG R . 30.48 6.03 -32.37
C8 NAG R . 31.39 5.71 -31.22
N2 NAG R . 29.99 7.28 -32.40
O3 NAG R . 30.58 7.03 -35.19
O4 NAG R . 29.73 9.22 -36.85
O5 NAG R . 27.43 9.42 -34.01
O6 NAG R . 27.77 10.97 -37.28
O7 NAG R . 30.20 5.20 -33.23
C1 NAG R . 29.67 8.27 -37.93
C2 NAG R . 30.03 8.97 -39.24
C3 NAG R . 30.05 7.97 -40.39
C4 NAG R . 30.96 6.79 -40.06
C5 NAG R . 30.56 6.18 -38.72
C6 NAG R . 31.49 5.07 -38.27
C7 NAG R . 29.50 11.30 -39.81
C8 NAG R . 30.98 11.53 -39.82
N2 NAG R . 29.11 10.06 -39.52
O3 NAG R . 30.50 8.62 -41.58
O4 NAG R . 30.86 5.81 -41.07
O5 NAG R . 30.58 7.18 -37.70
O6 NAG R . 30.87 3.80 -38.33
O7 NAG R . 28.70 12.20 -40.05
C1 NAG S . 34.35 -6.65 8.85
C2 NAG S . 33.87 -5.90 7.60
C3 NAG S . 34.90 -4.84 7.21
C4 NAG S . 35.20 -3.92 8.39
C5 NAG S . 35.61 -4.75 9.61
C6 NAG S . 35.79 -3.91 10.85
C7 NAG S . 32.84 -6.53 5.47
C8 NAG S . 32.71 -7.59 4.43
N2 NAG S . 33.63 -6.82 6.50
O3 NAG S . 34.39 -4.08 6.12
O4 NAG S . 36.25 -3.03 8.05
O5 NAG S . 34.59 -5.72 9.91
O6 NAG S . 34.70 -3.02 11.03
O7 NAG S . 32.26 -5.45 5.39
C1 NAG S . 35.74 -1.68 8.04
C2 NAG S . 36.89 -0.71 8.28
C3 NAG S . 36.39 0.72 8.27
C4 NAG S . 35.61 1.01 7.00
C5 NAG S . 34.54 -0.06 6.75
C6 NAG S . 33.87 0.08 5.41
C7 NAG S . 38.89 -0.86 9.71
C8 NAG S . 39.43 -1.22 11.06
N2 NAG S . 37.57 -1.01 9.54
O3 NAG S . 37.50 1.61 8.39
O4 NAG S . 34.97 2.27 7.10
O5 NAG S . 35.11 -1.36 6.79
O6 NAG S . 34.84 0.20 4.37
O7 NAG S . 39.62 -0.46 8.81
C1 BMA S . 35.64 3.27 6.32
C2 BMA S . 34.59 4.32 5.92
C3 BMA S . 35.25 5.56 5.29
C4 BMA S . 36.47 6.03 6.11
C5 BMA S . 37.43 4.86 6.32
C6 BMA S . 38.65 5.24 7.14
O2 BMA S . 33.90 4.79 7.07
O3 BMA S . 34.30 6.62 5.17
O4 BMA S . 37.16 7.06 5.42
O5 BMA S . 36.72 3.83 7.04
O6 BMA S . 38.20 5.79 8.38
C1 MAN S . 34.43 7.26 3.88
C2 MAN S . 33.58 8.57 3.95
C3 MAN S . 32.09 8.23 3.97
C4 MAN S . 31.74 7.34 2.78
C5 MAN S . 32.59 6.06 2.81
C6 MAN S . 32.36 5.17 1.62
O2 MAN S . 33.78 9.38 2.80
O3 MAN S . 31.29 9.40 3.95
O4 MAN S . 30.36 6.99 2.83
O5 MAN S . 33.99 6.41 2.82
O6 MAN S . 33.32 4.12 1.64
C1 NAG T . 21.39 -39.83 5.77
C2 NAG T . 19.99 -40.42 5.89
C3 NAG T . 20.02 -41.91 5.55
C4 NAG T . 20.66 -42.13 4.18
C5 NAG T . 22.03 -41.47 4.14
C6 NAG T . 22.69 -41.56 2.79
C7 NAG T . 18.31 -39.54 7.45
C8 NAG T . 17.90 -39.42 8.88
N2 NAG T . 19.45 -40.22 7.22
O3 NAG T . 18.69 -42.42 5.55
O4 NAG T . 20.77 -43.53 3.93
O5 NAG T . 21.92 -40.08 4.47
O6 NAG T . 23.54 -42.68 2.68
O7 NAG T . 17.65 -39.06 6.54
C1 NAG T . 20.05 -43.84 2.71
C2 NAG T . 20.48 -45.23 2.25
C3 NAG T . 19.73 -45.62 0.98
C4 NAG T . 18.24 -45.50 1.20
C5 NAG T . 17.88 -44.10 1.72
C6 NAG T . 16.41 -43.96 2.09
C7 NAG T . 22.73 -46.17 2.65
C8 NAG T . 24.18 -46.08 2.31
N2 NAG T . 21.92 -45.29 2.03
O3 NAG T . 20.07 -46.95 0.62
O4 NAG T . 17.55 -45.72 -0.04
O5 NAG T . 18.63 -43.82 2.92
O6 NAG T . 16.03 -44.91 3.08
O7 NAG T . 22.28 -46.99 3.45
C1 NAG U . 46.46 -6.89 8.29
C2 NAG U . 47.93 -7.34 8.28
C3 NAG U . 48.50 -7.31 9.70
C4 NAG U . 48.29 -5.94 10.33
C5 NAG U . 46.81 -5.56 10.27
C6 NAG U . 46.55 -4.16 10.77
C7 NAG U . 49.09 -9.02 6.92
C8 NAG U . 49.08 -10.43 6.42
N2 NAG U . 48.07 -8.67 7.71
O3 NAG U . 49.88 -7.61 9.65
O4 NAG U . 48.72 -5.98 11.69
O5 NAG U . 46.35 -5.61 8.92
O6 NAG U . 47.22 -3.19 9.98
O7 NAG U . 49.98 -8.23 6.62
C1 NAG U . 49.89 -5.18 11.86
C2 NAG U . 50.01 -4.85 13.35
C3 NAG U . 51.28 -4.03 13.61
C4 NAG U . 52.50 -4.75 13.05
C5 NAG U . 52.28 -5.08 11.58
C6 NAG U . 53.41 -5.90 10.99
C7 NAG U . 47.91 -4.71 14.61
C8 NAG U . 46.77 -3.83 15.01
N2 NAG U . 48.84 -4.14 13.82
O3 NAG U . 51.43 -3.83 15.00
O4 NAG U . 53.65 -3.92 13.17
O5 NAG U . 51.07 -5.85 11.42
O6 NAG U . 54.39 -6.21 11.96
O7 NAG U . 48.00 -5.87 14.99
C1 NAG V . 50.45 -8.59 0.56
C2 NAG V . 50.56 -7.07 0.65
C3 NAG V . 51.52 -6.54 -0.41
C4 NAG V . 52.86 -7.26 -0.31
C5 NAG V . 52.67 -8.77 -0.34
C6 NAG V . 53.95 -9.53 -0.10
C7 NAG V . 48.58 -5.91 1.53
C8 NAG V . 49.25 -5.98 2.86
N2 NAG V . 49.25 -6.46 0.51
O3 NAG V . 51.69 -5.14 -0.24
O4 NAG V . 53.70 -6.87 -1.39
O5 NAG V . 51.75 -9.17 0.69
O6 NAG V . 54.16 -9.76 1.29
O7 NAG V . 47.47 -5.40 1.38
C1 NAG V . 54.74 -6.00 -0.91
C2 NAG V . 56.00 -6.24 -1.75
C3 NAG V . 57.12 -5.31 -1.31
C4 NAG V . 56.64 -3.86 -1.31
C5 NAG V . 55.36 -3.72 -0.49
C6 NAG V . 54.77 -2.34 -0.55
C7 NAG V . 56.29 -8.50 -2.68
C8 NAG V . 55.67 -7.97 -3.94
N2 NAG V . 56.43 -7.63 -1.67
O3 NAG V . 58.23 -5.46 -2.19
O4 NAG V . 57.65 -3.02 -0.77
O5 NAG V . 54.36 -4.63 -0.99
O6 NAG V . 54.67 -1.87 -1.88
O7 NAG V . 56.67 -9.66 -2.58
C1 NAG W . 41.92 -25.59 -9.42
C2 NAG W . 41.51 -24.58 -10.48
C3 NAG W . 41.81 -25.12 -11.87
C4 NAG W . 43.27 -25.52 -11.98
C5 NAG W . 43.65 -26.47 -10.85
C6 NAG W . 45.12 -26.80 -10.81
C7 NAG W . 39.67 -22.99 -10.18
C8 NAG W . 38.19 -22.82 -10.08
N2 NAG W . 40.10 -24.24 -10.37
O3 NAG W . 41.50 -24.11 -12.84
O4 NAG W . 43.48 -26.20 -13.22
O5 NAG W . 43.32 -25.90 -9.58
O6 NAG W . 45.72 -26.33 -9.61
O7 NAG W . 40.44 -22.05 -10.07
C1 NAG W . 44.07 -25.31 -14.20
C2 NAG W . 44.72 -26.16 -15.28
C3 NAG W . 45.31 -25.26 -16.37
C4 NAG W . 44.24 -24.33 -16.91
C5 NAG W . 43.60 -23.55 -15.77
C6 NAG W . 42.45 -22.68 -16.21
C7 NAG W . 45.60 -28.34 -14.58
C8 NAG W . 46.76 -29.07 -13.98
N2 NAG W . 45.75 -27.02 -14.73
O3 NAG W . 45.82 -26.07 -17.43
O4 NAG W . 44.82 -23.41 -17.83
O5 NAG W . 43.07 -24.45 -14.78
O6 NAG W . 41.85 -23.18 -17.41
O7 NAG W . 44.57 -28.91 -14.90
C1 NAG X . 43.28 -19.16 -9.98
C2 NAG X . 43.64 -18.82 -11.42
C3 NAG X . 44.29 -20.02 -12.10
C4 NAG X . 45.51 -20.46 -11.31
C5 NAG X . 45.12 -20.74 -9.86
C6 NAG X . 46.32 -21.03 -8.99
C7 NAG X . 41.37 -19.13 -12.37
C8 NAG X . 40.28 -18.49 -13.17
N2 NAG X . 42.46 -18.39 -12.17
O3 NAG X . 44.67 -19.68 -13.42
O4 NAG X . 46.06 -21.64 -11.89
O5 NAG X . 44.47 -19.60 -9.29
O6 NAG X . 47.46 -20.31 -9.41
O7 NAG X . 41.26 -20.28 -11.93
C1 NAG X . 47.27 -21.29 -12.60
C2 NAG X . 47.91 -22.55 -13.20
C3 NAG X . 49.13 -22.19 -14.04
C4 NAG X . 48.78 -21.11 -15.06
C5 NAG X . 48.13 -19.92 -14.37
C6 NAG X . 47.66 -18.87 -15.35
C7 NAG X . 49.12 -23.30 -11.17
C8 NAG X . 49.34 -24.45 -10.24
N2 NAG X . 48.25 -23.53 -12.18
O3 NAG X . 49.60 -23.35 -14.71
O4 NAG X . 49.96 -20.68 -15.72
O5 NAG X . 46.98 -20.35 -13.64
O6 NAG X . 48.15 -19.11 -16.65
O7 NAG X . 49.69 -22.23 -11.03
C1 NAG Y . 3.83 33.99 -33.47
C2 NAG Y . 3.53 35.35 -34.10
C3 NAG Y . 2.42 35.24 -35.15
C4 NAG Y . 2.73 34.13 -36.16
C5 NAG Y . 3.05 32.83 -35.43
C6 NAG Y . 3.53 31.74 -36.34
C7 NAG Y . 2.09 36.28 -32.32
C8 NAG Y . 1.92 37.41 -31.34
N2 NAG Y . 3.18 36.34 -33.10
O3 NAG Y . 2.29 36.48 -35.84
O4 NAG Y . 1.60 33.90 -37.00
O5 NAG Y . 4.10 33.05 -34.48
O6 NAG Y . 4.92 31.83 -36.57
O7 NAG Y . 1.29 35.36 -32.38
C1 NAG Y . 1.88 34.30 -38.35
C2 NAG Y . 1.37 33.22 -39.31
C3 NAG Y . 1.58 33.66 -40.76
C4 NAG Y . 0.94 35.01 -41.00
C5 NAG Y . 1.47 36.03 -39.98
C6 NAG Y . 0.78 37.38 -40.08
C7 NAG Y . 1.41 30.77 -39.14
C8 NAG Y . 2.25 29.56 -38.87
N2 NAG Y . 2.03 31.95 -39.07
O3 NAG Y . 1.01 32.69 -41.63
O4 NAG Y . 1.25 35.47 -42.31
O5 NAG Y . 1.23 35.54 -38.65
O6 NAG Y . 0.83 38.07 -38.84
O7 NAG Y . 0.22 30.68 -39.42
C1 NAG Z . -11.13 34.10 -0.98
C2 NAG Z . -10.47 33.48 -2.21
C3 NAG Z . -11.11 34.02 -3.49
C4 NAG Z . -12.62 33.84 -3.44
C5 NAG Z . -13.18 34.44 -2.16
C6 NAG Z . -14.66 34.19 -1.98
C7 NAG Z . -8.15 33.00 -2.88
C8 NAG Z . -6.72 33.41 -2.77
N2 NAG Z . -9.04 33.74 -2.20
O3 NAG Z . -10.58 33.33 -4.62
O4 NAG Z . -13.20 34.49 -4.57
O5 NAG Z . -12.54 33.85 -1.02
O6 NAG Z . -15.00 32.83 -2.22
O7 NAG Z . -8.50 32.04 -3.55
C1 NAG Z . -14.01 33.57 -5.34
C2 NAG Z . -14.90 34.38 -6.28
C3 NAG Z . -15.77 33.43 -7.11
C4 NAG Z . -14.91 32.40 -7.82
C5 NAG Z . -13.96 31.70 -6.84
C6 NAG Z . -12.98 30.79 -7.52
C7 NAG Z . -16.24 36.43 -6.07
C8 NAG Z . -17.07 37.27 -5.15
N2 NAG Z . -15.73 35.31 -5.53
O3 NAG Z . -16.50 34.19 -8.06
O4 NAG Z . -15.75 31.42 -8.42
O5 NAG Z . -13.20 32.68 -6.11
O6 NAG Z . -12.21 31.50 -8.49
O7 NAG Z . -16.03 36.74 -7.24
C1 BMA Z . -15.66 31.48 -9.85
C2 BMA Z . -15.36 30.08 -10.34
C3 BMA Z . -15.35 30.05 -11.88
C4 BMA Z . -16.62 30.71 -12.48
C5 BMA Z . -16.85 32.09 -11.84
C6 BMA Z . -18.17 32.73 -12.27
O2 BMA Z . -16.37 29.19 -9.91
O3 BMA Z . -15.06 28.73 -12.42
O4 BMA Z . -16.46 30.89 -13.89
O5 BMA Z . -16.88 31.95 -10.41
O6 BMA Z . -19.23 32.04 -11.62
C1 MAN Z . -16.22 27.99 -12.84
C2 MAN Z . -16.40 26.78 -11.88
C3 MAN Z . -15.29 25.75 -12.10
C4 MAN Z . -15.18 25.39 -13.58
C5 MAN Z . -14.97 26.65 -14.41
C6 MAN Z . -14.91 26.38 -15.91
O2 MAN Z . -17.62 26.08 -12.13
O3 MAN Z . -15.49 24.59 -11.31
O4 MAN Z . -14.09 24.51 -13.78
O5 MAN Z . -16.08 27.55 -14.18
O6 MAN Z . -14.36 27.52 -16.55
C1 NAG AA . 14.77 36.01 23.65
C2 NAG AA . 15.33 34.99 24.63
C3 NAG AA . 16.48 35.58 25.43
C4 NAG AA . 17.53 36.16 24.49
C5 NAG AA . 16.90 37.14 23.53
C6 NAG AA . 17.84 37.69 22.49
C7 NAG AA . 14.21 33.21 25.90
C8 NAG AA . 13.08 32.87 26.81
N2 NAG AA . 14.29 34.48 25.52
O3 NAG AA . 17.06 34.57 26.25
O4 NAG AA . 18.54 36.81 25.26
O5 NAG AA . 15.82 36.51 22.83
O6 NAG AA . 17.97 39.10 22.58
O7 NAG AA . 15.02 32.36 25.52
C1 NAG AA . 19.84 36.27 24.94
C2 NAG AA . 20.90 37.26 25.39
C3 NAG AA . 22.30 36.73 25.08
C4 NAG AA . 22.47 35.34 25.66
C5 NAG AA . 21.34 34.41 25.22
C6 NAG AA . 21.39 33.06 25.87
C7 NAG AA . 20.54 39.70 25.49
C8 NAG AA . 20.35 40.95 24.70
N2 NAG AA . 20.70 38.57 24.79
O3 NAG AA . 23.28 37.61 25.61
O4 NAG AA . 23.71 34.78 25.24
O5 NAG AA . 20.07 35.00 25.56
O6 NAG AA . 20.94 33.11 27.22
O7 NAG AA . 20.56 39.70 26.72
C1 NAG BA . -12.99 45.96 -5.31
C2 NAG BA . -13.12 47.48 -5.24
C3 NAG BA . -14.49 47.87 -4.66
C4 NAG BA . -15.59 47.22 -5.48
C5 NAG BA . -15.38 45.70 -5.53
C6 NAG BA . -16.39 44.99 -6.40
C7 NAG BA . -11.18 48.94 -4.93
C8 NAG BA . -10.14 49.43 -3.97
N2 NAG BA . -12.06 48.06 -4.44
O3 NAG BA . -14.63 49.28 -4.68
O4 NAG BA . -16.87 47.50 -4.91
O5 NAG BA . -14.09 45.42 -6.07
O6 NAG BA . -16.09 45.15 -7.78
O7 NAG BA . -11.21 49.31 -6.09
C1 NAG BA . -17.59 48.38 -5.80
C2 NAG BA . -18.81 48.92 -5.06
C3 NAG BA . -19.57 49.90 -5.95
C4 NAG BA . -18.64 50.99 -6.47
C5 NAG BA . -17.43 50.37 -7.14
C6 NAG BA . -16.41 51.39 -7.57
C7 NAG BA . -20.10 47.69 -3.38
C8 NAG BA . -21.00 46.51 -3.11
N2 NAG BA . -19.69 47.84 -4.63
O3 NAG BA . -20.64 50.48 -5.21
O4 NAG BA . -19.33 51.81 -7.39
O5 NAG BA . -16.77 49.47 -6.24
O6 NAG BA . -16.17 52.36 -6.55
O7 NAG BA . -19.78 48.47 -2.48
C1 NAG CA . -7.48 49.53 -10.50
C2 NAG CA . -8.48 49.00 -11.53
C3 NAG CA . -8.24 49.65 -12.89
C4 NAG CA . -8.23 51.17 -12.76
C5 NAG CA . -7.27 51.61 -11.67
C6 NAG CA . -7.32 53.10 -11.39
C7 NAG CA . -9.34 46.74 -11.12
C8 NAG CA . -10.50 47.40 -10.43
N2 NAG CA . -8.41 47.55 -11.63
O3 NAG CA . -9.25 49.24 -13.80
O4 NAG CA . -7.84 51.75 -13.99
O5 NAG CA . -7.57 50.95 -10.43
O6 NAG CA . -8.43 53.42 -10.57
O7 NAG CA . -9.25 45.52 -11.21
C1 NAG CA . -8.99 52.36 -14.62
C2 NAG CA . -8.51 53.55 -15.45
C3 NAG CA . -9.68 54.20 -16.17
C4 NAG CA . -10.45 53.17 -16.98
C5 NAG CA . -10.86 52.00 -16.08
C6 NAG CA . -11.52 50.87 -16.85
C7 NAG CA . -6.49 54.70 -14.63
C8 NAG CA . -5.72 53.83 -15.57
N2 NAG CA . -7.82 54.52 -14.61
O3 NAG CA . -9.20 55.23 -17.03
O4 NAG CA . -11.62 53.76 -17.53
O5 NAG CA . -9.69 51.44 -15.46
O6 NAG CA . -10.74 50.47 -17.97
O7 NAG CA . -5.94 55.53 -13.92
C1 NAG DA . 12.49 48.31 -2.70
C2 NAG DA . 12.79 47.51 -3.97
C3 NAG DA . 14.08 48.00 -4.60
C4 NAG DA . 14.01 49.51 -4.85
C5 NAG DA . 13.62 50.24 -3.57
C6 NAG DA . 13.38 51.72 -3.80
C7 NAG DA . 11.96 45.21 -4.12
C8 NAG DA . 12.20 43.78 -3.76
N2 NAG DA . 12.87 46.08 -3.69
O3 NAG DA . 14.29 47.31 -5.83
O4 NAG DA . 15.29 49.98 -5.26
O5 NAG DA . 12.40 49.70 -3.03
O6 NAG DA . 12.02 52.06 -3.54
O7 NAG DA . 10.98 45.56 -4.78
C1 NAG DA . 15.37 50.11 -6.69
C2 NAG DA . 16.56 51.00 -7.04
C3 NAG DA . 16.71 51.13 -8.55
C4 NAG DA . 16.79 49.76 -9.19
C5 NAG DA . 15.59 48.91 -8.77
C6 NAG DA . 15.68 47.49 -9.28
C7 NAG DA . 17.18 52.72 -5.39
C8 NAG DA . 16.89 54.10 -4.88
N2 NAG DA . 16.41 52.31 -6.42
O3 NAG DA . 17.88 51.89 -8.85
O4 NAG DA . 16.79 49.88 -10.61
O5 NAG DA . 15.52 48.83 -7.34
O6 NAG DA . 17.02 47.10 -9.53
O7 NAG DA . 18.04 52.01 -4.90
C1 NAG EA . 8.21 47.07 -7.51
C2 NAG EA . 9.00 47.10 -8.83
C3 NAG EA . 10.14 48.10 -8.73
C4 NAG EA . 9.60 49.47 -8.36
C5 NAG EA . 8.81 49.37 -7.07
C6 NAG EA . 8.13 50.68 -6.69
C7 NAG EA . 10.39 45.08 -8.53
C8 NAG EA . 10.75 43.74 -9.11
N2 NAG EA . 9.48 45.78 -9.21
O3 NAG EA . 10.82 48.15 -9.98
O4 NAG EA . 10.67 50.40 -8.21
O5 NAG EA . 7.76 48.40 -7.19
O6 NAG EA . 7.84 51.45 -7.85
O7 NAG EA . 10.90 45.49 -7.50
C1 NAG EA . 10.76 51.26 -9.36
C2 NAG EA . 11.89 52.27 -9.13
C3 NAG EA . 12.07 53.16 -10.36
C4 NAG EA . 12.25 52.31 -11.61
C5 NAG EA . 11.10 51.32 -11.74
C6 NAG EA . 11.26 50.37 -12.90
C7 NAG EA . 10.62 53.91 -7.79
C8 NAG EA . 10.58 54.65 -6.48
N2 NAG EA . 11.66 53.09 -7.94
O3 NAG EA . 13.21 53.99 -10.17
O4 NAG EA . 12.29 53.14 -12.77
O5 NAG EA . 11.01 50.51 -10.56
O6 NAG EA . 12.24 50.84 -13.82
O7 NAG EA . 9.76 54.06 -8.64
C1 NAG FA . -42.29 -24.35 13.70
C2 NAG FA . -41.90 -24.57 15.18
C3 NAG FA . -42.65 -25.77 15.75
C4 NAG FA . -44.14 -25.62 15.53
C5 NAG FA . -44.44 -25.39 14.05
C6 NAG FA . -45.91 -25.12 13.78
C7 NAG FA . -39.74 -25.70 14.82
C8 NAG FA . -38.27 -25.67 15.12
N2 NAG FA . -40.47 -24.71 15.35
O3 NAG FA . -42.36 -25.90 17.13
O4 NAG FA . -44.82 -26.81 15.95
O5 NAG FA . -43.72 -24.23 13.59
O6 NAG FA . -46.48 -24.32 14.82
O7 NAG FA . -40.23 -26.58 14.13
C1 NAG GA . -7.28 -5.93 -51.03
C2 NAG GA . -8.00 -5.86 -52.37
C3 NAG GA . -8.95 -4.66 -52.40
C4 NAG GA . -9.88 -4.69 -51.21
C5 NAG GA . -9.08 -4.82 -49.92
C6 NAG GA . -9.96 -4.97 -48.70
C7 NAG GA . -6.49 -6.87 -54.04
C8 NAG GA . -5.53 -6.60 -55.16
N2 NAG GA . -7.04 -5.78 -53.47
O3 NAG GA . -9.69 -4.69 -53.62
O4 NAG GA . -10.64 -3.49 -51.17
O5 NAG GA . -8.25 -5.99 -49.98
O6 NAG GA . -10.23 -3.71 -48.10
O7 NAG GA . -6.76 -8.00 -53.66
C1 NAG HA . 11.89 1.17 -42.63
C2 NAG HA . 10.95 1.92 -43.60
C3 NAG HA . 11.60 2.06 -44.98
C4 NAG HA . 12.98 2.68 -44.86
C5 NAG HA . 13.83 1.89 -43.88
C6 NAG HA . 15.19 2.51 -43.63
C7 NAG HA . 8.50 1.85 -43.53
C8 NAG HA . 8.56 3.31 -43.19
N2 NAG HA . 9.67 1.24 -43.69
O3 NAG HA . 10.76 2.86 -45.80
O4 NAG HA . 13.62 2.70 -46.13
O5 NAG HA . 13.17 1.83 -42.60
O6 NAG HA . 16.02 2.39 -44.78
O7 NAG HA . 7.43 1.25 -43.62
C1 NAG IA . -43.08 -11.85 -8.05
C2 NAG IA . -43.43 -10.63 -8.92
C3 NAG IA . -44.12 -9.57 -8.08
C4 NAG IA . -45.32 -10.14 -7.35
C5 NAG IA . -44.91 -11.37 -6.55
C6 NAG IA . -46.07 -12.08 -5.89
C7 NAG IA . -41.98 -10.23 -10.86
C8 NAG IA . -43.00 -10.98 -11.67
N2 NAG IA . -42.24 -10.10 -9.56
O3 NAG IA . -44.54 -8.50 -8.93
O4 NAG IA . -45.87 -9.17 -6.47
O5 NAG IA . -44.28 -12.33 -7.42
O6 NAG IA . -47.03 -11.15 -5.40
O7 NAG IA . -40.97 -9.77 -11.37
C1 NAG JA . -20.38 -27.57 -38.05
C2 NAG JA . -19.08 -28.37 -38.08
C3 NAG JA . -18.54 -28.43 -39.51
C4 NAG JA . -19.60 -28.97 -40.46
C5 NAG JA . -20.90 -28.17 -40.32
C6 NAG JA . -22.03 -28.74 -41.14
C7 NAG JA . -17.95 -28.17 -35.91
C8 NAG JA . -16.89 -27.47 -35.13
N2 NAG JA . -18.10 -27.78 -37.19
O3 NAG JA . -17.39 -29.27 -39.54
O4 NAG JA . -19.13 -28.89 -41.80
O5 NAG JA . -21.32 -28.16 -38.96
O6 NAG JA . -23.11 -29.15 -40.31
O7 NAG JA . -18.65 -29.05 -35.43
C1 NAG KA . -35.00 -16.29 -41.20
C2 NAG KA . -36.03 -15.38 -41.84
C3 NAG KA . -36.47 -15.97 -43.18
C4 NAG KA . -35.26 -16.30 -44.06
C5 NAG KA . -34.22 -17.10 -43.29
C6 NAG KA . -32.93 -17.27 -44.05
C7 NAG KA . -38.01 -14.16 -41.10
C8 NAG KA . -39.15 -14.12 -40.12
N2 NAG KA . -37.18 -15.19 -40.97
O3 NAG KA . -37.34 -15.07 -43.84
O4 NAG KA . -35.68 -17.06 -45.18
O5 NAG KA . -33.89 -16.44 -42.07
O6 NAG KA . -31.83 -17.54 -43.19
O7 NAG KA . -37.86 -13.30 -41.96
C1 NAG LA . -23.54 -28.85 -19.93
C2 NAG LA . -22.50 -29.12 -18.82
C3 NAG LA . -22.32 -30.64 -18.64
C4 NAG LA . -23.67 -31.31 -18.43
C5 NAG LA . -24.60 -30.97 -19.57
C6 NAG LA . -25.98 -31.56 -19.40
C7 NAG LA . -20.45 -27.88 -18.22
C8 NAG LA . -20.99 -27.81 -16.82
N2 NAG LA . -21.21 -28.51 -19.13
O3 NAG LA . -21.47 -30.89 -17.52
O4 NAG LA . -23.48 -32.72 -18.37
O5 NAG LA . -24.75 -29.55 -19.64
O6 NAG LA . -26.47 -31.31 -18.10
O7 NAG LA . -19.36 -27.38 -18.51
C1 NAG MA . -39.70 -25.73 -34.76
C2 NAG MA . -40.90 -25.99 -33.84
C3 NAG MA . -42.20 -25.96 -34.64
C4 NAG MA . -42.30 -24.67 -35.43
C5 NAG MA . -41.06 -24.46 -36.29
C6 NAG MA . -41.06 -23.14 -37.02
C7 NAG MA . -41.36 -27.52 -31.97
C8 NAG MA . -41.09 -28.88 -31.40
N2 NAG MA . -40.76 -27.25 -33.13
O3 NAG MA . -43.31 -26.08 -33.76
O4 NAG MA . -43.45 -24.72 -36.28
O5 NAG MA . -39.89 -24.49 -35.45
O6 NAG MA . -41.60 -22.10 -36.21
O7 NAG MA . -42.08 -26.71 -31.41
C1 NAG NA . -0.68 -27.67 -37.80
C2 NAG NA . -1.09 -29.04 -38.34
C3 NAG NA . -0.46 -30.15 -37.50
C4 NAG NA . 1.05 -29.96 -37.43
C5 NAG NA . 1.38 -28.55 -36.92
C6 NAG NA . 2.86 -28.25 -36.94
C7 NAG NA . -3.23 -29.52 -39.45
C8 NAG NA . -4.72 -29.61 -39.29
N2 NAG NA . -2.55 -29.18 -38.35
O3 NAG NA . -0.76 -31.42 -38.09
O4 NAG NA . 1.62 -30.91 -36.55
O5 NAG NA . 0.75 -27.57 -37.77
O6 NAG NA . 3.31 -27.94 -38.25
O7 NAG NA . -2.68 -29.73 -40.53
C1 NAG OA . -9.15 9.04 -32.93
C2 NAG OA . -10.07 8.71 -34.12
C3 NAG OA . -11.25 9.69 -34.20
C4 NAG OA . -11.95 9.81 -32.86
C5 NAG OA . -10.94 10.15 -31.77
C6 NAG OA . -11.55 10.22 -30.39
C7 NAG OA . -8.68 9.51 -36.07
C8 NAG OA . -8.57 10.89 -35.48
N2 NAG OA . -9.37 8.58 -35.39
O3 NAG OA . -12.17 9.25 -35.19
O4 NAG OA . -12.93 10.83 -32.91
O5 NAG OA . -9.92 9.13 -31.72
O6 NAG OA . -10.68 10.87 -29.47
O7 NAG OA . -8.15 9.24 -37.15
C1 NAG PA . -42.36 3.19 16.81
C2 NAG PA . -43.45 3.94 17.59
C3 NAG PA . -44.18 4.93 16.68
C4 NAG PA . -43.19 5.57 15.72
C5 NAG PA . -42.69 4.53 14.74
C6 NAG PA . -41.29 4.81 14.22
C7 NAG PA . -45.37 3.28 19.00
C8 NAG PA . -46.25 2.15 19.41
N2 NAG PA . -44.40 2.97 18.13
O3 NAG PA . -44.81 5.93 17.47
O4 NAG PA . -43.84 6.61 14.99
O5 NAG PA . -42.65 3.23 15.36
O6 NAG PA . -40.73 5.96 14.84
O7 NAG PA . -45.52 4.42 19.43
C1 NAG QA . 44.24 -6.08 -26.95
C2 NAG QA . 45.50 -6.80 -27.41
C3 NAG QA . 45.23 -8.29 -27.57
C4 NAG QA . 44.61 -8.86 -26.30
C5 NAG QA . 43.42 -8.01 -25.85
C6 NAG QA . 42.85 -8.44 -24.51
C7 NAG QA . 46.75 -5.16 -28.74
C8 NAG QA . 47.14 -4.73 -30.13
N2 NAG QA . 45.98 -6.24 -28.66
O3 NAG QA . 46.45 -8.96 -27.88
O4 NAG QA . 44.12 -10.17 -26.58
O5 NAG QA . 43.82 -6.64 -25.71
O6 NAG QA . 41.53 -8.93 -24.65
O7 NAG QA . 47.11 -4.55 -27.74
C1 NAG RA . 23.95 -34.41 17.66
C2 NAG RA . 24.04 -35.32 16.43
C3 NAG RA . 22.96 -36.40 16.49
C4 NAG RA . 23.02 -37.15 17.81
C5 NAG RA . 22.94 -36.16 18.96
C6 NAG RA . 23.10 -36.83 20.32
C7 NAG RA . 24.79 -34.67 14.17
C8 NAG RA . 25.91 -35.65 14.37
N2 NAG RA . 23.93 -34.56 15.19
O3 NAG RA . 23.13 -37.31 15.40
O4 NAG RA . 21.94 -38.06 17.90
O5 NAG RA . 24.00 -35.20 18.85
O6 NAG RA . 22.48 -38.11 20.34
O7 NAG RA . 24.67 -34.02 13.15
C1 NAG SA . 49.34 -27.46 -4.58
C2 NAG SA . 50.18 -26.24 -4.89
C3 NAG SA . 51.49 -26.65 -5.57
C4 NAG SA . 52.21 -27.69 -4.72
C5 NAG SA . 51.29 -28.87 -4.41
C6 NAG SA . 51.93 -29.88 -3.48
C7 NAG SA . 49.38 -23.98 -5.44
C8 NAG SA . 48.59 -23.14 -6.39
N2 NAG SA . 49.45 -25.29 -5.71
O3 NAG SA . 52.32 -25.52 -5.73
O4 NAG SA . 53.37 -28.15 -5.40
O5 NAG SA . 50.10 -28.39 -3.78
O6 NAG SA . 51.10 -30.15 -2.36
O7 NAG SA . 49.95 -23.48 -4.46
C1 NAG TA . 38.37 -10.16 14.58
C2 NAG TA . 37.36 -9.07 14.98
C3 NAG TA . 37.96 -8.17 16.07
C4 NAG TA . 38.43 -9.01 17.25
C5 NAG TA . 39.42 -10.06 16.76
C6 NAG TA . 39.89 -10.99 17.85
C7 NAG TA . 35.68 -7.92 13.59
C8 NAG TA . 34.66 -8.43 14.56
N2 NAG TA . 36.95 -8.27 13.84
O3 NAG TA . 36.97 -7.24 16.51
O4 NAG TA . 39.05 -8.18 18.22
O5 NAG TA . 38.80 -10.88 15.76
O6 NAG TA . 38.82 -11.79 18.33
O7 NAG TA . 35.37 -7.23 12.63
C1 NAG UA . 52.40 -26.73 8.13
C2 NAG UA . 52.13 -27.82 9.16
C3 NAG UA . 52.89 -29.09 8.81
C4 NAG UA . 52.57 -29.52 7.38
C5 NAG UA . 52.83 -28.37 6.41
C6 NAG UA . 52.42 -28.68 5.00
C7 NAG UA . 51.66 -27.52 11.56
C8 NAG UA . 52.17 -27.00 12.86
N2 NAG UA . 52.47 -27.37 10.50
O3 NAG UA . 52.53 -30.13 9.72
O4 NAG UA . 53.39 -30.63 7.02
O5 NAG UA . 52.06 -27.21 6.82
O6 NAG UA . 53.55 -29.08 4.22
O7 NAG UA . 50.56 -28.07 11.46
C1 NAG VA . 22.42 -12.45 -24.63
C2 NAG VA . 23.39 -13.17 -25.57
C3 NAG VA . 23.79 -14.52 -24.97
C4 NAG VA . 24.30 -14.33 -23.55
C5 NAG VA . 23.32 -13.53 -22.72
C6 NAG VA . 23.82 -13.21 -21.32
C7 NAG VA . 23.47 -13.16 -28.04
C8 NAG VA . 24.91 -12.72 -27.90
N2 NAG VA . 22.80 -13.35 -26.89
O3 NAG VA . 24.79 -15.13 -25.78
O4 NAG VA . 24.50 -15.61 -22.95
O5 NAG VA . 23.04 -12.28 -23.36
O6 NAG VA . 22.92 -13.66 -20.34
O7 NAG VA . 22.94 -13.31 -29.13
C1 NAG WA . 44.97 9.28 -5.55
C2 NAG WA . 46.44 9.17 -5.11
C3 NAG WA . 46.71 10.08 -3.91
C4 NAG WA . 46.27 11.50 -4.22
C5 NAG WA . 44.82 11.52 -4.68
C6 NAG WA . 44.36 12.90 -5.11
C7 NAG WA . 48.04 7.31 -4.95
C8 NAG WA . 48.24 5.87 -4.59
N2 NAG WA . 46.81 7.80 -4.80
O3 NAG WA . 48.09 10.06 -3.59
O4 NAG WA . 46.41 12.32 -3.06
O5 NAG WA . 44.65 10.65 -5.81
O6 NAG WA . 44.82 13.22 -6.40
O7 NAG WA . 48.96 8.01 -5.37
C1 NAG XA . -16.46 26.14 40.11
C2 NAG XA . -17.39 25.04 40.66
C3 NAG XA . -18.56 25.68 41.41
C4 NAG XA . -18.06 26.64 42.47
C5 NAG XA . -17.11 27.66 41.86
C6 NAG XA . -16.48 28.57 42.89
C7 NAG XA . -18.61 24.52 38.58
C8 NAG XA . -18.98 23.43 37.61
N2 NAG XA . -17.86 24.15 39.62
O3 NAG XA . -19.36 24.66 42.01
O4 NAG XA . -19.14 27.31 43.08
O5 NAG XA . -16.04 26.99 41.17
O6 NAG XA . -15.94 27.83 43.96
O7 NAG XA . -18.96 25.68 38.41
C1 NAG YA . 13.46 41.45 -28.48
C2 NAG YA . 14.18 42.72 -28.94
C3 NAG YA . 15.53 42.85 -28.25
C4 NAG YA . 15.39 42.73 -26.74
C5 NAG YA . 14.61 41.47 -26.38
C6 NAG YA . 14.31 41.38 -24.90
C7 NAG YA . 13.41 43.04 -31.26
C8 NAG YA . 13.79 42.98 -32.71
N2 NAG YA . 14.37 42.72 -30.39
O3 NAG YA . 16.11 44.11 -28.60
O4 NAG YA . 16.67 42.66 -26.15
O5 NAG YA . 13.34 41.46 -27.06
O6 NAG YA . 15.43 41.82 -24.13
O7 NAG YA . 12.28 43.34 -30.90
C1 NAG ZA . 12.42 21.17 -37.02
C2 NAG ZA . 13.61 22.12 -36.87
C3 NAG ZA . 14.07 22.63 -38.25
C4 NAG ZA . 14.32 21.46 -39.18
C5 NAG ZA . 13.09 20.58 -39.26
C6 NAG ZA . 13.29 19.34 -40.10
C7 NAG ZA . 14.02 23.58 -34.94
C8 NAG ZA . 15.22 22.74 -34.67
N2 NAG ZA . 13.28 23.24 -36.01
O3 NAG ZA . 15.26 23.39 -38.09
O4 NAG ZA . 14.62 21.95 -40.49
O5 NAG ZA . 12.74 20.12 -37.94
O6 NAG ZA . 13.13 19.63 -41.48
O7 NAG ZA . 13.72 24.53 -34.23
C1 NAG AB . 2.29 36.43 26.42
C2 NAG AB . 3.74 36.84 26.24
C3 NAG AB . 4.57 36.39 27.44
C4 NAG AB . 3.95 36.90 28.74
C5 NAG AB . 2.48 36.49 28.81
C6 NAG AB . 1.77 37.05 30.03
C7 NAG AB . 4.58 37.04 23.94
C8 NAG AB . 4.31 38.51 24.07
N2 NAG AB . 4.29 36.29 25.02
O3 NAG AB . 5.90 36.89 27.32
O4 NAG AB . 4.65 36.35 29.86
O5 NAG AB . 1.79 36.96 27.66
O6 NAG AB . 2.46 36.73 31.23
O7 NAG AB . 5.05 36.55 22.91
C1 NAG BB . -11.55 37.78 -25.21
C2 NAG BB . -12.72 38.73 -25.62
C3 NAG BB . -14.06 37.97 -25.67
C4 NAG BB . -13.96 36.75 -26.55
C5 NAG BB . -12.93 35.81 -25.93
C6 NAG BB . -12.75 34.54 -26.72
C7 NAG BB . -13.13 39.82 -23.45
C8 NAG BB . -13.16 41.14 -22.71
N2 NAG BB . -12.81 39.89 -24.75
O3 NAG BB . -15.11 38.82 -26.14
O4 NAG BB . -15.22 36.10 -26.61
O5 NAG BB . -11.67 36.48 -25.93
O6 NAG BB . -13.43 34.61 -27.97
O7 NAG BB . -13.36 38.75 -22.89
C1 NAG CB . 7.49 56.31 -0.70
C2 NAG CB . 7.14 56.62 -2.15
C3 NAG CB . 7.71 57.97 -2.56
C4 NAG CB . 7.26 59.05 -1.58
C5 NAG CB . 7.60 58.64 -0.15
C6 NAG CB . 7.07 59.61 0.88
C7 NAG CB . 6.82 54.68 -3.63
C8 NAG CB . 7.50 53.67 -4.51
N2 NAG CB . 7.63 55.57 -3.04
O3 NAG CB . 7.27 58.30 -3.87
O4 NAG CB . 7.91 60.29 -1.89
O5 NAG CB . 7.02 57.36 0.14
O6 NAG CB . 7.32 59.15 2.20
O7 NAG CB . 5.61 54.70 -3.47
C1 NAG DB . -14.04 39.55 2.79
C2 NAG DB . -14.79 38.23 3.04
C3 NAG DB . -16.27 38.50 3.25
C4 NAG DB . -16.49 39.52 4.36
C5 NAG DB . -15.71 40.79 4.04
C6 NAG DB . -15.79 41.83 5.13
C7 NAG DB . -14.31 36.00 2.12
C8 NAG DB . -14.21 35.54 3.55
N2 NAG DB . -14.58 37.30 1.95
O3 NAG DB . -16.94 37.28 3.58
O4 NAG DB . -17.87 39.83 4.48
O5 NAG DB . -14.32 40.49 3.87
O6 NAG DB . -16.22 41.24 6.37
O7 NAG DB . -14.14 35.24 1.18
C1 NAG EB . -2.39 58.42 6.43
C2 NAG EB . -2.62 58.59 7.93
C3 NAG EB . -2.04 59.92 8.40
C4 NAG EB . -0.58 60.04 7.99
C5 NAG EB . -0.43 59.80 6.49
C6 NAG EB . 1.02 59.78 6.05
C7 NAG EB . -4.50 58.16 9.45
C8 NAG EB . -5.99 58.13 9.61
N2 NAG EB . -4.04 58.50 8.25
O3 NAG EB . -2.16 60.01 9.82
O4 NAG EB . -0.09 61.34 8.32
O5 NAG EB . -0.99 58.54 6.14
O6 NAG EB . 1.86 59.20 7.02
O7 NAG EB . -3.74 57.90 10.39
C1 NAG FB . 20.81 25.04 -15.44
C2 NAG FB . 21.26 25.30 -14.01
C3 NAG FB . 21.40 26.80 -13.75
C4 NAG FB . 22.32 27.43 -14.80
C5 NAG FB . 21.83 27.10 -16.20
C6 NAG FB . 22.76 27.59 -17.28
C7 NAG FB . 20.66 24.48 -11.77
C8 NAG FB . 19.57 23.88 -10.92
N2 NAG FB . 20.33 24.72 -13.05
O3 NAG FB . 21.92 27.03 -12.45
O4 NAG FB . 22.34 28.84 -14.63
O5 NAG FB . 21.72 25.67 -16.37
O6 NAG FB . 23.18 26.53 -18.13
O7 NAG FB . 21.76 24.75 -11.31
#